data_3QZZ
# 
_entry.id   3QZZ 
# 
_audit_conform.dict_name       mmcif_pdbx.dic 
_audit_conform.dict_version    5.387 
_audit_conform.dict_location   http://mmcif.pdb.org/dictionaries/ascii/mmcif_pdbx.dic 
# 
loop_
_database_2.database_id 
_database_2.database_code 
_database_2.pdbx_database_accession 
_database_2.pdbx_DOI 
PDB   3QZZ         pdb_00003qzz 10.2210/pdb3qzz/pdb 
RCSB  RCSB064316   ?            ?                   
WWPDB D_1000064316 ?            ?                   
# 
loop_
_pdbx_audit_revision_history.ordinal 
_pdbx_audit_revision_history.data_content_type 
_pdbx_audit_revision_history.major_revision 
_pdbx_audit_revision_history.minor_revision 
_pdbx_audit_revision_history.revision_date 
1 'Structure model' 1 0 2011-06-08 
2 'Structure model' 1 1 2011-07-13 
3 'Structure model' 1 2 2018-01-24 
4 'Structure model' 1 3 2024-02-21 
# 
_pdbx_audit_revision_details.ordinal             1 
_pdbx_audit_revision_details.revision_ordinal    1 
_pdbx_audit_revision_details.data_content_type   'Structure model' 
_pdbx_audit_revision_details.provider            repository 
_pdbx_audit_revision_details.type                'Initial release' 
_pdbx_audit_revision_details.description         ? 
_pdbx_audit_revision_details.details             ? 
# 
loop_
_pdbx_audit_revision_group.ordinal 
_pdbx_audit_revision_group.revision_ordinal 
_pdbx_audit_revision_group.data_content_type 
_pdbx_audit_revision_group.group 
1 2 'Structure model' 'Version format compliance' 
2 3 'Structure model' 'Database references'       
3 4 'Structure model' 'Data collection'           
4 4 'Structure model' 'Database references'       
5 4 'Structure model' 'Derived calculations'      
# 
loop_
_pdbx_audit_revision_category.ordinal 
_pdbx_audit_revision_category.revision_ordinal 
_pdbx_audit_revision_category.data_content_type 
_pdbx_audit_revision_category.category 
1 3 'Structure model' citation           
2 4 'Structure model' chem_comp_atom     
3 4 'Structure model' chem_comp_bond     
4 4 'Structure model' database_2         
5 4 'Structure model' struct_conn        
6 4 'Structure model' struct_ref_seq_dif 
7 4 'Structure model' struct_site        
# 
loop_
_pdbx_audit_revision_item.ordinal 
_pdbx_audit_revision_item.revision_ordinal 
_pdbx_audit_revision_item.data_content_type 
_pdbx_audit_revision_item.item 
1  3 'Structure model' '_citation.pdbx_database_id_DOI'      
2  3 'Structure model' '_citation.pdbx_database_id_PubMed'   
3  4 'Structure model' '_database_2.pdbx_DOI'                
4  4 'Structure model' '_database_2.pdbx_database_accession' 
5  4 'Structure model' '_struct_conn.ptnr1_auth_comp_id'     
6  4 'Structure model' '_struct_conn.ptnr1_auth_seq_id'      
7  4 'Structure model' '_struct_conn.ptnr1_label_asym_id'    
8  4 'Structure model' '_struct_conn.ptnr1_label_atom_id'    
9  4 'Structure model' '_struct_conn.ptnr1_label_comp_id'    
10 4 'Structure model' '_struct_conn.ptnr2_auth_comp_id'     
11 4 'Structure model' '_struct_conn.ptnr2_auth_seq_id'      
12 4 'Structure model' '_struct_conn.ptnr2_label_asym_id'    
13 4 'Structure model' '_struct_conn.ptnr2_label_atom_id'    
14 4 'Structure model' '_struct_conn.ptnr2_label_comp_id'    
15 4 'Structure model' '_struct_ref_seq_dif.details'         
16 4 'Structure model' '_struct_site.pdbx_auth_asym_id'      
17 4 'Structure model' '_struct_site.pdbx_auth_comp_id'      
18 4 'Structure model' '_struct_site.pdbx_auth_seq_id'       
# 
_pdbx_database_status.status_code                     REL 
_pdbx_database_status.entry_id                        3QZZ 
_pdbx_database_status.recvd_initial_deposition_date   2011-03-07 
_pdbx_database_status.deposit_site                    RCSB 
_pdbx_database_status.process_site                    RCSB 
_pdbx_database_status.status_code_sf                  REL 
_pdbx_database_status.status_code_mr                  ? 
_pdbx_database_status.SG_entry                        ? 
_pdbx_database_status.status_code_cs                  ? 
_pdbx_database_status.pdb_format_compatible           Y 
_pdbx_database_status.methods_development_category    ? 
_pdbx_database_status.status_code_nmr_data            ? 
# 
loop_
_pdbx_database_related.db_name 
_pdbx_database_related.db_id 
_pdbx_database_related.details 
_pdbx_database_related.content_type 
PDB 2VEB 'HIGH RESOLUTION STRUCTURE OF PROTOGLOBIN FROM METHANOSARCINA ACETIVORANS C2A'               unspecified 
PDB 2VEE 'STRUCTURE OF FERRIC PROTOGLOBIN FROM METHANOSARCINA ACETIVORANS C2A'                        unspecified 
PDB 3QZX 'STRUCTURE OF FERRIC METHANOSARCINA ACETIVORANS PROTOGLOBIN Y61A MUTANT WITH UNKNOWN LIGAND' unspecified 
PDB 3R0G 'STRUCTURE OF FERRIC METHANOSARCINA ACETIVORANS PROTOGLOBIN I149F MUTANT IN AQUOMET FORM'    unspecified 
# 
loop_
_audit_author.name 
_audit_author.pdbx_ordinal 
_audit_author.identifier_ORCID 
'Pesce, A.'     1  ? 
'Tilleman, L.'  2  ? 
'Dewilde, S.'   3  ? 
'Ascenzi, P.'   4  ? 
'Coletta, M.'   5  ? 
'Ciaccio, C.'   6  ? 
'Bruno, S.'     7  ? 
'Moens, L.'     8  ? 
'Bolognesi, M.' 9  ? 
'Nardini, M.'   10 ? 
# 
loop_
_citation.id 
_citation.title 
_citation.journal_abbrev 
_citation.journal_volume 
_citation.page_first 
_citation.page_last 
_citation.year 
_citation.journal_id_ASTM 
_citation.country 
_citation.journal_id_ISSN 
_citation.journal_id_CSD 
_citation.book_publisher 
_citation.pdbx_database_id_PubMed 
_citation.pdbx_database_id_DOI 
primary 'Structural heterogeneity and ligand gating in ferric methanosarcina acetivorans protoglobin mutants.'  'Iubmb Life' 63 
287 294 2011 ? UK 1521-6543 ? ? 21618401 10.1002/iub.484          
1       'Archaeal protoglobin structure indicates new ligand diffusion paths and modulation of haem-reactivity' 'Embo Rep.'  9  
157 ?   2008 ? UK 1469-221X ? ? 18188182 10.1038/sj.embor.7401153 
# 
loop_
_citation_author.citation_id 
_citation_author.name 
_citation_author.ordinal 
_citation_author.identifier_ORCID 
primary 'Pesce, A.'     1  ? 
primary 'Tilleman, L.'  2  ? 
primary 'Dewilde, S.'   3  ? 
primary 'Ascenzi, P.'   4  ? 
primary 'Coletta, M.'   5  ? 
primary 'Ciaccio, C.'   6  ? 
primary 'Bruno, S.'     7  ? 
primary 'Moens, L.'     8  ? 
primary 'Bolognesi, M.' 9  ? 
primary 'Nardini, M.'   10 ? 
1       'Nardini, M.'   11 ? 
1       'Pesce, A.'     12 ? 
1       'Thijs, L.'     13 ? 
1       'Saito, J.A.'   14 ? 
1       'Dewilde, S.'   15 ? 
1       'Alam, M.'      16 ? 
1       'Ascenzi, P.'   17 ? 
1       'Coletta, M.'   18 ? 
1       'Ciaccio, C.'   19 ? 
1       'Moens, L.'     20 ? 
1       'Bolognesi, M.' 21 ? 
# 
loop_
_entity.id 
_entity.type 
_entity.src_method 
_entity.pdbx_description 
_entity.formula_weight 
_entity.pdbx_number_of_molecules 
_entity.pdbx_ec 
_entity.pdbx_mutation 
_entity.pdbx_fragment 
_entity.details 
1 polymer     man 'Methanosarcina acetivorans protoglobin' 23033.898 1  ? 'C101S, Y61W' ? ? 
2 non-polymer syn 'PROTOPORPHYRIN IX CONTAINING FE'        616.487   1  ? ?             ? ? 
3 water       nat water                                    18.015    36 ? ?             ? ? 
# 
_entity_poly.entity_id                      1 
_entity_poly.type                           'polypeptide(L)' 
_entity_poly.nstd_linkage                   no 
_entity_poly.nstd_monomer                   no 
_entity_poly.pdbx_seq_one_letter_code       
;MSVEKIPGYTYGETENRAPFNLEDLKLLKEAVMFTAEDEEYIQKAGEVLEDQVEEILDTWWGFVGSHPHLLYYFTSPDGT
PNEKYLAAVRKRFSRWILDTSNRSYDQAWLDYQYEIGLRHHRTKKNQTDNVESVPNIGYRYLVAFIYPITATMKPFLARK
GHTPEEVEKMYQAWFKATTLQVALWSYPYVKYGDF
;
_entity_poly.pdbx_seq_one_letter_code_can   
;MSVEKIPGYTYGETENRAPFNLEDLKLLKEAVMFTAEDEEYIQKAGEVLEDQVEEILDTWWGFVGSHPHLLYYFTSPDGT
PNEKYLAAVRKRFSRWILDTSNRSYDQAWLDYQYEIGLRHHRTKKNQTDNVESVPNIGYRYLVAFIYPITATMKPFLARK
GHTPEEVEKMYQAWFKATTLQVALWSYPYVKYGDF
;
_entity_poly.pdbx_strand_id                 A 
_entity_poly.pdbx_target_identifier         ? 
# 
loop_
_pdbx_entity_nonpoly.entity_id 
_pdbx_entity_nonpoly.name 
_pdbx_entity_nonpoly.comp_id 
2 'PROTOPORPHYRIN IX CONTAINING FE' HEM 
3 water                             HOH 
# 
loop_
_entity_poly_seq.entity_id 
_entity_poly_seq.num 
_entity_poly_seq.mon_id 
_entity_poly_seq.hetero 
1 1   MET n 
1 2   SER n 
1 3   VAL n 
1 4   GLU n 
1 5   LYS n 
1 6   ILE n 
1 7   PRO n 
1 8   GLY n 
1 9   TYR n 
1 10  THR n 
1 11  TYR n 
1 12  GLY n 
1 13  GLU n 
1 14  THR n 
1 15  GLU n 
1 16  ASN n 
1 17  ARG n 
1 18  ALA n 
1 19  PRO n 
1 20  PHE n 
1 21  ASN n 
1 22  LEU n 
1 23  GLU n 
1 24  ASP n 
1 25  LEU n 
1 26  LYS n 
1 27  LEU n 
1 28  LEU n 
1 29  LYS n 
1 30  GLU n 
1 31  ALA n 
1 32  VAL n 
1 33  MET n 
1 34  PHE n 
1 35  THR n 
1 36  ALA n 
1 37  GLU n 
1 38  ASP n 
1 39  GLU n 
1 40  GLU n 
1 41  TYR n 
1 42  ILE n 
1 43  GLN n 
1 44  LYS n 
1 45  ALA n 
1 46  GLY n 
1 47  GLU n 
1 48  VAL n 
1 49  LEU n 
1 50  GLU n 
1 51  ASP n 
1 52  GLN n 
1 53  VAL n 
1 54  GLU n 
1 55  GLU n 
1 56  ILE n 
1 57  LEU n 
1 58  ASP n 
1 59  THR n 
1 60  TRP n 
1 61  TRP n 
1 62  GLY n 
1 63  PHE n 
1 64  VAL n 
1 65  GLY n 
1 66  SER n 
1 67  HIS n 
1 68  PRO n 
1 69  HIS n 
1 70  LEU n 
1 71  LEU n 
1 72  TYR n 
1 73  TYR n 
1 74  PHE n 
1 75  THR n 
1 76  SER n 
1 77  PRO n 
1 78  ASP n 
1 79  GLY n 
1 80  THR n 
1 81  PRO n 
1 82  ASN n 
1 83  GLU n 
1 84  LYS n 
1 85  TYR n 
1 86  LEU n 
1 87  ALA n 
1 88  ALA n 
1 89  VAL n 
1 90  ARG n 
1 91  LYS n 
1 92  ARG n 
1 93  PHE n 
1 94  SER n 
1 95  ARG n 
1 96  TRP n 
1 97  ILE n 
1 98  LEU n 
1 99  ASP n 
1 100 THR n 
1 101 SER n 
1 102 ASN n 
1 103 ARG n 
1 104 SER n 
1 105 TYR n 
1 106 ASP n 
1 107 GLN n 
1 108 ALA n 
1 109 TRP n 
1 110 LEU n 
1 111 ASP n 
1 112 TYR n 
1 113 GLN n 
1 114 TYR n 
1 115 GLU n 
1 116 ILE n 
1 117 GLY n 
1 118 LEU n 
1 119 ARG n 
1 120 HIS n 
1 121 HIS n 
1 122 ARG n 
1 123 THR n 
1 124 LYS n 
1 125 LYS n 
1 126 ASN n 
1 127 GLN n 
1 128 THR n 
1 129 ASP n 
1 130 ASN n 
1 131 VAL n 
1 132 GLU n 
1 133 SER n 
1 134 VAL n 
1 135 PRO n 
1 136 ASN n 
1 137 ILE n 
1 138 GLY n 
1 139 TYR n 
1 140 ARG n 
1 141 TYR n 
1 142 LEU n 
1 143 VAL n 
1 144 ALA n 
1 145 PHE n 
1 146 ILE n 
1 147 TYR n 
1 148 PRO n 
1 149 ILE n 
1 150 THR n 
1 151 ALA n 
1 152 THR n 
1 153 MET n 
1 154 LYS n 
1 155 PRO n 
1 156 PHE n 
1 157 LEU n 
1 158 ALA n 
1 159 ARG n 
1 160 LYS n 
1 161 GLY n 
1 162 HIS n 
1 163 THR n 
1 164 PRO n 
1 165 GLU n 
1 166 GLU n 
1 167 VAL n 
1 168 GLU n 
1 169 LYS n 
1 170 MET n 
1 171 TYR n 
1 172 GLN n 
1 173 ALA n 
1 174 TRP n 
1 175 PHE n 
1 176 LYS n 
1 177 ALA n 
1 178 THR n 
1 179 THR n 
1 180 LEU n 
1 181 GLN n 
1 182 VAL n 
1 183 ALA n 
1 184 LEU n 
1 185 TRP n 
1 186 SER n 
1 187 TYR n 
1 188 PRO n 
1 189 TYR n 
1 190 VAL n 
1 191 LYS n 
1 192 TYR n 
1 193 GLY n 
1 194 ASP n 
1 195 PHE n 
# 
_entity_src_gen.entity_id                          1 
_entity_src_gen.pdbx_src_id                        1 
_entity_src_gen.pdbx_alt_source_flag               sample 
_entity_src_gen.pdbx_seq_type                      ? 
_entity_src_gen.pdbx_beg_seq_num                   ? 
_entity_src_gen.pdbx_end_seq_num                   ? 
_entity_src_gen.gene_src_common_name               ? 
_entity_src_gen.gene_src_genus                     ? 
_entity_src_gen.pdbx_gene_src_gene                 MA_2883 
_entity_src_gen.gene_src_species                   ? 
_entity_src_gen.gene_src_strain                    ? 
_entity_src_gen.gene_src_tissue                    ? 
_entity_src_gen.gene_src_tissue_fraction           ? 
_entity_src_gen.gene_src_details                   ? 
_entity_src_gen.pdbx_gene_src_fragment             ? 
_entity_src_gen.pdbx_gene_src_scientific_name      'Methanosarcina acetivorans' 
_entity_src_gen.pdbx_gene_src_ncbi_taxonomy_id     2214 
_entity_src_gen.pdbx_gene_src_variant              ? 
_entity_src_gen.pdbx_gene_src_cell_line            ? 
_entity_src_gen.pdbx_gene_src_atcc                 ? 
_entity_src_gen.pdbx_gene_src_organ                ? 
_entity_src_gen.pdbx_gene_src_organelle            ? 
_entity_src_gen.pdbx_gene_src_cell                 ? 
_entity_src_gen.pdbx_gene_src_cellular_location    ? 
_entity_src_gen.host_org_common_name               ? 
_entity_src_gen.pdbx_host_org_scientific_name      'Escherichia coli' 
_entity_src_gen.pdbx_host_org_ncbi_taxonomy_id     562 
_entity_src_gen.host_org_genus                     ? 
_entity_src_gen.pdbx_host_org_gene                 ? 
_entity_src_gen.pdbx_host_org_organ                ? 
_entity_src_gen.host_org_species                   ? 
_entity_src_gen.pdbx_host_org_tissue               ? 
_entity_src_gen.pdbx_host_org_tissue_fraction      ? 
_entity_src_gen.pdbx_host_org_strain               ? 
_entity_src_gen.pdbx_host_org_variant              ? 
_entity_src_gen.pdbx_host_org_cell_line            ? 
_entity_src_gen.pdbx_host_org_atcc                 ? 
_entity_src_gen.pdbx_host_org_culture_collection   ? 
_entity_src_gen.pdbx_host_org_cell                 ? 
_entity_src_gen.pdbx_host_org_organelle            ? 
_entity_src_gen.pdbx_host_org_cellular_location    ? 
_entity_src_gen.pdbx_host_org_vector_type          ? 
_entity_src_gen.pdbx_host_org_vector               ? 
_entity_src_gen.host_org_details                   ? 
_entity_src_gen.expression_system_id               ? 
_entity_src_gen.plasmid_name                       ? 
_entity_src_gen.plasmid_details                    ? 
_entity_src_gen.pdbx_description                   ? 
# 
loop_
_chem_comp.id 
_chem_comp.type 
_chem_comp.mon_nstd_flag 
_chem_comp.name 
_chem_comp.pdbx_synonyms 
_chem_comp.formula 
_chem_comp.formula_weight 
ALA 'L-peptide linking' y ALANINE                           ?    'C3 H7 N O2'       89.093  
ARG 'L-peptide linking' y ARGININE                          ?    'C6 H15 N4 O2 1'   175.209 
ASN 'L-peptide linking' y ASPARAGINE                        ?    'C4 H8 N2 O3'      132.118 
ASP 'L-peptide linking' y 'ASPARTIC ACID'                   ?    'C4 H7 N O4'       133.103 
CYS 'L-peptide linking' y CYSTEINE                          ?    'C3 H7 N O2 S'     121.158 
GLN 'L-peptide linking' y GLUTAMINE                         ?    'C5 H10 N2 O3'     146.144 
GLU 'L-peptide linking' y 'GLUTAMIC ACID'                   ?    'C5 H9 N O4'       147.129 
GLY 'peptide linking'   y GLYCINE                           ?    'C2 H5 N O2'       75.067  
HEM non-polymer         . 'PROTOPORPHYRIN IX CONTAINING FE' HEME 'C34 H32 Fe N4 O4' 616.487 
HIS 'L-peptide linking' y HISTIDINE                         ?    'C6 H10 N3 O2 1'   156.162 
HOH non-polymer         . WATER                             ?    'H2 O'             18.015  
ILE 'L-peptide linking' y ISOLEUCINE                        ?    'C6 H13 N O2'      131.173 
LEU 'L-peptide linking' y LEUCINE                           ?    'C6 H13 N O2'      131.173 
LYS 'L-peptide linking' y LYSINE                            ?    'C6 H15 N2 O2 1'   147.195 
MET 'L-peptide linking' y METHIONINE                        ?    'C5 H11 N O2 S'    149.211 
PHE 'L-peptide linking' y PHENYLALANINE                     ?    'C9 H11 N O2'      165.189 
PRO 'L-peptide linking' y PROLINE                           ?    'C5 H9 N O2'       115.130 
SER 'L-peptide linking' y SERINE                            ?    'C3 H7 N O3'       105.093 
THR 'L-peptide linking' y THREONINE                         ?    'C4 H9 N O3'       119.119 
TRP 'L-peptide linking' y TRYPTOPHAN                        ?    'C11 H12 N2 O2'    204.225 
TYR 'L-peptide linking' y TYROSINE                          ?    'C9 H11 N O3'      181.189 
VAL 'L-peptide linking' y VALINE                            ?    'C5 H11 N O2'      117.146 
# 
loop_
_pdbx_poly_seq_scheme.asym_id 
_pdbx_poly_seq_scheme.entity_id 
_pdbx_poly_seq_scheme.seq_id 
_pdbx_poly_seq_scheme.mon_id 
_pdbx_poly_seq_scheme.ndb_seq_num 
_pdbx_poly_seq_scheme.pdb_seq_num 
_pdbx_poly_seq_scheme.auth_seq_num 
_pdbx_poly_seq_scheme.pdb_mon_id 
_pdbx_poly_seq_scheme.auth_mon_id 
_pdbx_poly_seq_scheme.pdb_strand_id 
_pdbx_poly_seq_scheme.pdb_ins_code 
_pdbx_poly_seq_scheme.hetero 
A 1 1   MET 1   1   ?   ?   ?   A . n 
A 1 2   SER 2   2   ?   ?   ?   A . n 
A 1 3   VAL 3   3   ?   ?   ?   A . n 
A 1 4   GLU 4   4   ?   ?   ?   A . n 
A 1 5   LYS 5   5   ?   ?   ?   A . n 
A 1 6   ILE 6   6   6   ILE ILE A . n 
A 1 7   PRO 7   7   7   PRO PRO A . n 
A 1 8   GLY 8   8   8   GLY GLY A . n 
A 1 9   TYR 9   9   9   TYR TYR A . n 
A 1 10  THR 10  10  10  THR THR A . n 
A 1 11  TYR 11  11  11  TYR TYR A . n 
A 1 12  GLY 12  12  12  GLY GLY A . n 
A 1 13  GLU 13  13  13  GLU GLU A . n 
A 1 14  THR 14  14  14  THR THR A . n 
A 1 15  GLU 15  15  15  GLU GLU A . n 
A 1 16  ASN 16  16  16  ASN ASN A . n 
A 1 17  ARG 17  17  17  ARG ARG A . n 
A 1 18  ALA 18  18  18  ALA ALA A . n 
A 1 19  PRO 19  19  19  PRO PRO A . n 
A 1 20  PHE 20  20  20  PHE PHE A . n 
A 1 21  ASN 21  21  21  ASN ASN A . n 
A 1 22  LEU 22  22  22  LEU LEU A . n 
A 1 23  GLU 23  23  23  GLU GLU A . n 
A 1 24  ASP 24  24  24  ASP ASP A . n 
A 1 25  LEU 25  25  25  LEU LEU A . n 
A 1 26  LYS 26  26  26  LYS LYS A . n 
A 1 27  LEU 27  27  27  LEU LEU A . n 
A 1 28  LEU 28  28  28  LEU LEU A . n 
A 1 29  LYS 29  29  29  LYS LYS A . n 
A 1 30  GLU 30  30  30  GLU GLU A . n 
A 1 31  ALA 31  31  31  ALA ALA A . n 
A 1 32  VAL 32  32  32  VAL VAL A . n 
A 1 33  MET 33  33  33  MET MET A . n 
A 1 34  PHE 34  34  34  PHE PHE A . n 
A 1 35  THR 35  35  35  THR THR A . n 
A 1 36  ALA 36  36  36  ALA ALA A . n 
A 1 37  GLU 37  37  37  GLU GLU A . n 
A 1 38  ASP 38  38  38  ASP ASP A . n 
A 1 39  GLU 39  39  39  GLU GLU A . n 
A 1 40  GLU 40  40  40  GLU GLU A . n 
A 1 41  TYR 41  41  41  TYR TYR A . n 
A 1 42  ILE 42  42  42  ILE ILE A . n 
A 1 43  GLN 43  43  43  GLN GLN A . n 
A 1 44  LYS 44  44  44  LYS LYS A . n 
A 1 45  ALA 45  45  45  ALA ALA A . n 
A 1 46  GLY 46  46  46  GLY GLY A . n 
A 1 47  GLU 47  47  47  GLU GLU A . n 
A 1 48  VAL 48  48  48  VAL VAL A . n 
A 1 49  LEU 49  49  49  LEU LEU A . n 
A 1 50  GLU 50  50  50  GLU GLU A . n 
A 1 51  ASP 51  51  51  ASP ASP A . n 
A 1 52  GLN 52  52  52  GLN GLN A . n 
A 1 53  VAL 53  53  53  VAL VAL A . n 
A 1 54  GLU 54  54  54  GLU GLU A . n 
A 1 55  GLU 55  55  55  GLU GLU A . n 
A 1 56  ILE 56  56  56  ILE ILE A . n 
A 1 57  LEU 57  57  57  LEU LEU A . n 
A 1 58  ASP 58  58  58  ASP ASP A . n 
A 1 59  THR 59  59  59  THR THR A . n 
A 1 60  TRP 60  60  60  TRP TRP A . n 
A 1 61  TRP 61  61  61  TRP TRP A . n 
A 1 62  GLY 62  62  62  GLY GLY A . n 
A 1 63  PHE 63  63  63  PHE PHE A . n 
A 1 64  VAL 64  64  64  VAL VAL A . n 
A 1 65  GLY 65  65  65  GLY GLY A . n 
A 1 66  SER 66  66  66  SER SER A . n 
A 1 67  HIS 67  67  67  HIS HIS A . n 
A 1 68  PRO 68  68  68  PRO PRO A . n 
A 1 69  HIS 69  69  69  HIS HIS A . n 
A 1 70  LEU 70  70  70  LEU LEU A . n 
A 1 71  LEU 71  71  71  LEU LEU A . n 
A 1 72  TYR 72  72  72  TYR TYR A . n 
A 1 73  TYR 73  73  73  TYR TYR A . n 
A 1 74  PHE 74  74  74  PHE PHE A . n 
A 1 75  THR 75  75  75  THR THR A . n 
A 1 76  SER 76  76  76  SER SER A . n 
A 1 77  PRO 77  77  77  PRO PRO A . n 
A 1 78  ASP 78  78  78  ASP ASP A . n 
A 1 79  GLY 79  79  79  GLY GLY A . n 
A 1 80  THR 80  80  80  THR THR A . n 
A 1 81  PRO 81  81  81  PRO PRO A . n 
A 1 82  ASN 82  82  82  ASN ASN A . n 
A 1 83  GLU 83  83  83  GLU GLU A . n 
A 1 84  LYS 84  84  84  LYS LYS A . n 
A 1 85  TYR 85  85  85  TYR TYR A . n 
A 1 86  LEU 86  86  86  LEU LEU A . n 
A 1 87  ALA 87  87  87  ALA ALA A . n 
A 1 88  ALA 88  88  88  ALA ALA A . n 
A 1 89  VAL 89  89  89  VAL VAL A . n 
A 1 90  ARG 90  90  90  ARG ARG A . n 
A 1 91  LYS 91  91  91  LYS LYS A . n 
A 1 92  ARG 92  92  92  ARG ARG A . n 
A 1 93  PHE 93  93  93  PHE PHE A . n 
A 1 94  SER 94  94  94  SER SER A . n 
A 1 95  ARG 95  95  95  ARG ARG A . n 
A 1 96  TRP 96  96  96  TRP TRP A . n 
A 1 97  ILE 97  97  97  ILE ILE A . n 
A 1 98  LEU 98  98  98  LEU LEU A . n 
A 1 99  ASP 99  99  99  ASP ASP A . n 
A 1 100 THR 100 100 100 THR THR A . n 
A 1 101 SER 101 101 101 SER SER A . n 
A 1 102 ASN 102 102 102 ASN ASN A . n 
A 1 103 ARG 103 103 103 ARG ARG A . n 
A 1 104 SER 104 104 104 SER SER A . n 
A 1 105 TYR 105 105 105 TYR TYR A . n 
A 1 106 ASP 106 106 106 ASP ASP A . n 
A 1 107 GLN 107 107 107 GLN GLN A . n 
A 1 108 ALA 108 108 108 ALA ALA A . n 
A 1 109 TRP 109 109 109 TRP TRP A . n 
A 1 110 LEU 110 110 110 LEU LEU A . n 
A 1 111 ASP 111 111 111 ASP ASP A . n 
A 1 112 TYR 112 112 112 TYR TYR A . n 
A 1 113 GLN 113 113 113 GLN GLN A . n 
A 1 114 TYR 114 114 114 TYR TYR A . n 
A 1 115 GLU 115 115 115 GLU GLU A . n 
A 1 116 ILE 116 116 116 ILE ILE A . n 
A 1 117 GLY 117 117 117 GLY GLY A . n 
A 1 118 LEU 118 118 118 LEU LEU A . n 
A 1 119 ARG 119 119 119 ARG ARG A . n 
A 1 120 HIS 120 120 120 HIS HIS A . n 
A 1 121 HIS 121 121 121 HIS HIS A . n 
A 1 122 ARG 122 122 122 ARG ARG A . n 
A 1 123 THR 123 123 123 THR THR A . n 
A 1 124 LYS 124 124 124 LYS LYS A . n 
A 1 125 LYS 125 125 125 LYS LYS A . n 
A 1 126 ASN 126 126 126 ASN ASN A . n 
A 1 127 GLN 127 127 127 GLN GLN A . n 
A 1 128 THR 128 128 128 THR THR A . n 
A 1 129 ASP 129 129 129 ASP ASP A . n 
A 1 130 ASN 130 130 130 ASN ASN A . n 
A 1 131 VAL 131 131 131 VAL VAL A . n 
A 1 132 GLU 132 132 132 GLU GLU A . n 
A 1 133 SER 133 133 133 SER SER A . n 
A 1 134 VAL 134 134 134 VAL VAL A . n 
A 1 135 PRO 135 135 135 PRO PRO A . n 
A 1 136 ASN 136 136 136 ASN ASN A . n 
A 1 137 ILE 137 137 137 ILE ILE A . n 
A 1 138 GLY 138 138 138 GLY GLY A . n 
A 1 139 TYR 139 139 139 TYR TYR A . n 
A 1 140 ARG 140 140 140 ARG ARG A . n 
A 1 141 TYR 141 141 141 TYR TYR A . n 
A 1 142 LEU 142 142 142 LEU LEU A . n 
A 1 143 VAL 143 143 143 VAL VAL A . n 
A 1 144 ALA 144 144 144 ALA ALA A . n 
A 1 145 PHE 145 145 145 PHE PHE A . n 
A 1 146 ILE 146 146 146 ILE ILE A . n 
A 1 147 TYR 147 147 147 TYR TYR A . n 
A 1 148 PRO 148 148 148 PRO PRO A . n 
A 1 149 ILE 149 149 149 ILE ILE A . n 
A 1 150 THR 150 150 150 THR THR A . n 
A 1 151 ALA 151 151 151 ALA ALA A . n 
A 1 152 THR 152 152 152 THR THR A . n 
A 1 153 MET 153 153 153 MET MET A . n 
A 1 154 LYS 154 154 154 LYS LYS A . n 
A 1 155 PRO 155 155 155 PRO PRO A . n 
A 1 156 PHE 156 156 156 PHE PHE A . n 
A 1 157 LEU 157 157 157 LEU LEU A . n 
A 1 158 ALA 158 158 158 ALA ALA A . n 
A 1 159 ARG 159 159 159 ARG ARG A . n 
A 1 160 LYS 160 160 160 LYS LYS A . n 
A 1 161 GLY 161 161 161 GLY GLY A . n 
A 1 162 HIS 162 162 162 HIS HIS A . n 
A 1 163 THR 163 163 163 THR THR A . n 
A 1 164 PRO 164 164 164 PRO PRO A . n 
A 1 165 GLU 165 165 165 GLU GLU A . n 
A 1 166 GLU 166 166 166 GLU GLU A . n 
A 1 167 VAL 167 167 167 VAL VAL A . n 
A 1 168 GLU 168 168 168 GLU GLU A . n 
A 1 169 LYS 169 169 169 LYS LYS A . n 
A 1 170 MET 170 170 170 MET MET A . n 
A 1 171 TYR 171 171 171 TYR TYR A . n 
A 1 172 GLN 172 172 172 GLN GLN A . n 
A 1 173 ALA 173 173 173 ALA ALA A . n 
A 1 174 TRP 174 174 174 TRP TRP A . n 
A 1 175 PHE 175 175 175 PHE PHE A . n 
A 1 176 LYS 176 176 176 LYS LYS A . n 
A 1 177 ALA 177 177 177 ALA ALA A . n 
A 1 178 THR 178 178 178 THR THR A . n 
A 1 179 THR 179 179 179 THR THR A . n 
A 1 180 LEU 180 180 180 LEU LEU A . n 
A 1 181 GLN 181 181 181 GLN GLN A . n 
A 1 182 VAL 182 182 182 VAL VAL A . n 
A 1 183 ALA 183 183 183 ALA ALA A . n 
A 1 184 LEU 184 184 184 LEU LEU A . n 
A 1 185 TRP 185 185 185 TRP TRP A . n 
A 1 186 SER 186 186 186 SER SER A . n 
A 1 187 TYR 187 187 187 TYR TYR A . n 
A 1 188 PRO 188 188 188 PRO PRO A . n 
A 1 189 TYR 189 189 189 TYR TYR A . n 
A 1 190 VAL 190 190 190 VAL VAL A . n 
A 1 191 LYS 191 191 191 LYS LYS A . n 
A 1 192 TYR 192 192 192 TYR TYR A . n 
A 1 193 GLY 193 193 193 GLY GLY A . n 
A 1 194 ASP 194 194 194 ASP ASP A . n 
A 1 195 PHE 195 195 195 PHE PHE A . n 
# 
loop_
_pdbx_nonpoly_scheme.asym_id 
_pdbx_nonpoly_scheme.entity_id 
_pdbx_nonpoly_scheme.mon_id 
_pdbx_nonpoly_scheme.ndb_seq_num 
_pdbx_nonpoly_scheme.pdb_seq_num 
_pdbx_nonpoly_scheme.auth_seq_num 
_pdbx_nonpoly_scheme.pdb_mon_id 
_pdbx_nonpoly_scheme.auth_mon_id 
_pdbx_nonpoly_scheme.pdb_strand_id 
_pdbx_nonpoly_scheme.pdb_ins_code 
B 2 HEM 1  200 200 HEM HEM A . 
C 3 HOH 1  196 1   HOH HOH A . 
C 3 HOH 2  197 2   HOH HOH A . 
C 3 HOH 3  198 3   HOH HOH A . 
C 3 HOH 4  199 4   HOH HOH A . 
C 3 HOH 5  201 5   HOH HOH A . 
C 3 HOH 6  202 6   HOH HOH A . 
C 3 HOH 7  203 7   HOH HOH A . 
C 3 HOH 8  204 8   HOH HOH A . 
C 3 HOH 9  205 9   HOH HOH A . 
C 3 HOH 10 206 10  HOH HOH A . 
C 3 HOH 11 207 11  HOH HOH A . 
C 3 HOH 12 208 12  HOH HOH A . 
C 3 HOH 13 209 13  HOH HOH A . 
C 3 HOH 14 210 14  HOH HOH A . 
C 3 HOH 15 211 15  HOH HOH A . 
C 3 HOH 16 212 16  HOH HOH A . 
C 3 HOH 17 213 17  HOH HOH A . 
C 3 HOH 18 214 18  HOH HOH A . 
C 3 HOH 19 215 19  HOH HOH A . 
C 3 HOH 20 216 20  HOH HOH A . 
C 3 HOH 21 217 21  HOH HOH A . 
C 3 HOH 22 218 22  HOH HOH A . 
C 3 HOH 23 219 23  HOH HOH A . 
C 3 HOH 24 220 24  HOH HOH A . 
C 3 HOH 25 221 25  HOH HOH A . 
C 3 HOH 26 222 26  HOH HOH A . 
C 3 HOH 27 223 27  HOH HOH A . 
C 3 HOH 28 224 28  HOH HOH A . 
C 3 HOH 29 225 29  HOH HOH A . 
C 3 HOH 30 226 30  HOH HOH A . 
C 3 HOH 31 227 31  HOH HOH A . 
C 3 HOH 32 228 32  HOH HOH A . 
C 3 HOH 33 229 33  HOH HOH A . 
C 3 HOH 34 230 34  HOH HOH A . 
C 3 HOH 35 231 35  HOH HOH A . 
C 3 HOH 36 232 36  HOH HOH A . 
# 
loop_
_software.name 
_software.classification 
_software.version 
_software.citation_id 
_software.pdbx_ordinal 
ADSC   'data collection' Quantum  ? 1 
PHASER phasing           .        ? 2 
REFMAC refinement        5.5.0072 ? 3 
MOSFLM 'data reduction'  .        ? 4 
SCALA  'data scaling'    .        ? 5 
# 
_cell.entry_id           3QZZ 
_cell.length_a           81.296 
_cell.length_b           48.730 
_cell.length_c           50.925 
_cell.angle_alpha        90.00 
_cell.angle_beta         101.10 
_cell.angle_gamma        90.00 
_cell.Z_PDB              4 
_cell.pdbx_unique_axis   ? 
_cell.length_a_esd       ? 
_cell.length_b_esd       ? 
_cell.length_c_esd       ? 
_cell.angle_alpha_esd    ? 
_cell.angle_beta_esd     ? 
_cell.angle_gamma_esd    ? 
# 
_symmetry.entry_id                         3QZZ 
_symmetry.space_group_name_H-M             'C 1 2 1' 
_symmetry.pdbx_full_space_group_name_H-M   ? 
_symmetry.cell_setting                     ? 
_symmetry.Int_Tables_number                5 
_symmetry.space_group_name_Hall            ? 
# 
_exptl.entry_id          3QZZ 
_exptl.method            'X-RAY DIFFRACTION' 
_exptl.crystals_number   1 
# 
_exptl_crystal.id                    1 
_exptl_crystal.density_meas          ? 
_exptl_crystal.density_Matthews      2.15 
_exptl_crystal.density_percent_sol   42.75 
_exptl_crystal.description           ? 
_exptl_crystal.F_000                 ? 
_exptl_crystal.preparation           ? 
# 
_exptl_crystal_grow.crystal_id      1 
_exptl_crystal_grow.method          'VAPOR DIFFUSION' 
_exptl_crystal_grow.temp            277 
_exptl_crystal_grow.temp_details    ? 
_exptl_crystal_grow.pH              7.5 
_exptl_crystal_grow.pdbx_details    '0.4 MONOBASIC AMMONIUM PHOSPHATE, pH 7.5, VAPOR DIFFUSION, temperature 277K' 
_exptl_crystal_grow.pdbx_pH_range   ? 
# 
_diffrn.id                     1 
_diffrn.ambient_temp           100 
_diffrn.ambient_temp_details   ? 
_diffrn.crystal_id             1 
# 
_diffrn_detector.diffrn_id              1 
_diffrn_detector.detector               CCD 
_diffrn_detector.type                   'ADSC QUANTUM 315r' 
_diffrn_detector.pdbx_collection_date   2007-09-28 
_diffrn_detector.details                ? 
# 
_diffrn_radiation.diffrn_id                        1 
_diffrn_radiation.wavelength_id                    1 
_diffrn_radiation.pdbx_monochromatic_or_laue_m_l   M 
_diffrn_radiation.monochromator                    ? 
_diffrn_radiation.pdbx_diffrn_protocol             'SINGLE WAVELENGTH' 
_diffrn_radiation.pdbx_scattering_type             x-ray 
# 
_diffrn_radiation_wavelength.id           1 
_diffrn_radiation_wavelength.wavelength   . 
_diffrn_radiation_wavelength.wt           1.0 
# 
_diffrn_source.diffrn_id                   1 
_diffrn_source.source                      SYNCHROTRON 
_diffrn_source.type                        'ESRF BEAMLINE ID23-1' 
_diffrn_source.pdbx_synchrotron_site       ESRF 
_diffrn_source.pdbx_synchrotron_beamline   ID23-1 
_diffrn_source.pdbx_wavelength             ? 
_diffrn_source.pdbx_wavelength_list        ? 
# 
_reflns.entry_id                     3QZZ 
_reflns.observed_criterion_sigma_I   ? 
_reflns.observed_criterion_sigma_F   ? 
_reflns.d_resolution_low             50.0 
_reflns.d_resolution_high            2.4 
_reflns.number_obs                   7554 
_reflns.number_all                   ? 
_reflns.percent_possible_obs         97.1 
_reflns.pdbx_Rmerge_I_obs            0.143 
_reflns.pdbx_netI_over_sigmaI        7.1 
_reflns.B_iso_Wilson_estimate        ? 
_reflns.pdbx_redundancy              2.5 
_reflns.R_free_details               ? 
_reflns.limit_h_max                  ? 
_reflns.limit_h_min                  ? 
_reflns.limit_k_max                  ? 
_reflns.limit_k_min                  ? 
_reflns.limit_l_max                  ? 
_reflns.limit_l_min                  ? 
_reflns.observed_criterion_F_max     ? 
_reflns.observed_criterion_F_min     ? 
_reflns.pdbx_chi_squared             ? 
_reflns.pdbx_scaling_rejects         ? 
_reflns.pdbx_Rsym_value              ? 
_reflns.pdbx_ordinal                 1 
_reflns.pdbx_diffrn_id               1 
# 
_reflns_shell.d_res_high             2.4 
_reflns_shell.d_res_low              2.53 
_reflns_shell.percent_possible_all   98.3 
_reflns_shell.Rmerge_I_obs           0.316 
_reflns_shell.pdbx_Rsym_value        ? 
_reflns_shell.meanI_over_sigI_obs    2.8 
_reflns_shell.pdbx_redundancy        2.5 
_reflns_shell.percent_possible_obs   ? 
_reflns_shell.number_unique_all      ? 
_reflns_shell.number_measured_all    ? 
_reflns_shell.number_measured_obs    ? 
_reflns_shell.number_unique_obs      ? 
_reflns_shell.pdbx_chi_squared       ? 
_reflns_shell.pdbx_ordinal           1 
_reflns_shell.pdbx_diffrn_id         1 
# 
_refine.entry_id                                 3QZZ 
_refine.ls_number_reflns_obs                     7210 
_refine.ls_number_reflns_all                     ? 
_refine.pdbx_ls_sigma_I                          ? 
_refine.pdbx_ls_sigma_F                          ? 
_refine.pdbx_data_cutoff_high_absF               ? 
_refine.pdbx_data_cutoff_low_absF                ? 
_refine.pdbx_data_cutoff_high_rms_absF           ? 
_refine.ls_d_res_low                             39.89 
_refine.ls_d_res_high                            2.40 
_refine.ls_percent_reflns_obs                    96.93 
_refine.ls_R_factor_obs                          0.24132 
_refine.ls_R_factor_R_work                       0.23828 
_refine.ls_R_factor_R_free                       0.30592 
_refine.ls_R_factor_R_free_error                 ? 
_refine.ls_R_factor_R_free_error_details         ? 
_refine.ls_percent_reflns_R_free                 4.6 
_refine.ls_number_reflns_R_free                  344 
_refine.ls_number_parameters                     ? 
_refine.ls_number_restraints                     ? 
_refine.occupancy_min                            ? 
_refine.occupancy_max                            ? 
_refine.correlation_coeff_Fo_to_Fc               0.922 
_refine.correlation_coeff_Fo_to_Fc_free          0.832 
_refine.B_iso_mean                               38.771 
_refine.aniso_B[1][1]                            -0.28 
_refine.aniso_B[2][2]                            0.34 
_refine.aniso_B[3][3]                            0.00 
_refine.aniso_B[1][2]                            0.00 
_refine.aniso_B[1][3]                            0.17 
_refine.aniso_B[2][3]                            0.00 
_refine.solvent_model_details                    MASK 
_refine.solvent_model_param_ksol                 ? 
_refine.solvent_model_param_bsol                 ? 
_refine.pdbx_solvent_vdw_probe_radii             1.40 
_refine.pdbx_solvent_ion_probe_radii             0.80 
_refine.pdbx_solvent_shrinkage_radii             0.80 
_refine.pdbx_ls_cross_valid_method               THROUGHOUT 
_refine.details                                  ? 
_refine.pdbx_starting_model                      ? 
_refine.pdbx_method_to_determine_struct          'MOLECULAR REPLACEMENT' 
_refine.pdbx_isotropic_thermal_model             ? 
_refine.pdbx_stereochemistry_target_values       'MAXIMUM LIKELIHOOD' 
_refine.pdbx_stereochem_target_val_spec_case     ? 
_refine.pdbx_R_Free_selection_details            RANDOM 
_refine.pdbx_overall_ESU_R_Free                  0.363 
_refine.overall_SU_ML                            0.333 
_refine.overall_SU_B                             14.062 
_refine.overall_SU_R_Cruickshank_DPI             ? 
_refine.ls_redundancy_reflns_obs                 ? 
_refine.B_iso_min                                ? 
_refine.B_iso_max                                ? 
_refine.overall_SU_R_free                        ? 
_refine.ls_wR_factor_R_free                      ? 
_refine.ls_wR_factor_R_work                      ? 
_refine.overall_FOM_free_R_set                   ? 
_refine.overall_FOM_work_R_set                   ? 
_refine.pdbx_overall_phase_error                 ? 
_refine.pdbx_refine_id                           'X-RAY DIFFRACTION' 
_refine.ls_R_factor_all                          ? 
_refine.pdbx_overall_ESU_R                       ? 
_refine.pdbx_diffrn_id                           1 
_refine.pdbx_TLS_residual_ADP_flag               ? 
_refine.pdbx_overall_SU_R_free_Cruickshank_DPI   ? 
_refine.pdbx_overall_SU_R_Blow_DPI               ? 
_refine.pdbx_overall_SU_R_free_Blow_DPI          ? 
# 
_refine_hist.pdbx_refine_id                   'X-RAY DIFFRACTION' 
_refine_hist.cycle_id                         LAST 
_refine_hist.pdbx_number_atoms_protein        1593 
_refine_hist.pdbx_number_atoms_nucleic_acid   0 
_refine_hist.pdbx_number_atoms_ligand         43 
_refine_hist.number_atoms_solvent             36 
_refine_hist.number_atoms_total               1672 
_refine_hist.d_res_high                       2.40 
_refine_hist.d_res_low                        39.89 
# 
loop_
_refine_ls_restr.type 
_refine_ls_restr.dev_ideal 
_refine_ls_restr.dev_ideal_target 
_refine_ls_restr.weight 
_refine_ls_restr.number 
_refine_ls_restr.pdbx_refine_id 
_refine_ls_restr.pdbx_restraint_function 
r_bond_refined_d             0.007  0.022  ? 1694 'X-RAY DIFFRACTION' ? 
r_bond_other_d               ?      ?      ? ?    'X-RAY DIFFRACTION' ? 
r_angle_refined_deg          1.009  2.019  ? 2320 'X-RAY DIFFRACTION' ? 
r_angle_other_deg            ?      ?      ? ?    'X-RAY DIFFRACTION' ? 
r_dihedral_angle_1_deg       8.493  5.000  ? 189  'X-RAY DIFFRACTION' ? 
r_dihedral_angle_2_deg       40.066 23.721 ? 86   'X-RAY DIFFRACTION' ? 
r_dihedral_angle_3_deg       18.615 15.000 ? 265  'X-RAY DIFFRACTION' ? 
r_dihedral_angle_4_deg       15.943 15.000 ? 9    'X-RAY DIFFRACTION' ? 
r_chiral_restr               0.074  0.200  ? 229  'X-RAY DIFFRACTION' ? 
r_gen_planes_refined         0.005  0.021  ? 1334 'X-RAY DIFFRACTION' ? 
r_gen_planes_other           ?      ?      ? ?    'X-RAY DIFFRACTION' ? 
r_nbd_refined                ?      ?      ? ?    'X-RAY DIFFRACTION' ? 
r_nbd_other                  ?      ?      ? ?    'X-RAY DIFFRACTION' ? 
r_nbtor_refined              ?      ?      ? ?    'X-RAY DIFFRACTION' ? 
r_nbtor_other                ?      ?      ? ?    'X-RAY DIFFRACTION' ? 
r_xyhbond_nbd_refined        ?      ?      ? ?    'X-RAY DIFFRACTION' ? 
r_xyhbond_nbd_other          ?      ?      ? ?    'X-RAY DIFFRACTION' ? 
r_metal_ion_refined          ?      ?      ? ?    'X-RAY DIFFRACTION' ? 
r_metal_ion_other            ?      ?      ? ?    'X-RAY DIFFRACTION' ? 
r_symmetry_vdw_refined       ?      ?      ? ?    'X-RAY DIFFRACTION' ? 
r_symmetry_vdw_other         ?      ?      ? ?    'X-RAY DIFFRACTION' ? 
r_symmetry_hbond_refined     ?      ?      ? ?    'X-RAY DIFFRACTION' ? 
r_symmetry_hbond_other       ?      ?      ? ?    'X-RAY DIFFRACTION' ? 
r_symmetry_metal_ion_refined ?      ?      ? ?    'X-RAY DIFFRACTION' ? 
r_symmetry_metal_ion_other   ?      ?      ? ?    'X-RAY DIFFRACTION' ? 
r_mcbond_it                  0.902  1.500  ? 950  'X-RAY DIFFRACTION' ? 
r_mcbond_other               ?      ?      ? ?    'X-RAY DIFFRACTION' ? 
r_mcangle_it                 1.620  2.000  ? 1539 'X-RAY DIFFRACTION' ? 
r_scbond_it                  2.635  3.000  ? 744  'X-RAY DIFFRACTION' ? 
r_scangle_it                 3.843  4.500  ? 781  'X-RAY DIFFRACTION' ? 
r_rigid_bond_restr           ?      ?      ? ?    'X-RAY DIFFRACTION' ? 
r_sphericity_free            ?      ?      ? ?    'X-RAY DIFFRACTION' ? 
r_sphericity_bonded          ?      ?      ? ?    'X-RAY DIFFRACTION' ? 
# 
_refine_ls_shell.pdbx_total_number_of_bins_used   20 
_refine_ls_shell.d_res_high                       2.400 
_refine_ls_shell.d_res_low                        2.462 
_refine_ls_shell.number_reflns_R_work             549 
_refine_ls_shell.R_factor_R_work                  0.307 
_refine_ls_shell.percent_reflns_obs               98.45 
_refine_ls_shell.R_factor_R_free                  0.436 
_refine_ls_shell.R_factor_R_free_error            ? 
_refine_ls_shell.percent_reflns_R_free            ? 
_refine_ls_shell.number_reflns_R_free             22 
_refine_ls_shell.number_reflns_all                ? 
_refine_ls_shell.R_factor_all                     ? 
_refine_ls_shell.number_reflns_obs                ? 
_refine_ls_shell.redundancy_reflns_obs            ? 
_refine_ls_shell.pdbx_refine_id                   'X-RAY DIFFRACTION' 
# 
_struct.entry_id                  3QZZ 
_struct.title                     '3D Structure of Ferric Methanosarcina Acetivorans Protoglobin Y61W mutant in Aquomet form' 
_struct.pdbx_model_details        ? 
_struct.pdbx_CASP_flag            ? 
_struct.pdbx_model_type_details   ? 
# 
_struct_keywords.entry_id        3QZZ 
_struct_keywords.text            'protoglobin, globin fold, METHANOGENESIS, ARCHAEA PROTEIN, OXYGEN BINDING, OXYGEN TRANSPORT' 
_struct_keywords.pdbx_keywords   'OXYGEN BINDING, OXYGEN TRANSPORT' 
# 
loop_
_struct_asym.id 
_struct_asym.pdbx_blank_PDB_chainid_flag 
_struct_asym.pdbx_modified 
_struct_asym.entity_id 
_struct_asym.details 
A N N 1 ? 
B N N 2 ? 
C N N 3 ? 
# 
_struct_ref.id                         1 
_struct_ref.db_name                    UNP 
_struct_ref.db_code                    Q8TLY9_METAC 
_struct_ref.pdbx_db_accession          Q8TLY9 
_struct_ref.entity_id                  1 
_struct_ref.pdbx_seq_one_letter_code   
;MSVEKIPGYTYGETENRAPFNLEDLKLLKEAVMFTAEDEEYIQKAGEVLEDQVEEILDTWYGFVGSHPHLLYYFTSPDGT
PNEKYLAAVRKRFSRWILDTCNRSYDQAWLDYQYEIGLRHHRTKKNQTDNVESVPNIGYRYLVAFIYPITATMKPFLARK
GHTPEEVEKMYQAWFKATTLQVALWSYPYVKYGDF
;
_struct_ref.pdbx_align_begin           1 
_struct_ref.pdbx_db_isoform            ? 
# 
_struct_ref_seq.align_id                      1 
_struct_ref_seq.ref_id                        1 
_struct_ref_seq.pdbx_PDB_id_code              3QZZ 
_struct_ref_seq.pdbx_strand_id                A 
_struct_ref_seq.seq_align_beg                 1 
_struct_ref_seq.pdbx_seq_align_beg_ins_code   ? 
_struct_ref_seq.seq_align_end                 195 
_struct_ref_seq.pdbx_seq_align_end_ins_code   ? 
_struct_ref_seq.pdbx_db_accession             Q8TLY9 
_struct_ref_seq.db_align_beg                  1 
_struct_ref_seq.pdbx_db_align_beg_ins_code    ? 
_struct_ref_seq.db_align_end                  195 
_struct_ref_seq.pdbx_db_align_end_ins_code    ? 
_struct_ref_seq.pdbx_auth_seq_align_beg       1 
_struct_ref_seq.pdbx_auth_seq_align_end       195 
# 
loop_
_struct_ref_seq_dif.align_id 
_struct_ref_seq_dif.pdbx_pdb_id_code 
_struct_ref_seq_dif.mon_id 
_struct_ref_seq_dif.pdbx_pdb_strand_id 
_struct_ref_seq_dif.seq_num 
_struct_ref_seq_dif.pdbx_pdb_ins_code 
_struct_ref_seq_dif.pdbx_seq_db_name 
_struct_ref_seq_dif.pdbx_seq_db_accession_code 
_struct_ref_seq_dif.db_mon_id 
_struct_ref_seq_dif.pdbx_seq_db_seq_num 
_struct_ref_seq_dif.details 
_struct_ref_seq_dif.pdbx_auth_seq_num 
_struct_ref_seq_dif.pdbx_ordinal 
1 3QZZ TRP A 61  ? UNP Q8TLY9 TYR 61  'engineered mutation' 61  1 
1 3QZZ SER A 101 ? UNP Q8TLY9 CYS 101 'engineered mutation' 101 2 
# 
_pdbx_struct_assembly.id                   1 
_pdbx_struct_assembly.details              author_and_software_defined_assembly 
_pdbx_struct_assembly.method_details       PISA 
_pdbx_struct_assembly.oligomeric_details   dimeric 
_pdbx_struct_assembly.oligomeric_count     2 
# 
loop_
_pdbx_struct_assembly_prop.biol_id 
_pdbx_struct_assembly_prop.type 
_pdbx_struct_assembly_prop.value 
_pdbx_struct_assembly_prop.details 
1 'ABSA (A^2)' 6280  ? 
1 MORE         -71   ? 
1 'SSA (A^2)'  15800 ? 
# 
_pdbx_struct_assembly_gen.assembly_id       1 
_pdbx_struct_assembly_gen.oper_expression   1,2 
_pdbx_struct_assembly_gen.asym_id_list      A,B,C 
# 
loop_
_pdbx_struct_oper_list.id 
_pdbx_struct_oper_list.type 
_pdbx_struct_oper_list.name 
_pdbx_struct_oper_list.symmetry_operation 
_pdbx_struct_oper_list.matrix[1][1] 
_pdbx_struct_oper_list.matrix[1][2] 
_pdbx_struct_oper_list.matrix[1][3] 
_pdbx_struct_oper_list.vector[1] 
_pdbx_struct_oper_list.matrix[2][1] 
_pdbx_struct_oper_list.matrix[2][2] 
_pdbx_struct_oper_list.matrix[2][3] 
_pdbx_struct_oper_list.vector[2] 
_pdbx_struct_oper_list.matrix[3][1] 
_pdbx_struct_oper_list.matrix[3][2] 
_pdbx_struct_oper_list.matrix[3][3] 
_pdbx_struct_oper_list.vector[3] 
1 'identity operation'         1_555 x,y,z   1.0000000000  0.0000000000 0.0000000000  0.0000000000  0.0000000000 1.0000000000 0.0000000000  0.0000000000 0.0000000000  0.0000000000  1.0000000000  0.0000000000  
2 'crystal symmetry operation' 2_555 -x,y,-z -0.9859840212 0.1564645127 -0.0579168898 11.5433186630 0.1564645127 0.7466595912 -0.6465433560 6.4580968538 -0.0579168898 -0.6465433560 -0.7606755699 20.2402768793 
# 
loop_
_struct_conf.conf_type_id 
_struct_conf.id 
_struct_conf.pdbx_PDB_helix_id 
_struct_conf.beg_label_comp_id 
_struct_conf.beg_label_asym_id 
_struct_conf.beg_label_seq_id 
_struct_conf.pdbx_beg_PDB_ins_code 
_struct_conf.end_label_comp_id 
_struct_conf.end_label_asym_id 
_struct_conf.end_label_seq_id 
_struct_conf.pdbx_end_PDB_ins_code 
_struct_conf.beg_auth_comp_id 
_struct_conf.beg_auth_asym_id 
_struct_conf.beg_auth_seq_id 
_struct_conf.end_auth_comp_id 
_struct_conf.end_auth_asym_id 
_struct_conf.end_auth_seq_id 
_struct_conf.pdbx_PDB_helix_class 
_struct_conf.details 
_struct_conf.pdbx_PDB_helix_length 
HELX_P HELX_P1  1  ASN A 21  ? VAL A 32  ? ASN A 21  VAL A 32  1 ? 12 
HELX_P HELX_P2  2  THR A 35  ? GLU A 50  ? THR A 35  GLU A 50  1 ? 16 
HELX_P HELX_P3  3  GLN A 52  ? GLY A 65  ? GLN A 52  GLY A 65  1 ? 14 
HELX_P HELX_P4  4  HIS A 67  ? TYR A 72  ? HIS A 67  TYR A 72  1 ? 6  
HELX_P HELX_P5  5  TYR A 73  ? THR A 75  ? TYR A 73  THR A 75  5 ? 3  
HELX_P HELX_P6  6  ASN A 82  ? ARG A 103 ? ASN A 82  ARG A 103 1 ? 22 
HELX_P HELX_P7  7  ASP A 106 ? HIS A 121 ? ASP A 106 HIS A 121 1 ? 16 
HELX_P HELX_P8  8  GLY A 138 ? PHE A 145 ? GLY A 138 PHE A 145 1 ? 8  
HELX_P HELX_P9  9  PHE A 145 ? THR A 152 ? PHE A 145 THR A 152 1 ? 8  
HELX_P HELX_P10 10 MET A 153 ? ALA A 158 ? MET A 153 ALA A 158 1 ? 6  
HELX_P HELX_P11 11 THR A 163 ? SER A 186 ? THR A 163 SER A 186 1 ? 24 
HELX_P HELX_P12 12 TYR A 187 ? VAL A 190 ? TYR A 187 VAL A 190 5 ? 4  
# 
_struct_conf_type.id          HELX_P 
_struct_conf_type.criteria    ? 
_struct_conf_type.reference   ? 
# 
loop_
_struct_conn.id 
_struct_conn.conn_type_id 
_struct_conn.pdbx_leaving_atom_flag 
_struct_conn.pdbx_PDB_id 
_struct_conn.ptnr1_label_asym_id 
_struct_conn.ptnr1_label_comp_id 
_struct_conn.ptnr1_label_seq_id 
_struct_conn.ptnr1_label_atom_id 
_struct_conn.pdbx_ptnr1_label_alt_id 
_struct_conn.pdbx_ptnr1_PDB_ins_code 
_struct_conn.pdbx_ptnr1_standard_comp_id 
_struct_conn.ptnr1_symmetry 
_struct_conn.ptnr2_label_asym_id 
_struct_conn.ptnr2_label_comp_id 
_struct_conn.ptnr2_label_seq_id 
_struct_conn.ptnr2_label_atom_id 
_struct_conn.pdbx_ptnr2_label_alt_id 
_struct_conn.pdbx_ptnr2_PDB_ins_code 
_struct_conn.ptnr1_auth_asym_id 
_struct_conn.ptnr1_auth_comp_id 
_struct_conn.ptnr1_auth_seq_id 
_struct_conn.ptnr2_auth_asym_id 
_struct_conn.ptnr2_auth_comp_id 
_struct_conn.ptnr2_auth_seq_id 
_struct_conn.ptnr2_symmetry 
_struct_conn.pdbx_ptnr3_label_atom_id 
_struct_conn.pdbx_ptnr3_label_seq_id 
_struct_conn.pdbx_ptnr3_label_comp_id 
_struct_conn.pdbx_ptnr3_label_asym_id 
_struct_conn.pdbx_ptnr3_label_alt_id 
_struct_conn.pdbx_ptnr3_PDB_ins_code 
_struct_conn.details 
_struct_conn.pdbx_dist_value 
_struct_conn.pdbx_value_order 
_struct_conn.pdbx_role 
metalc1 metalc ? ? A HIS 120 NE2 ? ? ? 1_555 B HEM . FE ? ? A HIS 120 A HEM 200 1_555 ? ? ? ? ? ? ? 2.272 ? ? 
metalc2 metalc ? ? C HOH .   O   ? ? ? 1_555 B HEM . FE ? ? A HOH 196 A HEM 200 1_555 ? ? ? ? ? ? ? 2.578 ? ? 
# 
_struct_conn_type.id          metalc 
_struct_conn_type.criteria    ? 
_struct_conn_type.reference   ? 
# 
loop_
_pdbx_struct_conn_angle.id 
_pdbx_struct_conn_angle.ptnr1_label_atom_id 
_pdbx_struct_conn_angle.ptnr1_label_alt_id 
_pdbx_struct_conn_angle.ptnr1_label_asym_id 
_pdbx_struct_conn_angle.ptnr1_label_comp_id 
_pdbx_struct_conn_angle.ptnr1_label_seq_id 
_pdbx_struct_conn_angle.ptnr1_auth_atom_id 
_pdbx_struct_conn_angle.ptnr1_auth_asym_id 
_pdbx_struct_conn_angle.ptnr1_auth_comp_id 
_pdbx_struct_conn_angle.ptnr1_auth_seq_id 
_pdbx_struct_conn_angle.ptnr1_PDB_ins_code 
_pdbx_struct_conn_angle.ptnr1_symmetry 
_pdbx_struct_conn_angle.ptnr2_label_atom_id 
_pdbx_struct_conn_angle.ptnr2_label_alt_id 
_pdbx_struct_conn_angle.ptnr2_label_asym_id 
_pdbx_struct_conn_angle.ptnr2_label_comp_id 
_pdbx_struct_conn_angle.ptnr2_label_seq_id 
_pdbx_struct_conn_angle.ptnr2_auth_atom_id 
_pdbx_struct_conn_angle.ptnr2_auth_asym_id 
_pdbx_struct_conn_angle.ptnr2_auth_comp_id 
_pdbx_struct_conn_angle.ptnr2_auth_seq_id 
_pdbx_struct_conn_angle.ptnr2_PDB_ins_code 
_pdbx_struct_conn_angle.ptnr2_symmetry 
_pdbx_struct_conn_angle.ptnr3_label_atom_id 
_pdbx_struct_conn_angle.ptnr3_label_alt_id 
_pdbx_struct_conn_angle.ptnr3_label_asym_id 
_pdbx_struct_conn_angle.ptnr3_label_comp_id 
_pdbx_struct_conn_angle.ptnr3_label_seq_id 
_pdbx_struct_conn_angle.ptnr3_auth_atom_id 
_pdbx_struct_conn_angle.ptnr3_auth_asym_id 
_pdbx_struct_conn_angle.ptnr3_auth_comp_id 
_pdbx_struct_conn_angle.ptnr3_auth_seq_id 
_pdbx_struct_conn_angle.ptnr3_PDB_ins_code 
_pdbx_struct_conn_angle.ptnr3_symmetry 
_pdbx_struct_conn_angle.value 
_pdbx_struct_conn_angle.value_esd 
1  NE2 ? A HIS 120 ? A HIS 120 ? 1_555 FE ? B HEM . ? A HEM 200 ? 1_555 NA ? B HEM . ? A HEM 200 ? 1_555 91.7  ? 
2  NE2 ? A HIS 120 ? A HIS 120 ? 1_555 FE ? B HEM . ? A HEM 200 ? 1_555 NB ? B HEM . ? A HEM 200 ? 1_555 88.5  ? 
3  NA  ? B HEM .   ? A HEM 200 ? 1_555 FE ? B HEM . ? A HEM 200 ? 1_555 NB ? B HEM . ? A HEM 200 ? 1_555 83.3  ? 
4  NE2 ? A HIS 120 ? A HIS 120 ? 1_555 FE ? B HEM . ? A HEM 200 ? 1_555 NC ? B HEM . ? A HEM 200 ? 1_555 92.8  ? 
5  NA  ? B HEM .   ? A HEM 200 ? 1_555 FE ? B HEM . ? A HEM 200 ? 1_555 NC ? B HEM . ? A HEM 200 ? 1_555 174.4 ? 
6  NB  ? B HEM .   ? A HEM 200 ? 1_555 FE ? B HEM . ? A HEM 200 ? 1_555 NC ? B HEM . ? A HEM 200 ? 1_555 93.6  ? 
7  NE2 ? A HIS 120 ? A HIS 120 ? 1_555 FE ? B HEM . ? A HEM 200 ? 1_555 ND ? B HEM . ? A HEM 200 ? 1_555 98.7  ? 
8  NA  ? B HEM .   ? A HEM 200 ? 1_555 FE ? B HEM . ? A HEM 200 ? 1_555 ND ? B HEM . ? A HEM 200 ? 1_555 96.1  ? 
9  NB  ? B HEM .   ? A HEM 200 ? 1_555 FE ? B HEM . ? A HEM 200 ? 1_555 ND ? B HEM . ? A HEM 200 ? 1_555 172.8 ? 
10 NC  ? B HEM .   ? A HEM 200 ? 1_555 FE ? B HEM . ? A HEM 200 ? 1_555 ND ? B HEM . ? A HEM 200 ? 1_555 86.5  ? 
11 NE2 ? A HIS 120 ? A HIS 120 ? 1_555 FE ? B HEM . ? A HEM 200 ? 1_555 O  ? C HOH . ? A HOH 196 ? 1_555 175.1 ? 
12 NA  ? B HEM .   ? A HEM 200 ? 1_555 FE ? B HEM . ? A HEM 200 ? 1_555 O  ? C HOH . ? A HOH 196 ? 1_555 83.9  ? 
13 NB  ? B HEM .   ? A HEM 200 ? 1_555 FE ? B HEM . ? A HEM 200 ? 1_555 O  ? C HOH . ? A HOH 196 ? 1_555 88.7  ? 
14 NC  ? B HEM .   ? A HEM 200 ? 1_555 FE ? B HEM . ? A HEM 200 ? 1_555 O  ? C HOH . ? A HOH 196 ? 1_555 91.4  ? 
15 ND  ? B HEM .   ? A HEM 200 ? 1_555 FE ? B HEM . ? A HEM 200 ? 1_555 O  ? C HOH . ? A HOH 196 ? 1_555 84.1  ? 
# 
_struct_site.id                   AC1 
_struct_site.pdbx_evidence_code   Software 
_struct_site.pdbx_auth_asym_id    A 
_struct_site.pdbx_auth_comp_id    HEM 
_struct_site.pdbx_auth_seq_id     200 
_struct_site.pdbx_auth_ins_code   ? 
_struct_site.pdbx_num_residues    20 
_struct_site.details              'BINDING SITE FOR RESIDUE HEM A 200' 
# 
loop_
_struct_site_gen.id 
_struct_site_gen.site_id 
_struct_site_gen.pdbx_num_res 
_struct_site_gen.label_comp_id 
_struct_site_gen.label_asym_id 
_struct_site_gen.label_seq_id 
_struct_site_gen.pdbx_auth_ins_code 
_struct_site_gen.auth_comp_id 
_struct_site_gen.auth_asym_id 
_struct_site_gen.auth_seq_id 
_struct_site_gen.label_atom_id 
_struct_site_gen.label_alt_id 
_struct_site_gen.symmetry 
_struct_site_gen.details 
1  AC1 20 LEU A 70  ? LEU A 70  . ? 1_555 ? 
2  AC1 20 TYR A 73  ? TYR A 73  . ? 1_555 ? 
3  AC1 20 TYR A 85  ? TYR A 85  . ? 1_555 ? 
4  AC1 20 VAL A 89  ? VAL A 89  . ? 1_555 ? 
5  AC1 20 ARG A 92  ? ARG A 92  . ? 1_555 ? 
6  AC1 20 PHE A 93  ? PHE A 93  . ? 1_555 ? 
7  AC1 20 TRP A 96  ? TRP A 96  . ? 1_555 ? 
8  AC1 20 TYR A 112 ? TYR A 112 . ? 1_555 ? 
9  AC1 20 ARG A 119 ? ARG A 119 . ? 1_555 ? 
10 AC1 20 HIS A 120 ? HIS A 120 . ? 1_555 ? 
11 AC1 20 LYS A 125 ? LYS A 125 . ? 1_555 ? 
12 AC1 20 ASN A 126 ? ASN A 126 . ? 1_555 ? 
13 AC1 20 ILE A 137 ? ILE A 137 . ? 1_555 ? 
14 AC1 20 TYR A 141 ? TYR A 141 . ? 1_555 ? 
15 AC1 20 PHE A 145 ? PHE A 145 . ? 1_555 ? 
16 AC1 20 VAL A 182 ? VAL A 182 . ? 1_555 ? 
17 AC1 20 TRP A 185 ? TRP A 185 . ? 1_555 ? 
18 AC1 20 HOH C .   ? HOH A 196 . ? 1_555 ? 
19 AC1 20 HOH C .   ? HOH A 223 . ? 1_555 ? 
20 AC1 20 HOH C .   ? HOH A 230 . ? 1_555 ? 
# 
loop_
_pdbx_validate_torsion.id 
_pdbx_validate_torsion.PDB_model_num 
_pdbx_validate_torsion.auth_comp_id 
_pdbx_validate_torsion.auth_asym_id 
_pdbx_validate_torsion.auth_seq_id 
_pdbx_validate_torsion.PDB_ins_code 
_pdbx_validate_torsion.label_alt_id 
_pdbx_validate_torsion.phi 
_pdbx_validate_torsion.psi 
1  1 GLU A 15  ? ? 77.80   -7.78   
2  1 ASN A 21  ? ? -120.69 -162.44 
3  1 THR A 35  ? ? -118.29 -157.28 
4  1 TYR A 72  ? ? -27.36  -39.59  
5  1 ASP A 78  ? ? -69.18  7.77    
6  1 ASN A 102 ? ? -120.11 -63.81  
7  1 ASP A 106 ? ? -110.50 -154.15 
8  1 HIS A 121 ? ? -63.38  -168.95 
9  1 THR A 150 ? ? -94.23  -75.40  
10 1 LYS A 160 ? ? -64.44  15.07   
11 1 PRO A 164 ? ? -32.04  -31.87  
# 
loop_
_pdbx_validate_peptide_omega.id 
_pdbx_validate_peptide_omega.PDB_model_num 
_pdbx_validate_peptide_omega.auth_comp_id_1 
_pdbx_validate_peptide_omega.auth_asym_id_1 
_pdbx_validate_peptide_omega.auth_seq_id_1 
_pdbx_validate_peptide_omega.PDB_ins_code_1 
_pdbx_validate_peptide_omega.label_alt_id_1 
_pdbx_validate_peptide_omega.auth_comp_id_2 
_pdbx_validate_peptide_omega.auth_asym_id_2 
_pdbx_validate_peptide_omega.auth_seq_id_2 
_pdbx_validate_peptide_omega.PDB_ins_code_2 
_pdbx_validate_peptide_omega.label_alt_id_2 
_pdbx_validate_peptide_omega.omega 
1 1 THR A 14 ? ? GLU A 15 ? ? 135.13 
2 1 GLU A 15 ? ? ASN A 16 ? ? 135.13 
# 
loop_
_pdbx_unobs_or_zero_occ_residues.id 
_pdbx_unobs_or_zero_occ_residues.PDB_model_num 
_pdbx_unobs_or_zero_occ_residues.polymer_flag 
_pdbx_unobs_or_zero_occ_residues.occupancy_flag 
_pdbx_unobs_or_zero_occ_residues.auth_asym_id 
_pdbx_unobs_or_zero_occ_residues.auth_comp_id 
_pdbx_unobs_or_zero_occ_residues.auth_seq_id 
_pdbx_unobs_or_zero_occ_residues.PDB_ins_code 
_pdbx_unobs_or_zero_occ_residues.label_asym_id 
_pdbx_unobs_or_zero_occ_residues.label_comp_id 
_pdbx_unobs_or_zero_occ_residues.label_seq_id 
1 1 Y 1 A MET 1 ? A MET 1 
2 1 Y 1 A SER 2 ? A SER 2 
3 1 Y 1 A VAL 3 ? A VAL 3 
4 1 Y 1 A GLU 4 ? A GLU 4 
5 1 Y 1 A LYS 5 ? A LYS 5 
# 
loop_
_chem_comp_atom.comp_id 
_chem_comp_atom.atom_id 
_chem_comp_atom.type_symbol 
_chem_comp_atom.pdbx_aromatic_flag 
_chem_comp_atom.pdbx_stereo_config 
_chem_comp_atom.pdbx_ordinal 
ALA N    N  N N 1   
ALA CA   C  N S 2   
ALA C    C  N N 3   
ALA O    O  N N 4   
ALA CB   C  N N 5   
ALA OXT  O  N N 6   
ALA H    H  N N 7   
ALA H2   H  N N 8   
ALA HA   H  N N 9   
ALA HB1  H  N N 10  
ALA HB2  H  N N 11  
ALA HB3  H  N N 12  
ALA HXT  H  N N 13  
ARG N    N  N N 14  
ARG CA   C  N S 15  
ARG C    C  N N 16  
ARG O    O  N N 17  
ARG CB   C  N N 18  
ARG CG   C  N N 19  
ARG CD   C  N N 20  
ARG NE   N  N N 21  
ARG CZ   C  N N 22  
ARG NH1  N  N N 23  
ARG NH2  N  N N 24  
ARG OXT  O  N N 25  
ARG H    H  N N 26  
ARG H2   H  N N 27  
ARG HA   H  N N 28  
ARG HB2  H  N N 29  
ARG HB3  H  N N 30  
ARG HG2  H  N N 31  
ARG HG3  H  N N 32  
ARG HD2  H  N N 33  
ARG HD3  H  N N 34  
ARG HE   H  N N 35  
ARG HH11 H  N N 36  
ARG HH12 H  N N 37  
ARG HH21 H  N N 38  
ARG HH22 H  N N 39  
ARG HXT  H  N N 40  
ASN N    N  N N 41  
ASN CA   C  N S 42  
ASN C    C  N N 43  
ASN O    O  N N 44  
ASN CB   C  N N 45  
ASN CG   C  N N 46  
ASN OD1  O  N N 47  
ASN ND2  N  N N 48  
ASN OXT  O  N N 49  
ASN H    H  N N 50  
ASN H2   H  N N 51  
ASN HA   H  N N 52  
ASN HB2  H  N N 53  
ASN HB3  H  N N 54  
ASN HD21 H  N N 55  
ASN HD22 H  N N 56  
ASN HXT  H  N N 57  
ASP N    N  N N 58  
ASP CA   C  N S 59  
ASP C    C  N N 60  
ASP O    O  N N 61  
ASP CB   C  N N 62  
ASP CG   C  N N 63  
ASP OD1  O  N N 64  
ASP OD2  O  N N 65  
ASP OXT  O  N N 66  
ASP H    H  N N 67  
ASP H2   H  N N 68  
ASP HA   H  N N 69  
ASP HB2  H  N N 70  
ASP HB3  H  N N 71  
ASP HD2  H  N N 72  
ASP HXT  H  N N 73  
CYS N    N  N N 74  
CYS CA   C  N R 75  
CYS C    C  N N 76  
CYS O    O  N N 77  
CYS CB   C  N N 78  
CYS SG   S  N N 79  
CYS OXT  O  N N 80  
CYS H    H  N N 81  
CYS H2   H  N N 82  
CYS HA   H  N N 83  
CYS HB2  H  N N 84  
CYS HB3  H  N N 85  
CYS HG   H  N N 86  
CYS HXT  H  N N 87  
GLN N    N  N N 88  
GLN CA   C  N S 89  
GLN C    C  N N 90  
GLN O    O  N N 91  
GLN CB   C  N N 92  
GLN CG   C  N N 93  
GLN CD   C  N N 94  
GLN OE1  O  N N 95  
GLN NE2  N  N N 96  
GLN OXT  O  N N 97  
GLN H    H  N N 98  
GLN H2   H  N N 99  
GLN HA   H  N N 100 
GLN HB2  H  N N 101 
GLN HB3  H  N N 102 
GLN HG2  H  N N 103 
GLN HG3  H  N N 104 
GLN HE21 H  N N 105 
GLN HE22 H  N N 106 
GLN HXT  H  N N 107 
GLU N    N  N N 108 
GLU CA   C  N S 109 
GLU C    C  N N 110 
GLU O    O  N N 111 
GLU CB   C  N N 112 
GLU CG   C  N N 113 
GLU CD   C  N N 114 
GLU OE1  O  N N 115 
GLU OE2  O  N N 116 
GLU OXT  O  N N 117 
GLU H    H  N N 118 
GLU H2   H  N N 119 
GLU HA   H  N N 120 
GLU HB2  H  N N 121 
GLU HB3  H  N N 122 
GLU HG2  H  N N 123 
GLU HG3  H  N N 124 
GLU HE2  H  N N 125 
GLU HXT  H  N N 126 
GLY N    N  N N 127 
GLY CA   C  N N 128 
GLY C    C  N N 129 
GLY O    O  N N 130 
GLY OXT  O  N N 131 
GLY H    H  N N 132 
GLY H2   H  N N 133 
GLY HA2  H  N N 134 
GLY HA3  H  N N 135 
GLY HXT  H  N N 136 
HEM CHA  C  N N 137 
HEM CHB  C  N N 138 
HEM CHC  C  N N 139 
HEM CHD  C  N N 140 
HEM C1A  C  Y N 141 
HEM C2A  C  Y N 142 
HEM C3A  C  Y N 143 
HEM C4A  C  Y N 144 
HEM CMA  C  N N 145 
HEM CAA  C  N N 146 
HEM CBA  C  N N 147 
HEM CGA  C  N N 148 
HEM O1A  O  N N 149 
HEM O2A  O  N N 150 
HEM C1B  C  N N 151 
HEM C2B  C  N N 152 
HEM C3B  C  N N 153 
HEM C4B  C  N N 154 
HEM CMB  C  N N 155 
HEM CAB  C  N N 156 
HEM CBB  C  N N 157 
HEM C1C  C  Y N 158 
HEM C2C  C  Y N 159 
HEM C3C  C  Y N 160 
HEM C4C  C  Y N 161 
HEM CMC  C  N N 162 
HEM CAC  C  N N 163 
HEM CBC  C  N N 164 
HEM C1D  C  N N 165 
HEM C2D  C  N N 166 
HEM C3D  C  N N 167 
HEM C4D  C  N N 168 
HEM CMD  C  N N 169 
HEM CAD  C  N N 170 
HEM CBD  C  N N 171 
HEM CGD  C  N N 172 
HEM O1D  O  N N 173 
HEM O2D  O  N N 174 
HEM NA   N  Y N 175 
HEM NB   N  N N 176 
HEM NC   N  Y N 177 
HEM ND   N  N N 178 
HEM FE   FE N N 179 
HEM HHB  H  N N 180 
HEM HHC  H  N N 181 
HEM HHD  H  N N 182 
HEM HMA  H  N N 183 
HEM HMAA H  N N 184 
HEM HMAB H  N N 185 
HEM HAA  H  N N 186 
HEM HAAA H  N N 187 
HEM HBA  H  N N 188 
HEM HBAA H  N N 189 
HEM HMB  H  N N 190 
HEM HMBA H  N N 191 
HEM HMBB H  N N 192 
HEM HAB  H  N N 193 
HEM HBB  H  N N 194 
HEM HBBA H  N N 195 
HEM HMC  H  N N 196 
HEM HMCA H  N N 197 
HEM HMCB H  N N 198 
HEM HAC  H  N N 199 
HEM HBC  H  N N 200 
HEM HBCA H  N N 201 
HEM HMD  H  N N 202 
HEM HMDA H  N N 203 
HEM HMDB H  N N 204 
HEM HAD  H  N N 205 
HEM HADA H  N N 206 
HEM HBD  H  N N 207 
HEM HBDA H  N N 208 
HEM H2A  H  N N 209 
HEM H2D  H  N N 210 
HEM HHA  H  N N 211 
HIS N    N  N N 212 
HIS CA   C  N S 213 
HIS C    C  N N 214 
HIS O    O  N N 215 
HIS CB   C  N N 216 
HIS CG   C  Y N 217 
HIS ND1  N  Y N 218 
HIS CD2  C  Y N 219 
HIS CE1  C  Y N 220 
HIS NE2  N  Y N 221 
HIS OXT  O  N N 222 
HIS H    H  N N 223 
HIS H2   H  N N 224 
HIS HA   H  N N 225 
HIS HB2  H  N N 226 
HIS HB3  H  N N 227 
HIS HD1  H  N N 228 
HIS HD2  H  N N 229 
HIS HE1  H  N N 230 
HIS HE2  H  N N 231 
HIS HXT  H  N N 232 
HOH O    O  N N 233 
HOH H1   H  N N 234 
HOH H2   H  N N 235 
ILE N    N  N N 236 
ILE CA   C  N S 237 
ILE C    C  N N 238 
ILE O    O  N N 239 
ILE CB   C  N S 240 
ILE CG1  C  N N 241 
ILE CG2  C  N N 242 
ILE CD1  C  N N 243 
ILE OXT  O  N N 244 
ILE H    H  N N 245 
ILE H2   H  N N 246 
ILE HA   H  N N 247 
ILE HB   H  N N 248 
ILE HG12 H  N N 249 
ILE HG13 H  N N 250 
ILE HG21 H  N N 251 
ILE HG22 H  N N 252 
ILE HG23 H  N N 253 
ILE HD11 H  N N 254 
ILE HD12 H  N N 255 
ILE HD13 H  N N 256 
ILE HXT  H  N N 257 
LEU N    N  N N 258 
LEU CA   C  N S 259 
LEU C    C  N N 260 
LEU O    O  N N 261 
LEU CB   C  N N 262 
LEU CG   C  N N 263 
LEU CD1  C  N N 264 
LEU CD2  C  N N 265 
LEU OXT  O  N N 266 
LEU H    H  N N 267 
LEU H2   H  N N 268 
LEU HA   H  N N 269 
LEU HB2  H  N N 270 
LEU HB3  H  N N 271 
LEU HG   H  N N 272 
LEU HD11 H  N N 273 
LEU HD12 H  N N 274 
LEU HD13 H  N N 275 
LEU HD21 H  N N 276 
LEU HD22 H  N N 277 
LEU HD23 H  N N 278 
LEU HXT  H  N N 279 
LYS N    N  N N 280 
LYS CA   C  N S 281 
LYS C    C  N N 282 
LYS O    O  N N 283 
LYS CB   C  N N 284 
LYS CG   C  N N 285 
LYS CD   C  N N 286 
LYS CE   C  N N 287 
LYS NZ   N  N N 288 
LYS OXT  O  N N 289 
LYS H    H  N N 290 
LYS H2   H  N N 291 
LYS HA   H  N N 292 
LYS HB2  H  N N 293 
LYS HB3  H  N N 294 
LYS HG2  H  N N 295 
LYS HG3  H  N N 296 
LYS HD2  H  N N 297 
LYS HD3  H  N N 298 
LYS HE2  H  N N 299 
LYS HE3  H  N N 300 
LYS HZ1  H  N N 301 
LYS HZ2  H  N N 302 
LYS HZ3  H  N N 303 
LYS HXT  H  N N 304 
MET N    N  N N 305 
MET CA   C  N S 306 
MET C    C  N N 307 
MET O    O  N N 308 
MET CB   C  N N 309 
MET CG   C  N N 310 
MET SD   S  N N 311 
MET CE   C  N N 312 
MET OXT  O  N N 313 
MET H    H  N N 314 
MET H2   H  N N 315 
MET HA   H  N N 316 
MET HB2  H  N N 317 
MET HB3  H  N N 318 
MET HG2  H  N N 319 
MET HG3  H  N N 320 
MET HE1  H  N N 321 
MET HE2  H  N N 322 
MET HE3  H  N N 323 
MET HXT  H  N N 324 
PHE N    N  N N 325 
PHE CA   C  N S 326 
PHE C    C  N N 327 
PHE O    O  N N 328 
PHE CB   C  N N 329 
PHE CG   C  Y N 330 
PHE CD1  C  Y N 331 
PHE CD2  C  Y N 332 
PHE CE1  C  Y N 333 
PHE CE2  C  Y N 334 
PHE CZ   C  Y N 335 
PHE OXT  O  N N 336 
PHE H    H  N N 337 
PHE H2   H  N N 338 
PHE HA   H  N N 339 
PHE HB2  H  N N 340 
PHE HB3  H  N N 341 
PHE HD1  H  N N 342 
PHE HD2  H  N N 343 
PHE HE1  H  N N 344 
PHE HE2  H  N N 345 
PHE HZ   H  N N 346 
PHE HXT  H  N N 347 
PRO N    N  N N 348 
PRO CA   C  N S 349 
PRO C    C  N N 350 
PRO O    O  N N 351 
PRO CB   C  N N 352 
PRO CG   C  N N 353 
PRO CD   C  N N 354 
PRO OXT  O  N N 355 
PRO H    H  N N 356 
PRO HA   H  N N 357 
PRO HB2  H  N N 358 
PRO HB3  H  N N 359 
PRO HG2  H  N N 360 
PRO HG3  H  N N 361 
PRO HD2  H  N N 362 
PRO HD3  H  N N 363 
PRO HXT  H  N N 364 
SER N    N  N N 365 
SER CA   C  N S 366 
SER C    C  N N 367 
SER O    O  N N 368 
SER CB   C  N N 369 
SER OG   O  N N 370 
SER OXT  O  N N 371 
SER H    H  N N 372 
SER H2   H  N N 373 
SER HA   H  N N 374 
SER HB2  H  N N 375 
SER HB3  H  N N 376 
SER HG   H  N N 377 
SER HXT  H  N N 378 
THR N    N  N N 379 
THR CA   C  N S 380 
THR C    C  N N 381 
THR O    O  N N 382 
THR CB   C  N R 383 
THR OG1  O  N N 384 
THR CG2  C  N N 385 
THR OXT  O  N N 386 
THR H    H  N N 387 
THR H2   H  N N 388 
THR HA   H  N N 389 
THR HB   H  N N 390 
THR HG1  H  N N 391 
THR HG21 H  N N 392 
THR HG22 H  N N 393 
THR HG23 H  N N 394 
THR HXT  H  N N 395 
TRP N    N  N N 396 
TRP CA   C  N S 397 
TRP C    C  N N 398 
TRP O    O  N N 399 
TRP CB   C  N N 400 
TRP CG   C  Y N 401 
TRP CD1  C  Y N 402 
TRP CD2  C  Y N 403 
TRP NE1  N  Y N 404 
TRP CE2  C  Y N 405 
TRP CE3  C  Y N 406 
TRP CZ2  C  Y N 407 
TRP CZ3  C  Y N 408 
TRP CH2  C  Y N 409 
TRP OXT  O  N N 410 
TRP H    H  N N 411 
TRP H2   H  N N 412 
TRP HA   H  N N 413 
TRP HB2  H  N N 414 
TRP HB3  H  N N 415 
TRP HD1  H  N N 416 
TRP HE1  H  N N 417 
TRP HE3  H  N N 418 
TRP HZ2  H  N N 419 
TRP HZ3  H  N N 420 
TRP HH2  H  N N 421 
TRP HXT  H  N N 422 
TYR N    N  N N 423 
TYR CA   C  N S 424 
TYR C    C  N N 425 
TYR O    O  N N 426 
TYR CB   C  N N 427 
TYR CG   C  Y N 428 
TYR CD1  C  Y N 429 
TYR CD2  C  Y N 430 
TYR CE1  C  Y N 431 
TYR CE2  C  Y N 432 
TYR CZ   C  Y N 433 
TYR OH   O  N N 434 
TYR OXT  O  N N 435 
TYR H    H  N N 436 
TYR H2   H  N N 437 
TYR HA   H  N N 438 
TYR HB2  H  N N 439 
TYR HB3  H  N N 440 
TYR HD1  H  N N 441 
TYR HD2  H  N N 442 
TYR HE1  H  N N 443 
TYR HE2  H  N N 444 
TYR HH   H  N N 445 
TYR HXT  H  N N 446 
VAL N    N  N N 447 
VAL CA   C  N S 448 
VAL C    C  N N 449 
VAL O    O  N N 450 
VAL CB   C  N N 451 
VAL CG1  C  N N 452 
VAL CG2  C  N N 453 
VAL OXT  O  N N 454 
VAL H    H  N N 455 
VAL H2   H  N N 456 
VAL HA   H  N N 457 
VAL HB   H  N N 458 
VAL HG11 H  N N 459 
VAL HG12 H  N N 460 
VAL HG13 H  N N 461 
VAL HG21 H  N N 462 
VAL HG22 H  N N 463 
VAL HG23 H  N N 464 
VAL HXT  H  N N 465 
# 
loop_
_chem_comp_bond.comp_id 
_chem_comp_bond.atom_id_1 
_chem_comp_bond.atom_id_2 
_chem_comp_bond.value_order 
_chem_comp_bond.pdbx_aromatic_flag 
_chem_comp_bond.pdbx_stereo_config 
_chem_comp_bond.pdbx_ordinal 
ALA N   CA   sing N N 1   
ALA N   H    sing N N 2   
ALA N   H2   sing N N 3   
ALA CA  C    sing N N 4   
ALA CA  CB   sing N N 5   
ALA CA  HA   sing N N 6   
ALA C   O    doub N N 7   
ALA C   OXT  sing N N 8   
ALA CB  HB1  sing N N 9   
ALA CB  HB2  sing N N 10  
ALA CB  HB3  sing N N 11  
ALA OXT HXT  sing N N 12  
ARG N   CA   sing N N 13  
ARG N   H    sing N N 14  
ARG N   H2   sing N N 15  
ARG CA  C    sing N N 16  
ARG CA  CB   sing N N 17  
ARG CA  HA   sing N N 18  
ARG C   O    doub N N 19  
ARG C   OXT  sing N N 20  
ARG CB  CG   sing N N 21  
ARG CB  HB2  sing N N 22  
ARG CB  HB3  sing N N 23  
ARG CG  CD   sing N N 24  
ARG CG  HG2  sing N N 25  
ARG CG  HG3  sing N N 26  
ARG CD  NE   sing N N 27  
ARG CD  HD2  sing N N 28  
ARG CD  HD3  sing N N 29  
ARG NE  CZ   sing N N 30  
ARG NE  HE   sing N N 31  
ARG CZ  NH1  sing N N 32  
ARG CZ  NH2  doub N N 33  
ARG NH1 HH11 sing N N 34  
ARG NH1 HH12 sing N N 35  
ARG NH2 HH21 sing N N 36  
ARG NH2 HH22 sing N N 37  
ARG OXT HXT  sing N N 38  
ASN N   CA   sing N N 39  
ASN N   H    sing N N 40  
ASN N   H2   sing N N 41  
ASN CA  C    sing N N 42  
ASN CA  CB   sing N N 43  
ASN CA  HA   sing N N 44  
ASN C   O    doub N N 45  
ASN C   OXT  sing N N 46  
ASN CB  CG   sing N N 47  
ASN CB  HB2  sing N N 48  
ASN CB  HB3  sing N N 49  
ASN CG  OD1  doub N N 50  
ASN CG  ND2  sing N N 51  
ASN ND2 HD21 sing N N 52  
ASN ND2 HD22 sing N N 53  
ASN OXT HXT  sing N N 54  
ASP N   CA   sing N N 55  
ASP N   H    sing N N 56  
ASP N   H2   sing N N 57  
ASP CA  C    sing N N 58  
ASP CA  CB   sing N N 59  
ASP CA  HA   sing N N 60  
ASP C   O    doub N N 61  
ASP C   OXT  sing N N 62  
ASP CB  CG   sing N N 63  
ASP CB  HB2  sing N N 64  
ASP CB  HB3  sing N N 65  
ASP CG  OD1  doub N N 66  
ASP CG  OD2  sing N N 67  
ASP OD2 HD2  sing N N 68  
ASP OXT HXT  sing N N 69  
CYS N   CA   sing N N 70  
CYS N   H    sing N N 71  
CYS N   H2   sing N N 72  
CYS CA  C    sing N N 73  
CYS CA  CB   sing N N 74  
CYS CA  HA   sing N N 75  
CYS C   O    doub N N 76  
CYS C   OXT  sing N N 77  
CYS CB  SG   sing N N 78  
CYS CB  HB2  sing N N 79  
CYS CB  HB3  sing N N 80  
CYS SG  HG   sing N N 81  
CYS OXT HXT  sing N N 82  
GLN N   CA   sing N N 83  
GLN N   H    sing N N 84  
GLN N   H2   sing N N 85  
GLN CA  C    sing N N 86  
GLN CA  CB   sing N N 87  
GLN CA  HA   sing N N 88  
GLN C   O    doub N N 89  
GLN C   OXT  sing N N 90  
GLN CB  CG   sing N N 91  
GLN CB  HB2  sing N N 92  
GLN CB  HB3  sing N N 93  
GLN CG  CD   sing N N 94  
GLN CG  HG2  sing N N 95  
GLN CG  HG3  sing N N 96  
GLN CD  OE1  doub N N 97  
GLN CD  NE2  sing N N 98  
GLN NE2 HE21 sing N N 99  
GLN NE2 HE22 sing N N 100 
GLN OXT HXT  sing N N 101 
GLU N   CA   sing N N 102 
GLU N   H    sing N N 103 
GLU N   H2   sing N N 104 
GLU CA  C    sing N N 105 
GLU CA  CB   sing N N 106 
GLU CA  HA   sing N N 107 
GLU C   O    doub N N 108 
GLU C   OXT  sing N N 109 
GLU CB  CG   sing N N 110 
GLU CB  HB2  sing N N 111 
GLU CB  HB3  sing N N 112 
GLU CG  CD   sing N N 113 
GLU CG  HG2  sing N N 114 
GLU CG  HG3  sing N N 115 
GLU CD  OE1  doub N N 116 
GLU CD  OE2  sing N N 117 
GLU OE2 HE2  sing N N 118 
GLU OXT HXT  sing N N 119 
GLY N   CA   sing N N 120 
GLY N   H    sing N N 121 
GLY N   H2   sing N N 122 
GLY CA  C    sing N N 123 
GLY CA  HA2  sing N N 124 
GLY CA  HA3  sing N N 125 
GLY C   O    doub N N 126 
GLY C   OXT  sing N N 127 
GLY OXT HXT  sing N N 128 
HEM CHA C1A  sing N N 129 
HEM CHA C4D  doub N N 130 
HEM CHA HHA  sing N N 131 
HEM CHB C4A  sing N N 132 
HEM CHB C1B  doub N N 133 
HEM CHB HHB  sing N N 134 
HEM CHC C4B  sing N N 135 
HEM CHC C1C  doub N N 136 
HEM CHC HHC  sing N N 137 
HEM CHD C4C  doub N N 138 
HEM CHD C1D  sing N N 139 
HEM CHD HHD  sing N N 140 
HEM C1A C2A  doub Y N 141 
HEM C1A NA   sing Y N 142 
HEM C2A C3A  sing Y N 143 
HEM C2A CAA  sing N N 144 
HEM C3A C4A  doub Y N 145 
HEM C3A CMA  sing N N 146 
HEM C4A NA   sing Y N 147 
HEM CMA HMA  sing N N 148 
HEM CMA HMAA sing N N 149 
HEM CMA HMAB sing N N 150 
HEM CAA CBA  sing N N 151 
HEM CAA HAA  sing N N 152 
HEM CAA HAAA sing N N 153 
HEM CBA CGA  sing N N 154 
HEM CBA HBA  sing N N 155 
HEM CBA HBAA sing N N 156 
HEM CGA O1A  doub N N 157 
HEM CGA O2A  sing N N 158 
HEM C1B C2B  sing N N 159 
HEM C1B NB   sing N N 160 
HEM C2B C3B  doub N N 161 
HEM C2B CMB  sing N N 162 
HEM C3B C4B  sing N N 163 
HEM C3B CAB  sing N N 164 
HEM C4B NB   doub N N 165 
HEM CMB HMB  sing N N 166 
HEM CMB HMBA sing N N 167 
HEM CMB HMBB sing N N 168 
HEM CAB CBB  doub N N 169 
HEM CAB HAB  sing N N 170 
HEM CBB HBB  sing N N 171 
HEM CBB HBBA sing N N 172 
HEM C1C C2C  sing Y N 173 
HEM C1C NC   sing Y N 174 
HEM C2C C3C  doub Y N 175 
HEM C2C CMC  sing N N 176 
HEM C3C C4C  sing Y N 177 
HEM C3C CAC  sing N N 178 
HEM C4C NC   sing Y N 179 
HEM CMC HMC  sing N N 180 
HEM CMC HMCA sing N N 181 
HEM CMC HMCB sing N N 182 
HEM CAC CBC  doub N N 183 
HEM CAC HAC  sing N N 184 
HEM CBC HBC  sing N N 185 
HEM CBC HBCA sing N N 186 
HEM C1D C2D  sing N N 187 
HEM C1D ND   doub N N 188 
HEM C2D C3D  doub N N 189 
HEM C2D CMD  sing N N 190 
HEM C3D C4D  sing N N 191 
HEM C3D CAD  sing N N 192 
HEM C4D ND   sing N N 193 
HEM CMD HMD  sing N N 194 
HEM CMD HMDA sing N N 195 
HEM CMD HMDB sing N N 196 
HEM CAD CBD  sing N N 197 
HEM CAD HAD  sing N N 198 
HEM CAD HADA sing N N 199 
HEM CBD CGD  sing N N 200 
HEM CBD HBD  sing N N 201 
HEM CBD HBDA sing N N 202 
HEM CGD O1D  doub N N 203 
HEM CGD O2D  sing N N 204 
HEM O2A H2A  sing N N 205 
HEM O2D H2D  sing N N 206 
HEM FE  NA   sing N N 207 
HEM FE  NB   sing N N 208 
HEM FE  NC   sing N N 209 
HEM FE  ND   sing N N 210 
HIS N   CA   sing N N 211 
HIS N   H    sing N N 212 
HIS N   H2   sing N N 213 
HIS CA  C    sing N N 214 
HIS CA  CB   sing N N 215 
HIS CA  HA   sing N N 216 
HIS C   O    doub N N 217 
HIS C   OXT  sing N N 218 
HIS CB  CG   sing N N 219 
HIS CB  HB2  sing N N 220 
HIS CB  HB3  sing N N 221 
HIS CG  ND1  sing Y N 222 
HIS CG  CD2  doub Y N 223 
HIS ND1 CE1  doub Y N 224 
HIS ND1 HD1  sing N N 225 
HIS CD2 NE2  sing Y N 226 
HIS CD2 HD2  sing N N 227 
HIS CE1 NE2  sing Y N 228 
HIS CE1 HE1  sing N N 229 
HIS NE2 HE2  sing N N 230 
HIS OXT HXT  sing N N 231 
HOH O   H1   sing N N 232 
HOH O   H2   sing N N 233 
ILE N   CA   sing N N 234 
ILE N   H    sing N N 235 
ILE N   H2   sing N N 236 
ILE CA  C    sing N N 237 
ILE CA  CB   sing N N 238 
ILE CA  HA   sing N N 239 
ILE C   O    doub N N 240 
ILE C   OXT  sing N N 241 
ILE CB  CG1  sing N N 242 
ILE CB  CG2  sing N N 243 
ILE CB  HB   sing N N 244 
ILE CG1 CD1  sing N N 245 
ILE CG1 HG12 sing N N 246 
ILE CG1 HG13 sing N N 247 
ILE CG2 HG21 sing N N 248 
ILE CG2 HG22 sing N N 249 
ILE CG2 HG23 sing N N 250 
ILE CD1 HD11 sing N N 251 
ILE CD1 HD12 sing N N 252 
ILE CD1 HD13 sing N N 253 
ILE OXT HXT  sing N N 254 
LEU N   CA   sing N N 255 
LEU N   H    sing N N 256 
LEU N   H2   sing N N 257 
LEU CA  C    sing N N 258 
LEU CA  CB   sing N N 259 
LEU CA  HA   sing N N 260 
LEU C   O    doub N N 261 
LEU C   OXT  sing N N 262 
LEU CB  CG   sing N N 263 
LEU CB  HB2  sing N N 264 
LEU CB  HB3  sing N N 265 
LEU CG  CD1  sing N N 266 
LEU CG  CD2  sing N N 267 
LEU CG  HG   sing N N 268 
LEU CD1 HD11 sing N N 269 
LEU CD1 HD12 sing N N 270 
LEU CD1 HD13 sing N N 271 
LEU CD2 HD21 sing N N 272 
LEU CD2 HD22 sing N N 273 
LEU CD2 HD23 sing N N 274 
LEU OXT HXT  sing N N 275 
LYS N   CA   sing N N 276 
LYS N   H    sing N N 277 
LYS N   H2   sing N N 278 
LYS CA  C    sing N N 279 
LYS CA  CB   sing N N 280 
LYS CA  HA   sing N N 281 
LYS C   O    doub N N 282 
LYS C   OXT  sing N N 283 
LYS CB  CG   sing N N 284 
LYS CB  HB2  sing N N 285 
LYS CB  HB3  sing N N 286 
LYS CG  CD   sing N N 287 
LYS CG  HG2  sing N N 288 
LYS CG  HG3  sing N N 289 
LYS CD  CE   sing N N 290 
LYS CD  HD2  sing N N 291 
LYS CD  HD3  sing N N 292 
LYS CE  NZ   sing N N 293 
LYS CE  HE2  sing N N 294 
LYS CE  HE3  sing N N 295 
LYS NZ  HZ1  sing N N 296 
LYS NZ  HZ2  sing N N 297 
LYS NZ  HZ3  sing N N 298 
LYS OXT HXT  sing N N 299 
MET N   CA   sing N N 300 
MET N   H    sing N N 301 
MET N   H2   sing N N 302 
MET CA  C    sing N N 303 
MET CA  CB   sing N N 304 
MET CA  HA   sing N N 305 
MET C   O    doub N N 306 
MET C   OXT  sing N N 307 
MET CB  CG   sing N N 308 
MET CB  HB2  sing N N 309 
MET CB  HB3  sing N N 310 
MET CG  SD   sing N N 311 
MET CG  HG2  sing N N 312 
MET CG  HG3  sing N N 313 
MET SD  CE   sing N N 314 
MET CE  HE1  sing N N 315 
MET CE  HE2  sing N N 316 
MET CE  HE3  sing N N 317 
MET OXT HXT  sing N N 318 
PHE N   CA   sing N N 319 
PHE N   H    sing N N 320 
PHE N   H2   sing N N 321 
PHE CA  C    sing N N 322 
PHE CA  CB   sing N N 323 
PHE CA  HA   sing N N 324 
PHE C   O    doub N N 325 
PHE C   OXT  sing N N 326 
PHE CB  CG   sing N N 327 
PHE CB  HB2  sing N N 328 
PHE CB  HB3  sing N N 329 
PHE CG  CD1  doub Y N 330 
PHE CG  CD2  sing Y N 331 
PHE CD1 CE1  sing Y N 332 
PHE CD1 HD1  sing N N 333 
PHE CD2 CE2  doub Y N 334 
PHE CD2 HD2  sing N N 335 
PHE CE1 CZ   doub Y N 336 
PHE CE1 HE1  sing N N 337 
PHE CE2 CZ   sing Y N 338 
PHE CE2 HE2  sing N N 339 
PHE CZ  HZ   sing N N 340 
PHE OXT HXT  sing N N 341 
PRO N   CA   sing N N 342 
PRO N   CD   sing N N 343 
PRO N   H    sing N N 344 
PRO CA  C    sing N N 345 
PRO CA  CB   sing N N 346 
PRO CA  HA   sing N N 347 
PRO C   O    doub N N 348 
PRO C   OXT  sing N N 349 
PRO CB  CG   sing N N 350 
PRO CB  HB2  sing N N 351 
PRO CB  HB3  sing N N 352 
PRO CG  CD   sing N N 353 
PRO CG  HG2  sing N N 354 
PRO CG  HG3  sing N N 355 
PRO CD  HD2  sing N N 356 
PRO CD  HD3  sing N N 357 
PRO OXT HXT  sing N N 358 
SER N   CA   sing N N 359 
SER N   H    sing N N 360 
SER N   H2   sing N N 361 
SER CA  C    sing N N 362 
SER CA  CB   sing N N 363 
SER CA  HA   sing N N 364 
SER C   O    doub N N 365 
SER C   OXT  sing N N 366 
SER CB  OG   sing N N 367 
SER CB  HB2  sing N N 368 
SER CB  HB3  sing N N 369 
SER OG  HG   sing N N 370 
SER OXT HXT  sing N N 371 
THR N   CA   sing N N 372 
THR N   H    sing N N 373 
THR N   H2   sing N N 374 
THR CA  C    sing N N 375 
THR CA  CB   sing N N 376 
THR CA  HA   sing N N 377 
THR C   O    doub N N 378 
THR C   OXT  sing N N 379 
THR CB  OG1  sing N N 380 
THR CB  CG2  sing N N 381 
THR CB  HB   sing N N 382 
THR OG1 HG1  sing N N 383 
THR CG2 HG21 sing N N 384 
THR CG2 HG22 sing N N 385 
THR CG2 HG23 sing N N 386 
THR OXT HXT  sing N N 387 
TRP N   CA   sing N N 388 
TRP N   H    sing N N 389 
TRP N   H2   sing N N 390 
TRP CA  C    sing N N 391 
TRP CA  CB   sing N N 392 
TRP CA  HA   sing N N 393 
TRP C   O    doub N N 394 
TRP C   OXT  sing N N 395 
TRP CB  CG   sing N N 396 
TRP CB  HB2  sing N N 397 
TRP CB  HB3  sing N N 398 
TRP CG  CD1  doub Y N 399 
TRP CG  CD2  sing Y N 400 
TRP CD1 NE1  sing Y N 401 
TRP CD1 HD1  sing N N 402 
TRP CD2 CE2  doub Y N 403 
TRP CD2 CE3  sing Y N 404 
TRP NE1 CE2  sing Y N 405 
TRP NE1 HE1  sing N N 406 
TRP CE2 CZ2  sing Y N 407 
TRP CE3 CZ3  doub Y N 408 
TRP CE3 HE3  sing N N 409 
TRP CZ2 CH2  doub Y N 410 
TRP CZ2 HZ2  sing N N 411 
TRP CZ3 CH2  sing Y N 412 
TRP CZ3 HZ3  sing N N 413 
TRP CH2 HH2  sing N N 414 
TRP OXT HXT  sing N N 415 
TYR N   CA   sing N N 416 
TYR N   H    sing N N 417 
TYR N   H2   sing N N 418 
TYR CA  C    sing N N 419 
TYR CA  CB   sing N N 420 
TYR CA  HA   sing N N 421 
TYR C   O    doub N N 422 
TYR C   OXT  sing N N 423 
TYR CB  CG   sing N N 424 
TYR CB  HB2  sing N N 425 
TYR CB  HB3  sing N N 426 
TYR CG  CD1  doub Y N 427 
TYR CG  CD2  sing Y N 428 
TYR CD1 CE1  sing Y N 429 
TYR CD1 HD1  sing N N 430 
TYR CD2 CE2  doub Y N 431 
TYR CD2 HD2  sing N N 432 
TYR CE1 CZ   doub Y N 433 
TYR CE1 HE1  sing N N 434 
TYR CE2 CZ   sing Y N 435 
TYR CE2 HE2  sing N N 436 
TYR CZ  OH   sing N N 437 
TYR OH  HH   sing N N 438 
TYR OXT HXT  sing N N 439 
VAL N   CA   sing N N 440 
VAL N   H    sing N N 441 
VAL N   H2   sing N N 442 
VAL CA  C    sing N N 443 
VAL CA  CB   sing N N 444 
VAL CA  HA   sing N N 445 
VAL C   O    doub N N 446 
VAL C   OXT  sing N N 447 
VAL CB  CG1  sing N N 448 
VAL CB  CG2  sing N N 449 
VAL CB  HB   sing N N 450 
VAL CG1 HG11 sing N N 451 
VAL CG1 HG12 sing N N 452 
VAL CG1 HG13 sing N N 453 
VAL CG2 HG21 sing N N 454 
VAL CG2 HG22 sing N N 455 
VAL CG2 HG23 sing N N 456 
VAL OXT HXT  sing N N 457 
# 
_atom_sites.entry_id                    3QZZ 
_atom_sites.fract_transf_matrix[1][1]   -0.00443834 
_atom_sites.fract_transf_matrix[1][2]   0.00441729 
_atom_sites.fract_transf_matrix[1][3]   0.01085937 
_atom_sites.fract_transf_matrix[2][1]   -0.00171789 
_atom_sites.fract_transf_matrix[2][2]   -0.01917731 
_atom_sites.fract_transf_matrix[2][3]   0.00709867 
_atom_sites.fract_transf_matrix[3][1]   0.01692714 
_atom_sites.fract_transf_matrix[3][2]   0.00233839 
_atom_sites.fract_transf_matrix[3][3]   0.01041365 
_atom_sites.fract_transf_vector[1]      -0.098545 
_atom_sites.fract_transf_vector[2]      -0.008873 
_atom_sites.fract_transf_vector[3]      -0.210636 
# 
loop_
_atom_type.symbol 
C  
FE 
N  
O  
S  
# 
loop_
_atom_site.group_PDB 
_atom_site.id 
_atom_site.type_symbol 
_atom_site.label_atom_id 
_atom_site.label_alt_id 
_atom_site.label_comp_id 
_atom_site.label_asym_id 
_atom_site.label_entity_id 
_atom_site.label_seq_id 
_atom_site.pdbx_PDB_ins_code 
_atom_site.Cartn_x 
_atom_site.Cartn_y 
_atom_site.Cartn_z 
_atom_site.occupancy 
_atom_site.B_iso_or_equiv 
_atom_site.pdbx_formal_charge 
_atom_site.auth_seq_id 
_atom_site.auth_comp_id 
_atom_site.auth_asym_id 
_atom_site.auth_atom_id 
_atom_site.pdbx_PDB_model_num 
ATOM   1    N  N   . ILE A 1 6   ? -8.372  -6.774  -13.656 1.00 43.29 ? 6   ILE A N   1 
ATOM   2    C  CA  . ILE A 1 6   ? -7.015  -6.768  -13.030 1.00 43.21 ? 6   ILE A CA  1 
ATOM   3    C  C   . ILE A 1 6   ? -6.838  -7.986  -12.128 1.00 43.06 ? 6   ILE A C   1 
ATOM   4    O  O   . ILE A 1 6   ? -7.370  -8.027  -11.020 1.00 43.23 ? 6   ILE A O   1 
ATOM   5    C  CB  . ILE A 1 6   ? -6.779  -5.495  -12.209 1.00 43.19 ? 6   ILE A CB  1 
ATOM   6    C  CG1 . ILE A 1 6   ? -7.250  -4.259  -12.984 1.00 43.52 ? 6   ILE A CG1 1 
ATOM   7    C  CG2 . ILE A 1 6   ? -5.306  -5.371  -11.841 1.00 44.37 ? 6   ILE A CG2 1 
ATOM   8    C  CD1 . ILE A 1 6   ? -7.362  -3.003  -12.134 1.00 43.05 ? 6   ILE A CD1 1 
ATOM   9    N  N   . PRO A 1 7   ? -6.091  -8.989  -12.610 1.00 42.69 ? 7   PRO A N   1 
ATOM   10   C  CA  . PRO A 1 7   ? -6.159  -10.341 -12.070 1.00 42.49 ? 7   PRO A CA  1 
ATOM   11   C  C   . PRO A 1 7   ? -5.622  -10.426 -10.643 1.00 43.57 ? 7   PRO A C   1 
ATOM   12   O  O   . PRO A 1 7   ? -4.589  -9.821  -10.320 1.00 42.54 ? 7   PRO A O   1 
ATOM   13   C  CB  . PRO A 1 7   ? -5.272  -11.153 -13.023 1.00 43.13 ? 7   PRO A CB  1 
ATOM   14   C  CG  . PRO A 1 7   ? -5.073  -10.283 -14.235 1.00 43.27 ? 7   PRO A CG  1 
ATOM   15   C  CD  . PRO A 1 7   ? -5.144  -8.884  -13.732 1.00 42.63 ? 7   PRO A CD  1 
ATOM   16   N  N   . GLY A 1 8   ? -6.328  -11.175 -9.797  1.00 44.01 ? 8   GLY A N   1 
ATOM   17   C  CA  . GLY A 1 8   ? -5.945  -11.331 -8.402  1.00 43.45 ? 8   GLY A CA  1 
ATOM   18   C  C   . GLY A 1 8   ? -6.505  -10.220 -7.539  1.00 43.79 ? 8   GLY A C   1 
ATOM   19   O  O   . GLY A 1 8   ? -6.746  -10.415 -6.345  1.00 43.98 ? 8   GLY A O   1 
ATOM   20   N  N   . TYR A 1 9   ? -6.711  -9.049  -8.140  1.00 43.69 ? 9   TYR A N   1 
ATOM   21   C  CA  . TYR A 1 9   ? -7.312  -7.917  -7.435  1.00 43.37 ? 9   TYR A CA  1 
ATOM   22   C  C   . TYR A 1 9   ? -8.746  -8.197  -7.016  1.00 43.04 ? 9   TYR A C   1 
ATOM   23   O  O   . TYR A 1 9   ? -9.661  -8.137  -7.836  1.00 42.51 ? 9   TYR A O   1 
ATOM   24   C  CB  . TYR A 1 9   ? -7.297  -6.665  -8.305  1.00 44.02 ? 9   TYR A CB  1 
ATOM   25   C  CG  . TYR A 1 9   ? -8.013  -5.503  -7.659  1.00 44.26 ? 9   TYR A CG  1 
ATOM   26   C  CD1 . TYR A 1 9   ? -7.423  -4.799  -6.617  1.00 44.57 ? 9   TYR A CD1 1 
ATOM   27   C  CD2 . TYR A 1 9   ? -9.282  -5.119  -8.077  1.00 42.65 ? 9   TYR A CD2 1 
ATOM   28   C  CE1 . TYR A 1 9   ? -8.070  -3.736  -6.013  1.00 46.24 ? 9   TYR A CE1 1 
ATOM   29   C  CE2 . TYR A 1 9   ? -9.936  -4.054  -7.480  1.00 44.59 ? 9   TYR A CE2 1 
ATOM   30   C  CZ  . TYR A 1 9   ? -9.324  -3.370  -6.447  1.00 44.99 ? 9   TYR A CZ  1 
ATOM   31   O  OH  . TYR A 1 9   ? -9.957  -2.313  -5.839  1.00 45.80 ? 9   TYR A OH  1 
ATOM   32   N  N   . THR A 1 10  ? -8.936  -8.479  -5.733  1.00 43.12 ? 10  THR A N   1 
ATOM   33   C  CA  . THR A 1 10  ? -10.187 -9.049  -5.246  1.00 42.83 ? 10  THR A CA  1 
ATOM   34   C  C   . THR A 1 10  ? -10.783 -8.246  -4.094  1.00 43.43 ? 10  THR A C   1 
ATOM   35   O  O   . THR A 1 10  ? -11.487 -8.792  -3.245  1.00 44.31 ? 10  THR A O   1 
ATOM   36   C  CB  . THR A 1 10  ? -9.983  -10.495 -4.792  1.00 42.96 ? 10  THR A CB  1 
ATOM   37   O  OG1 . THR A 1 10  ? -8.756  -10.592 -4.060  1.00 40.44 ? 10  THR A OG1 1 
ATOM   38   C  CG2 . THR A 1 10  ? -9.931  -11.424 -5.997  1.00 41.47 ? 10  THR A CG2 1 
ATOM   39   N  N   . TYR A 1 11  ? -10.492 -6.950  -4.072  1.00 44.18 ? 11  TYR A N   1 
ATOM   40   C  CA  . TYR A 1 11  ? -11.196 -6.003  -3.221  1.00 44.95 ? 11  TYR A CA  1 
ATOM   41   C  C   . TYR A 1 11  ? -12.693 -6.208  -3.386  1.00 46.54 ? 11  TYR A C   1 
ATOM   42   O  O   . TYR A 1 11  ? -13.220 -6.097  -4.493  1.00 46.65 ? 11  TYR A O   1 
ATOM   43   C  CB  . TYR A 1 11  ? -10.829 -4.581  -3.642  1.00 44.96 ? 11  TYR A CB  1 
ATOM   44   C  CG  . TYR A 1 11  ? -11.261 -3.489  -2.693  1.00 45.74 ? 11  TYR A CG  1 
ATOM   45   C  CD1 . TYR A 1 11  ? -10.373 -2.493  -2.310  1.00 46.74 ? 11  TYR A CD1 1 
ATOM   46   C  CD2 . TYR A 1 11  ? -12.556 -3.437  -2.191  1.00 48.17 ? 11  TYR A CD2 1 
ATOM   47   C  CE1 . TYR A 1 11  ? -10.754 -1.480  -1.446  1.00 47.39 ? 11  TYR A CE1 1 
ATOM   48   C  CE2 . TYR A 1 11  ? -12.951 -2.425  -1.321  1.00 48.29 ? 11  TYR A CE2 1 
ATOM   49   C  CZ  . TYR A 1 11  ? -12.043 -1.446  -0.956  1.00 48.05 ? 11  TYR A CZ  1 
ATOM   50   O  OH  . TYR A 1 11  ? -12.417 -0.435  -0.096  1.00 46.71 ? 11  TYR A OH  1 
ATOM   51   N  N   . GLY A 1 12  ? -13.372 -6.514  -2.284  1.00 47.98 ? 12  GLY A N   1 
ATOM   52   C  CA  . GLY A 1 12  ? -14.825 -6.642  -2.288  1.00 49.45 ? 12  GLY A CA  1 
ATOM   53   C  C   . GLY A 1 12  ? -15.283 -8.071  -2.081  1.00 50.44 ? 12  GLY A C   1 
ATOM   54   O  O   . GLY A 1 12  ? -16.414 -8.314  -1.653  1.00 50.03 ? 12  GLY A O   1 
ATOM   55   N  N   . GLU A 1 13  ? -14.397 -9.019  -2.375  1.00 51.53 ? 13  GLU A N   1 
ATOM   56   C  CA  . GLU A 1 13  ? -14.786 -10.417 -2.540  1.00 52.56 ? 13  GLU A CA  1 
ATOM   57   C  C   . GLU A 1 13  ? -13.765 -11.363 -1.907  1.00 52.91 ? 13  GLU A C   1 
ATOM   58   O  O   . GLU A 1 13  ? -13.550 -12.477 -2.385  1.00 52.84 ? 13  GLU A O   1 
ATOM   59   C  CB  . GLU A 1 13  ? -14.989 -10.743 -4.024  1.00 52.43 ? 13  GLU A CB  1 
ATOM   60   C  CG  . GLU A 1 13  ? -13.798 -10.394 -4.898  1.00 54.00 ? 13  GLU A CG  1 
ATOM   61   C  CD  . GLU A 1 13  ? -14.166 -10.199 -6.358  1.00 57.33 ? 13  GLU A CD  1 
ATOM   62   O  OE1 . GLU A 1 13  ? -15.376 -10.046 -6.655  1.00 58.96 ? 13  GLU A OE1 1 
ATOM   63   O  OE2 . GLU A 1 13  ? -13.241 -10.195 -7.206  1.00 54.81 ? 13  GLU A OE2 1 
ATOM   64   N  N   . THR A 1 14  ? -13.062 -10.834 -0.882  1.00 53.87 ? 14  THR A N   1 
ATOM   65   C  CA  . THR A 1 14  ? -12.019 -11.546 -0.175  1.00 54.79 ? 14  THR A CA  1 
ATOM   66   C  C   . THR A 1 14  ? -12.562 -12.494 0.846   1.00 55.84 ? 14  THR A C   1 
ATOM   67   O  O   . THR A 1 14  ? -12.175 -13.647 0.957   1.00 55.61 ? 14  THR A O   1 
ATOM   68   C  CB  . THR A 1 14  ? -11.256 -10.555 0.594   1.00 54.72 ? 14  THR A CB  1 
ATOM   69   O  OG1 . THR A 1 14  ? -11.985 -10.245 1.776   1.00 55.27 ? 14  THR A OG1 1 
ATOM   70   C  CG2 . THR A 1 14  ? -11.110 -9.314  -0.217  1.00 53.85 ? 14  THR A CG2 1 
ATOM   71   N  N   . GLU A 1 15  ? -13.485 -11.953 1.610   1.00 56.94 ? 15  GLU A N   1 
ATOM   72   C  CA  . GLU A 1 15  ? -14.722 -12.639 1.930   1.00 57.52 ? 15  GLU A CA  1 
ATOM   73   C  C   . GLU A 1 15  ? -14.548 -13.687 2.989   1.00 57.24 ? 15  GLU A C   1 
ATOM   74   O  O   . GLU A 1 15  ? -15.535 -14.192 3.498   1.00 57.27 ? 15  GLU A O   1 
ATOM   75   C  CB  . GLU A 1 15  ? -15.311 -13.274 0.668   1.00 20.00 ? 15  GLU A CB  1 
ATOM   76   C  CG  . GLU A 1 15  ? -16.651 -13.958 0.885   1.00 20.00 ? 15  GLU A CG  1 
ATOM   77   C  CD  . GLU A 1 15  ? -17.225 -14.532 -0.397  1.00 20.00 ? 15  GLU A CD  1 
ATOM   78   O  OE1 . GLU A 1 15  ? -16.556 -14.429 -1.447  1.00 20.00 ? 15  GLU A OE1 1 
ATOM   79   O  OE2 . GLU A 1 15  ? -18.344 -15.085 -0.354  1.00 20.00 ? 15  GLU A OE2 1 
ATOM   80   N  N   . ASN A 1 16  ? -13.243 -13.911 3.326   1.00 56.26 ? 16  ASN A N   1 
ATOM   81   C  CA  . ASN A 1 16  ? -12.712 -14.043 4.654   1.00 54.94 ? 16  ASN A CA  1 
ATOM   82   C  C   . ASN A 1 16  ? -12.756 -12.669 5.344   1.00 54.05 ? 16  ASN A C   1 
ATOM   83   O  O   . ASN A 1 16  ? -12.710 -11.671 4.687   1.00 53.61 ? 16  ASN A O   1 
ATOM   84   C  CB  . ASN A 1 16  ? -11.299 -14.589 4.414   1.00 55.59 ? 16  ASN A CB  1 
ATOM   85   C  CG  . ASN A 1 16  ? -10.196 -13.755 4.987   1.00 55.64 ? 16  ASN A CG  1 
ATOM   86   O  OD1 . ASN A 1 16  ? -10.126 -13.557 6.171   1.00 55.66 ? 16  ASN A OD1 1 
ATOM   87   N  ND2 . ASN A 1 16  ? -9.300  -13.300 4.135   1.00 56.04 ? 16  ASN A ND2 1 
ATOM   88   N  N   . ARG A 1 17  ? -12.931 -12.653 6.656   1.00 53.09 ? 17  ARG A N   1 
ATOM   89   C  CA  . ARG A 1 17  ? -13.342 -11.457 7.394   1.00 51.89 ? 17  ARG A CA  1 
ATOM   90   C  C   . ARG A 1 17  ? -12.253 -10.937 8.342   1.00 51.11 ? 17  ARG A C   1 
ATOM   91   O  O   . ARG A 1 17  ? -11.605 -11.716 9.047   1.00 50.62 ? 17  ARG A O   1 
ATOM   92   C  CB  . ARG A 1 17  ? -14.649 -11.728 8.148   1.00 52.16 ? 17  ARG A CB  1 
ATOM   93   C  CG  . ARG A 1 17  ? -14.662 -11.311 9.612   1.00 53.54 ? 17  ARG A CG  1 
ATOM   94   C  CD  . ARG A 1 17  ? -14.959 -9.825  9.775   1.00 57.82 ? 17  ARG A CD  1 
ATOM   95   N  NE  . ARG A 1 17  ? -16.376 -9.573  10.018  1.00 61.27 ? 17  ARG A NE  1 
ATOM   96   C  CZ  . ARG A 1 17  ? -16.863 -8.431  10.498  1.00 62.60 ? 17  ARG A CZ  1 
ATOM   97   N  NH1 . ARG A 1 17  ? -16.042 -7.428  10.793  1.00 62.18 ? 17  ARG A NH1 1 
ATOM   98   N  NH2 . ARG A 1 17  ? -18.171 -8.294  10.688  1.00 62.12 ? 17  ARG A NH2 1 
ATOM   99   N  N   . ALA A 1 18  ? -12.076 -9.616  8.362   1.00 49.54 ? 18  ALA A N   1 
ATOM   100  C  CA  . ALA A 1 18  ? -10.906 -8.983  8.971   1.00 48.11 ? 18  ALA A CA  1 
ATOM   101  C  C   . ALA A 1 18  ? -10.950 -8.969  10.500  1.00 47.14 ? 18  ALA A C   1 
ATOM   102  O  O   . ALA A 1 18  ? -11.960 -8.594  11.092  1.00 47.17 ? 18  ALA A O   1 
ATOM   103  C  CB  . ALA A 1 18  ? -10.731 -7.572  8.428   1.00 48.08 ? 18  ALA A CB  1 
ATOM   104  N  N   . PRO A 1 19  ? -9.839  -9.363  11.144  1.00 45.74 ? 19  PRO A N   1 
ATOM   105  C  CA  . PRO A 1 19  ? -9.762  -9.511  12.588  1.00 44.61 ? 19  PRO A CA  1 
ATOM   106  C  C   . PRO A 1 19  ? -9.711  -8.167  13.303  1.00 43.48 ? 19  PRO A C   1 
ATOM   107  O  O   . PRO A 1 19  ? -9.665  -8.127  14.531  1.00 43.49 ? 19  PRO A O   1 
ATOM   108  C  CB  . PRO A 1 19  ? -8.435  -10.241 12.783  1.00 45.13 ? 19  PRO A CB  1 
ATOM   109  C  CG  . PRO A 1 19  ? -7.590  -9.729  11.678  1.00 45.70 ? 19  PRO A CG  1 
ATOM   110  C  CD  . PRO A 1 19  ? -8.537  -9.620  10.504  1.00 46.96 ? 19  PRO A CD  1 
ATOM   111  N  N   . PHE A 1 20  ? -9.707  -7.080  12.540  1.00 41.59 ? 20  PHE A N   1 
ATOM   112  C  CA  . PHE A 1 20  ? -9.952  -5.751  13.097  1.00 40.42 ? 20  PHE A CA  1 
ATOM   113  C  C   . PHE A 1 20  ? -11.270 -5.174  12.590  1.00 40.52 ? 20  PHE A C   1 
ATOM   114  O  O   . PHE A 1 20  ? -11.730 -5.509  11.491  1.00 39.29 ? 20  PHE A O   1 
ATOM   115  C  CB  . PHE A 1 20  ? -8.806  -4.803  12.760  1.00 39.51 ? 20  PHE A CB  1 
ATOM   116  C  CG  . PHE A 1 20  ? -8.022  -5.217  11.553  1.00 37.48 ? 20  PHE A CG  1 
ATOM   117  C  CD1 . PHE A 1 20  ? -6.747  -5.743  11.687  1.00 33.40 ? 20  PHE A CD1 1 
ATOM   118  C  CD2 . PHE A 1 20  ? -8.561  -5.094  10.286  1.00 33.94 ? 20  PHE A CD2 1 
ATOM   119  C  CE1 . PHE A 1 20  ? -6.028  -6.130  10.581  1.00 30.14 ? 20  PHE A CE1 1 
ATOM   120  C  CE2 . PHE A 1 20  ? -7.842  -5.476  9.179   1.00 33.67 ? 20  PHE A CE2 1 
ATOM   121  C  CZ  . PHE A 1 20  ? -6.570  -5.997  9.328   1.00 31.95 ? 20  PHE A CZ  1 
ATOM   122  N  N   . ASN A 1 21  ? -11.870 -4.305  13.399  1.00 40.70 ? 21  ASN A N   1 
ATOM   123  C  CA  . ASN A 1 21  ? -13.176 -3.741  13.086  1.00 41.23 ? 21  ASN A CA  1 
ATOM   124  C  C   . ASN A 1 21  ? -13.174 -2.218  12.979  1.00 40.89 ? 21  ASN A C   1 
ATOM   125  O  O   . ASN A 1 21  ? -12.127 -1.586  12.834  1.00 41.27 ? 21  ASN A O   1 
ATOM   126  C  CB  . ASN A 1 21  ? -14.211 -4.194  14.115  1.00 41.76 ? 21  ASN A CB  1 
ATOM   127  C  CG  . ASN A 1 21  ? -14.275 -3.277  15.315  1.00 44.13 ? 21  ASN A CG  1 
ATOM   128  O  OD1 . ASN A 1 21  ? -15.011 -2.294  15.319  1.00 43.85 ? 21  ASN A OD1 1 
ATOM   129  N  ND2 . ASN A 1 21  ? -13.500 -3.596  16.344  1.00 46.98 ? 21  ASN A ND2 1 
ATOM   130  N  N   . LEU A 1 22  ? -14.363 -1.640  13.058  1.00 40.16 ? 22  LEU A N   1 
ATOM   131  C  CA  . LEU A 1 22  ? -14.596 -0.279  12.611  1.00 39.39 ? 22  LEU A CA  1 
ATOM   132  C  C   . LEU A 1 22  ? -14.399 0.713   13.756  1.00 39.16 ? 22  LEU A C   1 
ATOM   133  O  O   . LEU A 1 22  ? -14.224 1.920   13.535  1.00 38.87 ? 22  LEU A O   1 
ATOM   134  C  CB  . LEU A 1 22  ? -16.012 -0.174  12.048  1.00 39.79 ? 22  LEU A CB  1 
ATOM   135  C  CG  . LEU A 1 22  ? -16.201 -0.896  10.712  1.00 39.97 ? 22  LEU A CG  1 
ATOM   136  C  CD1 . LEU A 1 22  ? -17.663 -1.277  10.497  1.00 37.62 ? 22  LEU A CD1 1 
ATOM   137  C  CD2 . LEU A 1 22  ? -15.682 -0.013  9.569   1.00 38.42 ? 22  LEU A CD2 1 
ATOM   138  N  N   . GLU A 1 23  ? -14.445 0.188   14.975  1.00 37.78 ? 23  GLU A N   1 
ATOM   139  C  CA  . GLU A 1 23  ? -13.998 0.899   16.155  1.00 37.76 ? 23  GLU A CA  1 
ATOM   140  C  C   . GLU A 1 23  ? -12.469 0.906   16.206  1.00 36.64 ? 23  GLU A C   1 
ATOM   141  O  O   . GLU A 1 23  ? -11.854 1.955   16.383  1.00 36.87 ? 23  GLU A O   1 
ATOM   142  C  CB  . GLU A 1 23  ? -14.588 0.240   17.413  1.00 38.73 ? 23  GLU A CB  1 
ATOM   143  C  CG  . GLU A 1 23  ? -14.077 0.794   18.753  1.00 40.67 ? 23  GLU A CG  1 
ATOM   144  C  CD  . GLU A 1 23  ? -14.461 2.254   18.999  1.00 41.66 ? 23  GLU A CD  1 
ATOM   145  O  OE1 . GLU A 1 23  ? -15.572 2.666   18.599  1.00 41.57 ? 23  GLU A OE1 1 
ATOM   146  O  OE2 . GLU A 1 23  ? -13.642 2.985   19.605  1.00 42.88 ? 23  GLU A OE2 1 
ATOM   147  N  N   . ASP A 1 24  ? -11.866 -0.269  16.033  1.00 35.61 ? 24  ASP A N   1 
ATOM   148  C  CA  . ASP A 1 24  ? -10.415 -0.399  15.874  1.00 32.78 ? 24  ASP A CA  1 
ATOM   149  C  C   . ASP A 1 24  ? -9.856  0.621   14.897  1.00 32.56 ? 24  ASP A C   1 
ATOM   150  O  O   . ASP A 1 24  ? -8.824  1.238   15.163  1.00 31.67 ? 24  ASP A O   1 
ATOM   151  C  CB  . ASP A 1 24  ? -10.047 -1.817  15.430  1.00 32.17 ? 24  ASP A CB  1 
ATOM   152  C  CG  . ASP A 1 24  ? -10.435 -2.867  16.462  1.00 31.61 ? 24  ASP A CG  1 
ATOM   153  O  OD1 . ASP A 1 24  ? -10.900 -2.476  17.552  1.00 33.15 ? 24  ASP A OD1 1 
ATOM   154  O  OD2 . ASP A 1 24  ? -10.276 -4.074  16.191  1.00 26.85 ? 24  ASP A OD2 1 
ATOM   155  N  N   . LEU A 1 25  ? -10.536 0.809   13.769  1.00 32.07 ? 25  LEU A N   1 
ATOM   156  C  CA  . LEU A 1 25  ? -10.057 1.750   12.772  1.00 31.76 ? 25  LEU A CA  1 
ATOM   157  C  C   . LEU A 1 25  ? -10.165 3.176   13.304  1.00 33.12 ? 25  LEU A C   1 
ATOM   158  O  O   . LEU A 1 25  ? -9.193  3.928   13.278  1.00 32.96 ? 25  LEU A O   1 
ATOM   159  C  CB  . LEU A 1 25  ? -10.815 1.604   11.444  1.00 30.99 ? 25  LEU A CB  1 
ATOM   160  C  CG  . LEU A 1 25  ? -10.395 2.585   10.336  1.00 25.04 ? 25  LEU A CG  1 
ATOM   161  C  CD1 . LEU A 1 25  ? -8.889  2.576   10.128  1.00 18.11 ? 25  LEU A CD1 1 
ATOM   162  C  CD2 . LEU A 1 25  ? -11.112 2.306   9.032   1.00 22.45 ? 25  LEU A CD2 1 
ATOM   163  N  N   . LYS A 1 26  ? -11.347 3.539   13.792  1.00 34.47 ? 26  LYS A N   1 
ATOM   164  C  CA  . LYS A 1 26  ? -11.571 4.877   14.340  1.00 34.94 ? 26  LYS A CA  1 
ATOM   165  C  C   . LYS A 1 26  ? -10.475 5.261   15.337  1.00 34.65 ? 26  LYS A C   1 
ATOM   166  O  O   . LYS A 1 26  ? -10.031 6.407   15.372  1.00 35.38 ? 26  LYS A O   1 
ATOM   167  C  CB  . LYS A 1 26  ? -12.938 4.960   15.018  1.00 35.24 ? 26  LYS A CB  1 
ATOM   168  C  CG  . LYS A 1 26  ? -13.319 6.363   15.500  1.00 38.38 ? 26  LYS A CG  1 
ATOM   169  C  CD  . LYS A 1 26  ? -14.436 6.312   16.537  1.00 40.62 ? 26  LYS A CD  1 
ATOM   170  C  CE  . LYS A 1 26  ? -14.501 7.598   17.348  1.00 42.65 ? 26  LYS A CE  1 
ATOM   171  N  NZ  . LYS A 1 26  ? -14.354 7.318   18.807  1.00 45.32 ? 26  LYS A NZ  1 
ATOM   172  N  N   . LEU A 1 27  ? -10.045 4.302   16.147  1.00 33.33 ? 27  LEU A N   1 
ATOM   173  C  CA  . LEU A 1 27  ? -9.091  4.580   17.211  1.00 32.87 ? 27  LEU A CA  1 
ATOM   174  C  C   . LEU A 1 27  ? -7.672  4.688   16.669  1.00 31.96 ? 27  LEU A C   1 
ATOM   175  O  O   . LEU A 1 27  ? -6.821  5.337   17.266  1.00 33.02 ? 27  LEU A O   1 
ATOM   176  C  CB  . LEU A 1 27  ? -9.158  3.494   18.287  1.00 32.74 ? 27  LEU A CB  1 
ATOM   177  C  CG  . LEU A 1 27  ? -10.331 3.604   19.252  1.00 31.70 ? 27  LEU A CG  1 
ATOM   178  C  CD1 . LEU A 1 27  ? -10.221 2.557   20.365  1.00 30.28 ? 27  LEU A CD1 1 
ATOM   179  C  CD2 . LEU A 1 27  ? -10.380 5.014   19.823  1.00 33.55 ? 27  LEU A CD2 1 
ATOM   180  N  N   . LEU A 1 28  ? -7.434  4.040   15.537  1.00 30.62 ? 28  LEU A N   1 
ATOM   181  C  CA  . LEU A 1 28  ? -6.158  4.091   14.850  1.00 29.45 ? 28  LEU A CA  1 
ATOM   182  C  C   . LEU A 1 28  ? -6.042  5.361   14.006  1.00 30.19 ? 28  LEU A C   1 
ATOM   183  O  O   . LEU A 1 28  ? -4.990  5.993   13.964  1.00 30.92 ? 28  LEU A O   1 
ATOM   184  C  CB  . LEU A 1 28  ? -6.013  2.850   13.965  1.00 28.58 ? 28  LEU A CB  1 
ATOM   185  C  CG  . LEU A 1 28  ? -4.625  2.328   13.592  1.00 27.20 ? 28  LEU A CG  1 
ATOM   186  C  CD1 . LEU A 1 28  ? -3.654  2.354   14.775  1.00 20.27 ? 28  LEU A CD1 1 
ATOM   187  C  CD2 . LEU A 1 28  ? -4.768  0.918   13.032  1.00 25.26 ? 28  LEU A CD2 1 
ATOM   188  N  N   . LYS A 1 29  ? -7.119  5.720   13.319  1.00 30.21 ? 29  LYS A N   1 
ATOM   189  C  CA  . LYS A 1 29  ? -7.246  7.047   12.745  1.00 31.18 ? 29  LYS A CA  1 
ATOM   190  C  C   . LYS A 1 29  ? -6.737  8.056   13.766  1.00 31.64 ? 29  LYS A C   1 
ATOM   191  O  O   . LYS A 1 29  ? -5.971  8.963   13.438  1.00 31.48 ? 29  LYS A O   1 
ATOM   192  C  CB  . LYS A 1 29  ? -8.713  7.355   12.423  1.00 31.90 ? 29  LYS A CB  1 
ATOM   193  C  CG  . LYS A 1 29  ? -9.295  6.620   11.218  1.00 32.91 ? 29  LYS A CG  1 
ATOM   194  C  CD  . LYS A 1 29  ? -10.797 6.928   11.090  1.00 37.06 ? 29  LYS A CD  1 
ATOM   195  C  CE  . LYS A 1 29  ? -11.330 6.669   9.679   1.00 39.63 ? 29  LYS A CE  1 
ATOM   196  N  NZ  . LYS A 1 29  ? -11.358 7.909   8.833   1.00 39.44 ? 29  LYS A NZ  1 
ATOM   197  N  N   . GLU A 1 30  ? -7.173  7.879   15.008  1.00 31.96 ? 30  GLU A N   1 
ATOM   198  C  CA  . GLU A 1 30  ? -6.902  8.837   16.071  1.00 32.27 ? 30  GLU A CA  1 
ATOM   199  C  C   . GLU A 1 30  ? -5.427  8.822   16.448  1.00 31.07 ? 30  GLU A C   1 
ATOM   200  O  O   . GLU A 1 30  ? -4.816  9.872   16.602  1.00 30.33 ? 30  GLU A O   1 
ATOM   201  C  CB  . GLU A 1 30  ? -7.755  8.530   17.310  1.00 33.34 ? 30  GLU A CB  1 
ATOM   202  C  CG  . GLU A 1 30  ? -9.244  8.777   17.130  1.00 36.31 ? 30  GLU A CG  1 
ATOM   203  C  CD  . GLU A 1 30  ? -10.005 8.790   18.444  1.00 41.20 ? 30  GLU A CD  1 
ATOM   204  O  OE1 . GLU A 1 30  ? -9.364  8.968   19.505  1.00 41.35 ? 30  GLU A OE1 1 
ATOM   205  O  OE2 . GLU A 1 30  ? -11.249 8.631   18.407  1.00 43.51 ? 30  GLU A OE2 1 
ATOM   206  N  N   . ALA A 1 31  ? -4.858  7.627   16.605  1.00 29.34 ? 31  ALA A N   1 
ATOM   207  C  CA  . ALA A 1 31  ? -3.427  7.508   16.877  1.00 27.28 ? 31  ALA A CA  1 
ATOM   208  C  C   . ALA A 1 31  ? -2.599  8.193   15.788  1.00 25.34 ? 31  ALA A C   1 
ATOM   209  O  O   . ALA A 1 31  ? -1.461  8.625   16.025  1.00 24.76 ? 31  ALA A O   1 
ATOM   210  C  CB  . ALA A 1 31  ? -3.026  6.046   17.011  1.00 27.00 ? 31  ALA A CB  1 
ATOM   211  N  N   . VAL A 1 32  ? -3.165  8.281   14.592  1.00 21.83 ? 32  VAL A N   1 
ATOM   212  C  CA  . VAL A 1 32  ? -2.395  8.710   13.447  1.00 20.38 ? 32  VAL A CA  1 
ATOM   213  C  C   . VAL A 1 32  ? -2.737  10.138  13.026  1.00 20.72 ? 32  VAL A C   1 
ATOM   214  O  O   . VAL A 1 32  ? -2.353  10.584  11.949  1.00 20.87 ? 32  VAL A O   1 
ATOM   215  C  CB  . VAL A 1 32  ? -2.477  7.689   12.286  1.00 20.16 ? 32  VAL A CB  1 
ATOM   216  C  CG1 . VAL A 1 32  ? -3.817  7.762   11.545  1.00 19.25 ? 32  VAL A CG1 1 
ATOM   217  C  CG2 . VAL A 1 32  ? -1.335  7.876   11.343  1.00 21.70 ? 32  VAL A CG2 1 
ATOM   218  N  N   . MET A 1 33  ? -3.433  10.851  13.909  1.00 20.66 ? 33  MET A N   1 
ATOM   219  C  CA  . MET A 1 33  ? -3.939  12.202  13.646  1.00 22.06 ? 33  MET A CA  1 
ATOM   220  C  C   . MET A 1 33  ? -4.843  12.357  12.418  1.00 23.18 ? 33  MET A C   1 
ATOM   221  O  O   . MET A 1 33  ? -4.871  13.420  11.806  1.00 23.09 ? 33  MET A O   1 
ATOM   222  C  CB  . MET A 1 33  ? -2.796  13.221  13.589  1.00 20.69 ? 33  MET A CB  1 
ATOM   223  C  CG  . MET A 1 33  ? -2.471  13.854  14.930  1.00 17.42 ? 33  MET A CG  1 
ATOM   224  S  SD  . MET A 1 33  ? -0.701  13.826  15.317  1.00 23.87 ? 33  MET A SD  1 
ATOM   225  C  CE  . MET A 1 33  ? -0.717  14.345  17.030  1.00 19.94 ? 33  MET A CE  1 
ATOM   226  N  N   . PHE A 1 34  ? -5.571  11.310  12.051  1.00 24.85 ? 34  PHE A N   1 
ATOM   227  C  CA  . PHE A 1 34  ? -6.352  11.344  10.799  1.00 27.29 ? 34  PHE A CA  1 
ATOM   228  C  C   . PHE A 1 34  ? -7.798  11.703  11.107  1.00 28.79 ? 34  PHE A C   1 
ATOM   229  O  O   . PHE A 1 34  ? -8.463  11.049  11.928  1.00 28.69 ? 34  PHE A O   1 
ATOM   230  C  CB  . PHE A 1 34  ? -6.267  9.991   10.080  1.00 26.72 ? 34  PHE A CB  1 
ATOM   231  C  CG  . PHE A 1 34  ? -6.864  9.968   8.689   1.00 21.65 ? 34  PHE A CG  1 
ATOM   232  C  CD1 . PHE A 1 34  ? -6.053  9.797   7.580   1.00 16.34 ? 34  PHE A CD1 1 
ATOM   233  C  CD2 . PHE A 1 34  ? -8.234  10.026  8.496   1.00 21.46 ? 34  PHE A CD2 1 
ATOM   234  C  CE1 . PHE A 1 34  ? -6.591  9.725   6.308   1.00 15.79 ? 34  PHE A CE1 1 
ATOM   235  C  CE2 . PHE A 1 34  ? -8.786  9.963   7.215   1.00 13.85 ? 34  PHE A CE2 1 
ATOM   236  C  CZ  . PHE A 1 34  ? -7.962  9.808   6.127   1.00 17.93 ? 34  PHE A CZ  1 
ATOM   237  N  N   . THR A 1 35  ? -8.273  12.763  10.464  1.00 29.48 ? 35  THR A N   1 
ATOM   238  C  CA  . THR A 1 35  ? -9.592  13.298  10.762  1.00 31.73 ? 35  THR A CA  1 
ATOM   239  C  C   . THR A 1 35  ? -10.493 13.221  9.525   1.00 33.45 ? 35  THR A C   1 
ATOM   240  O  O   . THR A 1 35  ? -10.260 12.391  8.643   1.00 35.04 ? 35  THR A O   1 
ATOM   241  C  CB  . THR A 1 35  ? -9.512  14.718  11.394  1.00 30.65 ? 35  THR A CB  1 
ATOM   242  O  OG1 . THR A 1 35  ? -9.191  15.692  10.391  1.00 32.40 ? 35  THR A OG1 1 
ATOM   243  C  CG2 . THR A 1 35  ? -8.433  14.754  12.467  1.00 30.12 ? 35  THR A CG2 1 
ATOM   244  N  N   . ALA A 1 36  ? -11.530 14.047  9.461   1.00 34.29 ? 36  ALA A N   1 
ATOM   245  C  CA  . ALA A 1 36  ? -12.291 14.179  8.225   1.00 36.63 ? 36  ALA A CA  1 
ATOM   246  C  C   . ALA A 1 36  ? -11.633 15.233  7.343   1.00 38.02 ? 36  ALA A C   1 
ATOM   247  O  O   . ALA A 1 36  ? -11.979 15.390  6.172   1.00 37.93 ? 36  ALA A O   1 
ATOM   248  C  CB  . ALA A 1 36  ? -13.743 14.545  8.515   1.00 36.12 ? 36  ALA A CB  1 
ATOM   249  N  N   . GLU A 1 37  ? -10.677 15.952  7.920   1.00 39.63 ? 37  GLU A N   1 
ATOM   250  C  CA  . GLU A 1 37  ? -10.008 17.039  7.218   1.00 41.81 ? 37  GLU A CA  1 
ATOM   251  C  C   . GLU A 1 37  ? -8.959  16.487  6.276   1.00 42.23 ? 37  GLU A C   1 
ATOM   252  O  O   . GLU A 1 37  ? -8.592  17.137  5.300   1.00 41.69 ? 37  GLU A O   1 
ATOM   253  C  CB  . GLU A 1 37  ? -9.365  18.000  8.215   1.00 42.24 ? 37  GLU A CB  1 
ATOM   254  C  CG  . GLU A 1 37  ? -10.344 18.995  8.815   1.00 43.22 ? 37  GLU A CG  1 
ATOM   255  C  CD  . GLU A 1 37  ? -10.502 20.224  7.952   1.00 44.57 ? 37  GLU A CD  1 
ATOM   256  O  OE1 . GLU A 1 37  ? -9.478  20.896  7.694   1.00 42.21 ? 37  GLU A OE1 1 
ATOM   257  O  OE2 . GLU A 1 37  ? -11.644 20.508  7.525   1.00 46.56 ? 37  GLU A OE2 1 
ATOM   258  N  N   . ASP A 1 38  ? -8.484  15.281  6.579   1.00 43.75 ? 38  ASP A N   1 
ATOM   259  C  CA  . ASP A 1 38  ? -7.621  14.536  5.669   1.00 44.53 ? 38  ASP A CA  1 
ATOM   260  C  C   . ASP A 1 38  ? -8.494  13.790  4.664   1.00 44.86 ? 38  ASP A C   1 
ATOM   261  O  O   . ASP A 1 38  ? -8.104  13.599  3.513   1.00 45.41 ? 38  ASP A O   1 
ATOM   262  C  CB  . ASP A 1 38  ? -6.743  13.542  6.442   1.00 44.54 ? 38  ASP A CB  1 
ATOM   263  C  CG  . ASP A 1 38  ? -6.021  14.182  7.617   1.00 44.96 ? 38  ASP A CG  1 
ATOM   264  O  OD1 . ASP A 1 38  ? -4.916  14.723  7.413   1.00 42.78 ? 38  ASP A OD1 1 
ATOM   265  O  OD2 . ASP A 1 38  ? -6.554  14.135  8.749   1.00 45.51 ? 38  ASP A OD2 1 
ATOM   266  N  N   . GLU A 1 39  ? -9.674  13.372  5.111   1.00 45.15 ? 39  GLU A N   1 
ATOM   267  C  CA  . GLU A 1 39  ? -10.640 12.696  4.243   1.00 45.59 ? 39  GLU A CA  1 
ATOM   268  C  C   . GLU A 1 39  ? -10.797 13.433  2.910   1.00 45.01 ? 39  GLU A C   1 
ATOM   269  O  O   . GLU A 1 39  ? -10.533 12.870  1.853   1.00 45.03 ? 39  GLU A O   1 
ATOM   270  C  CB  . GLU A 1 39  ? -11.994 12.548  4.951   1.00 45.52 ? 39  GLU A CB  1 
ATOM   271  C  CG  . GLU A 1 39  ? -12.625 11.162  4.843   1.00 49.00 ? 39  GLU A CG  1 
ATOM   272  C  CD  . GLU A 1 39  ? -13.746 10.937  5.858   1.00 52.98 ? 39  GLU A CD  1 
ATOM   273  O  OE1 . GLU A 1 39  ? -13.499 11.107  7.074   1.00 52.96 ? 39  GLU A OE1 1 
ATOM   274  O  OE2 . GLU A 1 39  ? -14.876 10.586  5.445   1.00 53.25 ? 39  GLU A OE2 1 
ATOM   275  N  N   . GLU A 1 40  ? -11.203 14.697  2.964   1.00 45.24 ? 40  GLU A N   1 
ATOM   276  C  CA  . GLU A 1 40  ? -11.221 15.539  1.768   1.00 45.62 ? 40  GLU A CA  1 
ATOM   277  C  C   . GLU A 1 40  ? -9.909  15.471  1.004   1.00 45.44 ? 40  GLU A C   1 
ATOM   278  O  O   . GLU A 1 40  ? -9.890  15.258  -0.208  1.00 45.98 ? 40  GLU A O   1 
ATOM   279  C  CB  . GLU A 1 40  ? -11.493 17.000  2.123   1.00 45.59 ? 40  GLU A CB  1 
ATOM   280  C  CG  . GLU A 1 40  ? -10.994 17.970  1.054   1.00 46.44 ? 40  GLU A CG  1 
ATOM   281  C  CD  . GLU A 1 40  ? -10.961 19.409  1.524   1.00 48.69 ? 40  GLU A CD  1 
ATOM   282  O  OE1 . GLU A 1 40  ? -11.213 19.656  2.721   1.00 50.39 ? 40  GLU A OE1 1 
ATOM   283  O  OE2 . GLU A 1 40  ? -10.683 20.298  0.691   1.00 50.95 ? 40  GLU A OE2 1 
ATOM   284  N  N   . TYR A 1 41  ? -8.812  15.676  1.718   1.00 45.81 ? 41  TYR A N   1 
ATOM   285  C  CA  . TYR A 1 41  ? -7.553  16.015  1.080   1.00 45.63 ? 41  TYR A CA  1 
ATOM   286  C  C   . TYR A 1 41  ? -6.795  14.801  0.573   1.00 46.14 ? 41  TYR A C   1 
ATOM   287  O  O   . TYR A 1 41  ? -5.874  14.933  -0.227  1.00 45.73 ? 41  TYR A O   1 
ATOM   288  C  CB  . TYR A 1 41  ? -6.684  16.844  2.017   1.00 45.69 ? 41  TYR A CB  1 
ATOM   289  C  CG  . TYR A 1 41  ? -6.958  18.324  1.909   1.00 45.05 ? 41  TYR A CG  1 
ATOM   290  C  CD1 . TYR A 1 41  ? -7.799  18.965  2.810   1.00 42.80 ? 41  TYR A CD1 1 
ATOM   291  C  CD2 . TYR A 1 41  ? -6.381  19.078  0.897   1.00 43.88 ? 41  TYR A CD2 1 
ATOM   292  C  CE1 . TYR A 1 41  ? -8.051  20.323  2.709   1.00 45.95 ? 41  TYR A CE1 1 
ATOM   293  C  CE2 . TYR A 1 41  ? -6.629  20.434  0.787   1.00 45.78 ? 41  TYR A CE2 1 
ATOM   294  C  CZ  . TYR A 1 41  ? -7.463  21.052  1.692   1.00 45.27 ? 41  TYR A CZ  1 
ATOM   295  O  OH  . TYR A 1 41  ? -7.700  22.401  1.576   1.00 47.69 ? 41  TYR A OH  1 
ATOM   296  N  N   . ILE A 1 42  ? -7.183  13.617  1.037   1.00 46.78 ? 42  ILE A N   1 
ATOM   297  C  CA  . ILE A 1 42  ? -6.767  12.400  0.364   1.00 47.97 ? 42  ILE A CA  1 
ATOM   298  C  C   . ILE A 1 42  ? -7.438  12.279  -1.006  1.00 49.80 ? 42  ILE A C   1 
ATOM   299  O  O   . ILE A 1 42  ? -6.756  12.073  -2.010  1.00 50.56 ? 42  ILE A O   1 
ATOM   300  C  CB  . ILE A 1 42  ? -6.972  11.136  1.235   1.00 46.98 ? 42  ILE A CB  1 
ATOM   301  C  CG1 . ILE A 1 42  ? -5.942  10.068  0.866   1.00 46.02 ? 42  ILE A CG1 1 
ATOM   302  C  CG2 . ILE A 1 42  ? -8.382  10.603  1.119   1.00 46.27 ? 42  ILE A CG2 1 
ATOM   303  C  CD1 . ILE A 1 42  ? -4.493  10.551  0.932   1.00 43.18 ? 42  ILE A CD1 1 
ATOM   304  N  N   . GLN A 1 43  ? -8.761  12.443  -1.046  1.00 50.94 ? 43  GLN A N   1 
ATOM   305  C  CA  . GLN A 1 43  ? -9.505  12.455  -2.312  1.00 52.67 ? 43  GLN A CA  1 
ATOM   306  C  C   . GLN A 1 43  ? -8.882  13.389  -3.355  1.00 53.41 ? 43  GLN A C   1 
ATOM   307  O  O   . GLN A 1 43  ? -8.699  13.007  -4.511  1.00 53.19 ? 43  GLN A O   1 
ATOM   308  C  CB  . GLN A 1 43  ? -10.970 12.847  -2.080  1.00 52.82 ? 43  GLN A CB  1 
ATOM   309  C  CG  . GLN A 1 43  ? -11.722 11.988  -1.062  1.00 54.32 ? 43  GLN A CG  1 
ATOM   310  C  CD  . GLN A 1 43  ? -13.096 12.560  -0.716  1.00 56.77 ? 43  GLN A CD  1 
ATOM   311  O  OE1 . GLN A 1 43  ? -13.709 13.264  -1.523  1.00 57.61 ? 43  GLN A OE1 1 
ATOM   312  N  NE2 . GLN A 1 43  ? -13.583 12.257  0.485   1.00 54.62 ? 43  GLN A NE2 1 
ATOM   313  N  N   . LYS A 1 44  ? -8.565  14.615  -2.944  1.00 54.63 ? 44  LYS A N   1 
ATOM   314  C  CA  . LYS A 1 44  ? -8.019  15.619  -3.858  1.00 55.62 ? 44  LYS A CA  1 
ATOM   315  C  C   . LYS A 1 44  ? -6.671  15.183  -4.425  1.00 56.44 ? 44  LYS A C   1 
ATOM   316  O  O   . LYS A 1 44  ? -6.259  15.646  -5.490  1.00 56.68 ? 44  LYS A O   1 
ATOM   317  C  CB  . LYS A 1 44  ? -7.857  16.966  -3.154  1.00 55.51 ? 44  LYS A CB  1 
ATOM   318  C  CG  . LYS A 1 44  ? -9.137  17.765  -3.011  1.00 56.45 ? 44  LYS A CG  1 
ATOM   319  C  CD  . LYS A 1 44  ? -8.851  19.135  -2.405  1.00 57.90 ? 44  LYS A CD  1 
ATOM   320  C  CE  . LYS A 1 44  ? -10.062 20.051  -2.479  1.00 58.63 ? 44  LYS A CE  1 
ATOM   321  N  NZ  . LYS A 1 44  ? -9.990  21.141  -1.465  1.00 58.48 ? 44  LYS A NZ  1 
ATOM   322  N  N   . ALA A 1 45  ? -5.982  14.304  -3.705  1.00 56.99 ? 45  ALA A N   1 
ATOM   323  C  CA  . ALA A 1 45  ? -4.708  13.781  -4.172  1.00 57.67 ? 45  ALA A CA  1 
ATOM   324  C  C   . ALA A 1 45  ? -4.927  12.757  -5.278  1.00 58.00 ? 45  ALA A C   1 
ATOM   325  O  O   . ALA A 1 45  ? -4.045  12.521  -6.102  1.00 57.65 ? 45  ALA A O   1 
ATOM   326  C  CB  . ALA A 1 45  ? -3.924  13.176  -3.021  1.00 57.97 ? 45  ALA A CB  1 
ATOM   327  N  N   . GLY A 1 46  ? -6.114  12.157  -5.290  1.00 58.77 ? 46  GLY A N   1 
ATOM   328  C  CA  . GLY A 1 46  ? -6.549  11.324  -6.406  1.00 59.20 ? 46  GLY A CA  1 
ATOM   329  C  C   . GLY A 1 46  ? -6.537  12.091  -7.712  1.00 59.78 ? 46  GLY A C   1 
ATOM   330  O  O   . GLY A 1 46  ? -5.664  11.881  -8.552  1.00 59.91 ? 46  GLY A O   1 
ATOM   331  N  N   . GLU A 1 47  ? -7.505  12.991  -7.875  1.00 60.54 ? 47  GLU A N   1 
ATOM   332  C  CA  . GLU A 1 47  ? -7.640  13.782  -9.100  1.00 61.06 ? 47  GLU A CA  1 
ATOM   333  C  C   . GLU A 1 47  ? -6.331  14.464  -9.491  1.00 60.76 ? 47  GLU A C   1 
ATOM   334  O  O   . GLU A 1 47  ? -6.196  14.990  -10.600 1.00 61.27 ? 47  GLU A O   1 
ATOM   335  C  CB  . GLU A 1 47  ? -8.756  14.823  -8.952  1.00 61.44 ? 47  GLU A CB  1 
ATOM   336  C  CG  . GLU A 1 47  ? -10.166 14.241  -8.984  1.00 63.53 ? 47  GLU A CG  1 
ATOM   337  C  CD  . GLU A 1 47  ? -11.062 14.902  -10.031 1.00 66.17 ? 47  GLU A CD  1 
ATOM   338  O  OE1 . GLU A 1 47  ? -12.242 15.178  -9.719  1.00 64.01 ? 47  GLU A OE1 1 
ATOM   339  O  OE2 . GLU A 1 47  ? -10.590 15.139  -11.165 1.00 67.93 ? 47  GLU A OE2 1 
ATOM   340  N  N   . VAL A 1 48  ? -5.371  14.451  -8.570  1.00 60.12 ? 48  VAL A N   1 
ATOM   341  C  CA  . VAL A 1 48  ? -4.026  14.930  -8.849  1.00 59.59 ? 48  VAL A CA  1 
ATOM   342  C  C   . VAL A 1 48  ? -3.136  13.817  -9.387  1.00 59.40 ? 48  VAL A C   1 
ATOM   343  O  O   . VAL A 1 48  ? -2.676  13.886  -10.528 1.00 60.30 ? 48  VAL A O   1 
ATOM   344  C  CB  . VAL A 1 48  ? -3.377  15.551  -7.599  1.00 59.71 ? 48  VAL A CB  1 
ATOM   345  C  CG1 . VAL A 1 48  ? -1.909  15.870  -7.856  1.00 59.28 ? 48  VAL A CG1 1 
ATOM   346  C  CG2 . VAL A 1 48  ? -4.135  16.801  -7.179  1.00 59.85 ? 48  VAL A CG2 1 
ATOM   347  N  N   . LEU A 1 49  ? -2.897  12.796  -8.564  1.00 58.32 ? 49  LEU A N   1 
ATOM   348  C  CA  . LEU A 1 49  ? -1.975  11.713  -8.912  1.00 57.60 ? 49  LEU A CA  1 
ATOM   349  C  C   . LEU A 1 49  ? -2.564  10.796  -9.986  1.00 57.13 ? 49  LEU A C   1 
ATOM   350  O  O   . LEU A 1 49  ? -1.922  9.830   -10.422 1.00 56.74 ? 49  LEU A O   1 
ATOM   351  C  CB  . LEU A 1 49  ? -1.618  10.890  -7.669  1.00 57.88 ? 49  LEU A CB  1 
ATOM   352  C  CG  . LEU A 1 49  ? -0.863  11.575  -6.524  1.00 58.23 ? 49  LEU A CG  1 
ATOM   353  C  CD1 . LEU A 1 49  ? -0.836  10.695  -5.274  1.00 57.19 ? 49  LEU A CD1 1 
ATOM   354  C  CD2 . LEU A 1 49  ? 0.547   11.952  -6.949  1.00 58.52 ? 49  LEU A CD2 1 
ATOM   355  N  N   . GLU A 1 50  ? -3.785  11.111  -10.409 1.00 56.17 ? 50  GLU A N   1 
ATOM   356  C  CA  . GLU A 1 50  ? -4.589  10.216  -11.231 1.00 55.46 ? 50  GLU A CA  1 
ATOM   357  C  C   . GLU A 1 50  ? -3.916  9.889   -12.556 1.00 54.85 ? 50  GLU A C   1 
ATOM   358  O  O   . GLU A 1 50  ? -3.775  8.723   -12.919 1.00 54.57 ? 50  GLU A O   1 
ATOM   359  C  CB  . GLU A 1 50  ? -5.965  10.829  -11.479 1.00 55.51 ? 50  GLU A CB  1 
ATOM   360  C  CG  . GLU A 1 50  ? -6.904  9.940   -12.261 1.00 57.34 ? 50  GLU A CG  1 
ATOM   361  C  CD  . GLU A 1 50  ? -7.674  10.709  -13.308 1.00 59.50 ? 50  GLU A CD  1 
ATOM   362  O  OE1 . GLU A 1 50  ? -8.679  11.359  -12.948 1.00 61.82 ? 50  GLU A OE1 1 
ATOM   363  O  OE2 . GLU A 1 50  ? -7.269  10.669  -14.489 1.00 59.01 ? 50  GLU A OE2 1 
ATOM   364  N  N   . ASP A 1 51  ? -3.497  10.924  -13.277 1.00 54.35 ? 51  ASP A N   1 
ATOM   365  C  CA  . ASP A 1 51  ? -2.991  10.749  -14.628 1.00 53.95 ? 51  ASP A CA  1 
ATOM   366  C  C   . ASP A 1 51  ? -1.508  10.385  -14.677 1.00 53.27 ? 51  ASP A C   1 
ATOM   367  O  O   . ASP A 1 51  ? -0.989  10.039  -15.739 1.00 53.32 ? 51  ASP A O   1 
ATOM   368  C  CB  . ASP A 1 51  ? -3.265  11.995  -15.468 1.00 54.71 ? 51  ASP A CB  1 
ATOM   369  C  CG  . ASP A 1 51  ? -3.047  13.284  -14.693 1.00 58.32 ? 51  ASP A CG  1 
ATOM   370  O  OD1 . ASP A 1 51  ? -3.401  13.332  -13.492 1.00 61.08 ? 51  ASP A OD1 1 
ATOM   371  O  OD2 . ASP A 1 51  ? -2.527  14.254  -15.290 1.00 60.96 ? 51  ASP A OD2 1 
ATOM   372  N  N   . GLN A 1 52  ? -0.828  10.452  -13.536 1.00 52.14 ? 52  GLN A N   1 
ATOM   373  C  CA  . GLN A 1 52  ? 0.614   10.226  -13.509 1.00 51.41 ? 52  GLN A CA  1 
ATOM   374  C  C   . GLN A 1 52  ? 0.998   8.871   -12.933 1.00 51.30 ? 52  GLN A C   1 
ATOM   375  O  O   . GLN A 1 52  ? 2.178   8.580   -12.740 1.00 51.21 ? 52  GLN A O   1 
ATOM   376  C  CB  . GLN A 1 52  ? 1.317   11.323  -12.724 1.00 51.68 ? 52  GLN A CB  1 
ATOM   377  C  CG  . GLN A 1 52  ? 0.585   12.646  -12.705 1.00 51.79 ? 52  GLN A CG  1 
ATOM   378  C  CD  . GLN A 1 52  ? 1.211   13.617  -11.729 1.00 51.62 ? 52  GLN A CD  1 
ATOM   379  O  OE1 . GLN A 1 52  ? 0.517   14.253  -10.931 1.00 50.40 ? 52  GLN A OE1 1 
ATOM   380  N  NE2 . GLN A 1 52  ? 2.536   13.729  -11.779 1.00 50.20 ? 52  GLN A NE2 1 
ATOM   381  N  N   . VAL A 1 53  ? 0.002   8.041   -12.656 1.00 51.32 ? 53  VAL A N   1 
ATOM   382  C  CA  . VAL A 1 53  ? 0.247   6.753   -12.022 1.00 51.77 ? 53  VAL A CA  1 
ATOM   383  C  C   . VAL A 1 53  ? 1.482   6.049   -12.598 1.00 51.78 ? 53  VAL A C   1 
ATOM   384  O  O   . VAL A 1 53  ? 2.357   5.603   -11.854 1.00 51.11 ? 53  VAL A O   1 
ATOM   385  C  CB  . VAL A 1 53  ? -0.981  5.840   -12.131 1.00 51.57 ? 53  VAL A CB  1 
ATOM   386  C  CG1 . VAL A 1 53  ? -0.654  4.453   -11.634 1.00 52.98 ? 53  VAL A CG1 1 
ATOM   387  C  CG2 . VAL A 1 53  ? -2.137  6.422   -11.344 1.00 53.70 ? 53  VAL A CG2 1 
ATOM   388  N  N   . GLU A 1 54  ? 1.554   5.958   -13.921 1.00 52.22 ? 54  GLU A N   1 
ATOM   389  C  CA  . GLU A 1 54  ? 2.632   5.222   -14.576 1.00 52.42 ? 54  GLU A CA  1 
ATOM   390  C  C   . GLU A 1 54  ? 4.015   5.826   -14.323 1.00 52.32 ? 54  GLU A C   1 
ATOM   391  O  O   . GLU A 1 54  ? 4.973   5.105   -14.040 1.00 52.62 ? 54  GLU A O   1 
ATOM   392  C  CB  . GLU A 1 54  ? 2.365   5.091   -16.078 1.00 52.70 ? 54  GLU A CB  1 
ATOM   393  C  CG  . GLU A 1 54  ? 1.139   4.248   -16.423 1.00 52.98 ? 54  GLU A CG  1 
ATOM   394  C  CD  . GLU A 1 54  ? 1.323   2.766   -16.111 1.00 53.49 ? 54  GLU A CD  1 
ATOM   395  O  OE1 . GLU A 1 54  ? 2.360   2.194   -16.514 1.00 52.99 ? 54  GLU A OE1 1 
ATOM   396  O  OE2 . GLU A 1 54  ? 0.427   2.171   -15.469 1.00 51.12 ? 54  GLU A OE2 1 
ATOM   397  N  N   . GLU A 1 55  ? 4.120   7.148   -14.422 1.00 51.96 ? 55  GLU A N   1 
ATOM   398  C  CA  . GLU A 1 55  ? 5.385   7.825   -14.158 1.00 51.83 ? 55  GLU A CA  1 
ATOM   399  C  C   . GLU A 1 55  ? 5.777   7.621   -12.702 1.00 51.48 ? 55  GLU A C   1 
ATOM   400  O  O   . GLU A 1 55  ? 6.961   7.571   -12.362 1.00 51.00 ? 55  GLU A O   1 
ATOM   401  C  CB  . GLU A 1 55  ? 5.275   9.322   -14.463 1.00 52.44 ? 55  GLU A CB  1 
ATOM   402  C  CG  . GLU A 1 55  ? 4.766   9.645   -15.857 1.00 53.93 ? 55  GLU A CG  1 
ATOM   403  C  CD  . GLU A 1 55  ? 3.248   9.640   -15.940 1.00 56.08 ? 55  GLU A CD  1 
ATOM   404  O  OE1 . GLU A 1 55  ? 2.635   8.572   -15.712 1.00 56.93 ? 55  GLU A OE1 1 
ATOM   405  O  OE2 . GLU A 1 55  ? 2.667   10.707  -16.232 1.00 57.37 ? 55  GLU A OE2 1 
ATOM   406  N  N   . ILE A 1 56  ? 4.762   7.510   -11.849 1.00 51.07 ? 56  ILE A N   1 
ATOM   407  C  CA  . ILE A 1 56  ? 4.956   7.178   -10.443 1.00 50.73 ? 56  ILE A CA  1 
ATOM   408  C  C   . ILE A 1 56  ? 5.553   5.784   -10.295 1.00 50.20 ? 56  ILE A C   1 
ATOM   409  O  O   . ILE A 1 56  ? 6.557   5.594   -9.607  1.00 49.87 ? 56  ILE A O   1 
ATOM   410  C  CB  . ILE A 1 56  ? 3.627   7.276   -9.653  1.00 50.59 ? 56  ILE A CB  1 
ATOM   411  C  CG1 . ILE A 1 56  ? 3.383   8.721   -9.198  1.00 50.92 ? 56  ILE A CG1 1 
ATOM   412  C  CG2 . ILE A 1 56  ? 3.636   6.336   -8.454  1.00 50.31 ? 56  ILE A CG2 1 
ATOM   413  C  CD1 . ILE A 1 56  ? 1.912   9.111   -9.104  1.00 50.87 ? 56  ILE A CD1 1 
ATOM   414  N  N   . LEU A 1 57  ? 4.937   4.812   -10.951 1.00 49.97 ? 57  LEU A N   1 
ATOM   415  C  CA  . LEU A 1 57  ? 5.429   3.445   -10.888 1.00 50.52 ? 57  LEU A CA  1 
ATOM   416  C  C   . LEU A 1 57  ? 6.882   3.357   -11.351 1.00 50.43 ? 57  LEU A C   1 
ATOM   417  O  O   . LEU A 1 57  ? 7.650   2.543   -10.844 1.00 50.34 ? 57  LEU A O   1 
ATOM   418  C  CB  . LEU A 1 57  ? 4.541   2.515   -11.713 1.00 50.04 ? 57  LEU A CB  1 
ATOM   419  C  CG  . LEU A 1 57  ? 3.225   2.080   -11.065 1.00 50.48 ? 57  LEU A CG  1 
ATOM   420  C  CD1 . LEU A 1 57  ? 3.041   2.715   -9.696  1.00 51.49 ? 57  LEU A CD1 1 
ATOM   421  C  CD2 . LEU A 1 57  ? 2.048   2.407   -11.975 1.00 50.41 ? 57  LEU A CD2 1 
ATOM   422  N  N   . ASP A 1 58  ? 7.256   4.210   -12.301 1.00 50.56 ? 58  ASP A N   1 
ATOM   423  C  CA  . ASP A 1 58  ? 8.601   4.188   -12.861 1.00 50.98 ? 58  ASP A CA  1 
ATOM   424  C  C   . ASP A 1 58  ? 9.649   4.720   -11.883 1.00 51.38 ? 58  ASP A C   1 
ATOM   425  O  O   . ASP A 1 58  ? 10.794  4.263   -11.878 1.00 51.24 ? 58  ASP A O   1 
ATOM   426  C  CB  . ASP A 1 58  ? 8.650   4.963   -14.178 1.00 51.19 ? 58  ASP A CB  1 
ATOM   427  C  CG  . ASP A 1 58  ? 7.757   4.353   -15.256 1.00 52.70 ? 58  ASP A CG  1 
ATOM   428  O  OD1 . ASP A 1 58  ? 7.245   3.228   -15.061 1.00 52.53 ? 58  ASP A OD1 1 
ATOM   429  O  OD2 . ASP A 1 58  ? 7.569   5.006   -16.306 1.00 52.52 ? 58  ASP A OD2 1 
ATOM   430  N  N   . THR A 1 59  ? 9.254   5.686   -11.055 1.00 51.50 ? 59  THR A N   1 
ATOM   431  C  CA  . THR A 1 59  ? 10.125  6.191   -9.996  1.00 51.09 ? 59  THR A CA  1 
ATOM   432  C  C   . THR A 1 59  ? 10.133  5.212   -8.829  1.00 51.86 ? 59  THR A C   1 
ATOM   433  O  O   . THR A 1 59  ? 11.141  5.058   -8.134  1.00 51.92 ? 59  THR A O   1 
ATOM   434  C  CB  . THR A 1 59  ? 9.676   7.584   -9.502  1.00 50.84 ? 59  THR A CB  1 
ATOM   435  O  OG1 . THR A 1 59  ? 9.578   8.477   -10.615 1.00 48.62 ? 59  THR A OG1 1 
ATOM   436  C  CG2 . THR A 1 59  ? 10.672  8.154   -8.502  1.00 50.35 ? 59  THR A CG2 1 
ATOM   437  N  N   . TRP A 1 60  ? 9.002   4.547   -8.623  1.00 52.35 ? 60  TRP A N   1 
ATOM   438  C  CA  . TRP A 1 60  ? 8.921   3.502   -7.616  1.00 53.00 ? 60  TRP A CA  1 
ATOM   439  C  C   . TRP A 1 60  ? 9.869   2.364   -7.961  1.00 52.82 ? 60  TRP A C   1 
ATOM   440  O  O   . TRP A 1 60  ? 10.675  1.939   -7.135  1.00 52.80 ? 60  TRP A O   1 
ATOM   441  C  CB  . TRP A 1 60  ? 7.487   2.981   -7.482  1.00 53.00 ? 60  TRP A CB  1 
ATOM   442  C  CG  . TRP A 1 60  ? 7.320   1.980   -6.379  1.00 55.09 ? 60  TRP A CG  1 
ATOM   443  C  CD1 . TRP A 1 60  ? 6.563   0.844   -6.409  1.00 56.11 ? 60  TRP A CD1 1 
ATOM   444  C  CD2 . TRP A 1 60  ? 7.931   2.021   -5.082  1.00 57.27 ? 60  TRP A CD2 1 
ATOM   445  N  NE1 . TRP A 1 60  ? 6.664   0.175   -5.210  1.00 56.86 ? 60  TRP A NE1 1 
ATOM   446  C  CE2 . TRP A 1 60  ? 7.497   0.878   -4.380  1.00 57.05 ? 60  TRP A CE2 1 
ATOM   447  C  CE3 . TRP A 1 60  ? 8.801   2.914   -4.445  1.00 59.04 ? 60  TRP A CE3 1 
ATOM   448  C  CZ2 . TRP A 1 60  ? 7.904   0.606   -3.077  1.00 58.29 ? 60  TRP A CZ2 1 
ATOM   449  C  CZ3 . TRP A 1 60  ? 9.203   2.642   -3.152  1.00 58.46 ? 60  TRP A CZ3 1 
ATOM   450  C  CH2 . TRP A 1 60  ? 8.756   1.498   -2.482  1.00 58.34 ? 60  TRP A CH2 1 
ATOM   451  N  N   . TRP A 1 61  ? 9.776   1.881   -9.192  1.00 53.06 ? 61  TRP A N   1 
ATOM   452  C  CA  . TRP A 1 61  ? 10.458  0.650   -9.566  1.00 53.41 ? 61  TRP A CA  1 
ATOM   453  C  C   . TRP A 1 61  ? 11.937  0.880   -9.869  1.00 51.79 ? 61  TRP A C   1 
ATOM   454  O  O   . TRP A 1 61  ? 12.684  -0.073  -10.088 1.00 52.41 ? 61  TRP A O   1 
ATOM   455  C  CB  . TRP A 1 61  ? 9.758   -0.019  -10.753 1.00 54.53 ? 61  TRP A CB  1 
ATOM   456  C  CG  . TRP A 1 61  ? 8.341   -0.457  -10.472 1.00 58.31 ? 61  TRP A CG  1 
ATOM   457  C  CD1 . TRP A 1 61  ? 7.207   0.025   -11.057 1.00 60.71 ? 61  TRP A CD1 1 
ATOM   458  C  CD2 . TRP A 1 61  ? 7.913   -1.474  -9.547  1.00 62.96 ? 61  TRP A CD2 1 
ATOM   459  N  NE1 . TRP A 1 61  ? 6.101   -0.619  -10.554 1.00 63.03 ? 61  TRP A NE1 1 
ATOM   460  C  CE2 . TRP A 1 61  ? 6.504   -1.544  -9.628  1.00 63.71 ? 61  TRP A CE2 1 
ATOM   461  C  CE3 . TRP A 1 61  ? 8.582   -2.329  -8.659  1.00 64.49 ? 61  TRP A CE3 1 
ATOM   462  C  CZ2 . TRP A 1 61  ? 5.750   -2.434  -8.852  1.00 64.50 ? 61  TRP A CZ2 1 
ATOM   463  C  CZ3 . TRP A 1 61  ? 7.829   -3.213  -7.887  1.00 64.07 ? 61  TRP A CZ3 1 
ATOM   464  C  CH2 . TRP A 1 61  ? 6.429   -3.256  -7.991  1.00 64.07 ? 61  TRP A CH2 1 
ATOM   465  N  N   . GLY A 1 62  ? 12.353  2.145   -9.878  1.00 50.19 ? 62  GLY A N   1 
ATOM   466  C  CA  . GLY A 1 62  ? 13.771  2.495   -9.928  1.00 47.60 ? 62  GLY A CA  1 
ATOM   467  C  C   . GLY A 1 62  ? 14.397  2.509   -8.547  1.00 46.02 ? 62  GLY A C   1 
ATOM   468  O  O   . GLY A 1 62  ? 15.614  2.422   -8.393  1.00 45.43 ? 62  GLY A O   1 
ATOM   469  N  N   . PHE A 1 63  ? 13.552  2.624   -7.532  1.00 45.34 ? 63  PHE A N   1 
ATOM   470  C  CA  . PHE A 1 63  ? 13.972  2.363   -6.169  1.00 44.46 ? 63  PHE A CA  1 
ATOM   471  C  C   . PHE A 1 63  ? 14.124  0.855   -5.932  1.00 43.43 ? 63  PHE A C   1 
ATOM   472  O  O   . PHE A 1 63  ? 15.189  0.386   -5.534  1.00 42.12 ? 63  PHE A O   1 
ATOM   473  C  CB  . PHE A 1 63  ? 12.982  2.985   -5.183  1.00 44.74 ? 63  PHE A CB  1 
ATOM   474  C  CG  . PHE A 1 63  ? 13.269  2.660   -3.749  1.00 46.09 ? 63  PHE A CG  1 
ATOM   475  C  CD1 . PHE A 1 63  ? 14.490  2.982   -3.183  1.00 46.54 ? 63  PHE A CD1 1 
ATOM   476  C  CD2 . PHE A 1 63  ? 12.314  2.030   -2.968  1.00 46.37 ? 63  PHE A CD2 1 
ATOM   477  C  CE1 . PHE A 1 63  ? 14.756  2.678   -1.860  1.00 48.00 ? 63  PHE A CE1 1 
ATOM   478  C  CE2 . PHE A 1 63  ? 12.572  1.725   -1.646  1.00 47.54 ? 63  PHE A CE2 1 
ATOM   479  C  CZ  . PHE A 1 63  ? 13.795  2.048   -1.092  1.00 47.49 ? 63  PHE A CZ  1 
ATOM   480  N  N   . VAL A 1 64  ? 13.062  0.101   -6.193  1.00 43.22 ? 64  VAL A N   1 
ATOM   481  C  CA  . VAL A 1 64  ? 13.061  -1.339  -5.928  1.00 42.55 ? 64  VAL A CA  1 
ATOM   482  C  C   . VAL A 1 64  ? 14.076  -2.054  -6.824  1.00 42.86 ? 64  VAL A C   1 
ATOM   483  O  O   . VAL A 1 64  ? 14.974  -2.742  -6.332  1.00 42.36 ? 64  VAL A O   1 
ATOM   484  C  CB  . VAL A 1 64  ? 11.647  -1.949  -6.105  1.00 42.26 ? 64  VAL A CB  1 
ATOM   485  C  CG1 . VAL A 1 64  ? 11.696  -3.469  -6.054  1.00 40.88 ? 64  VAL A CG1 1 
ATOM   486  C  CG2 . VAL A 1 64  ? 10.710  -1.422  -5.037  1.00 40.00 ? 64  VAL A CG2 1 
ATOM   487  N  N   . GLY A 1 65  ? 13.936  -1.868  -8.136  1.00 43.25 ? 65  GLY A N   1 
ATOM   488  C  CA  . GLY A 1 65  ? 14.875  -2.426  -9.111  1.00 42.83 ? 65  GLY A CA  1 
ATOM   489  C  C   . GLY A 1 65  ? 16.334  -2.130  -8.798  1.00 42.83 ? 65  GLY A C   1 
ATOM   490  O  O   . GLY A 1 65  ? 17.231  -2.863  -9.223  1.00 42.74 ? 65  GLY A O   1 
ATOM   491  N  N   . SER A 1 66  ? 16.581  -1.055  -8.060  1.00 42.12 ? 66  SER A N   1 
ATOM   492  C  CA  . SER A 1 66  ? 17.952  -0.615  -7.814  1.00 42.49 ? 66  SER A CA  1 
ATOM   493  C  C   . SER A 1 66  ? 18.639  -1.404  -6.698  1.00 41.72 ? 66  SER A C   1 
ATOM   494  O  O   . SER A 1 66  ? 19.865  -1.419  -6.610  1.00 42.23 ? 66  SER A O   1 
ATOM   495  C  CB  . SER A 1 66  ? 17.999  0.885   -7.507  1.00 42.59 ? 66  SER A CB  1 
ATOM   496  O  OG  . SER A 1 66  ? 19.093  1.190   -6.653  1.00 42.55 ? 66  SER A OG  1 
ATOM   497  N  N   . HIS A 1 67  ? 17.851  -2.052  -5.847  1.00 40.88 ? 67  HIS A N   1 
ATOM   498  C  CA  . HIS A 1 67  ? 18.374  -2.607  -4.601  1.00 40.51 ? 67  HIS A CA  1 
ATOM   499  C  C   . HIS A 1 67  ? 18.239  -4.127  -4.534  1.00 39.74 ? 67  HIS A C   1 
ATOM   500  O  O   . HIS A 1 67  ? 17.151  -4.651  -4.297  1.00 40.04 ? 67  HIS A O   1 
ATOM   501  C  CB  . HIS A 1 67  ? 17.699  -1.949  -3.398  1.00 39.75 ? 67  HIS A CB  1 
ATOM   502  C  CG  . HIS A 1 67  ? 18.041  -0.502  -3.236  1.00 39.79 ? 67  HIS A CG  1 
ATOM   503  N  ND1 . HIS A 1 67  ? 17.385  0.498   -3.919  1.00 35.95 ? 67  HIS A ND1 1 
ATOM   504  C  CD2 . HIS A 1 67  ? 18.982  0.112   -2.480  1.00 40.25 ? 67  HIS A CD2 1 
ATOM   505  C  CE1 . HIS A 1 67  ? 17.900  1.667   -3.584  1.00 39.64 ? 67  HIS A CE1 1 
ATOM   506  N  NE2 . HIS A 1 67  ? 18.875  1.461   -2.716  1.00 38.78 ? 67  HIS A NE2 1 
ATOM   507  N  N   . PRO A 1 68  ? 19.348  -4.839  -4.752  1.00 39.69 ? 68  PRO A N   1 
ATOM   508  C  CA  . PRO A 1 68  ? 19.310  -6.297  -4.891  1.00 39.68 ? 68  PRO A CA  1 
ATOM   509  C  C   . PRO A 1 68  ? 18.642  -6.985  -3.707  1.00 39.69 ? 68  PRO A C   1 
ATOM   510  O  O   . PRO A 1 68  ? 17.865  -7.918  -3.893  1.00 39.38 ? 68  PRO A O   1 
ATOM   511  C  CB  . PRO A 1 68  ? 20.790  -6.673  -4.973  1.00 39.27 ? 68  PRO A CB  1 
ATOM   512  C  CG  . PRO A 1 68  ? 21.423  -5.476  -5.609  1.00 39.47 ? 68  PRO A CG  1 
ATOM   513  C  CD  . PRO A 1 68  ? 20.694  -4.296  -5.012  1.00 39.51 ? 68  PRO A CD  1 
ATOM   514  N  N   . HIS A 1 69  ? 18.932  -6.513  -2.499  1.00 39.87 ? 69  HIS A N   1 
ATOM   515  C  CA  . HIS A 1 69  ? 18.332  -7.083  -1.294  1.00 39.51 ? 69  HIS A CA  1 
ATOM   516  C  C   . HIS A 1 69  ? 16.847  -6.760  -1.133  1.00 37.73 ? 69  HIS A C   1 
ATOM   517  O  O   . HIS A 1 69  ? 16.221  -7.219  -0.177  1.00 38.28 ? 69  HIS A O   1 
ATOM   518  C  CB  . HIS A 1 69  ? 19.099  -6.636  -0.050  1.00 39.80 ? 69  HIS A CB  1 
ATOM   519  C  CG  . HIS A 1 69  ? 20.585  -6.646  -0.226  1.00 44.88 ? 69  HIS A CG  1 
ATOM   520  N  ND1 . HIS A 1 69  ? 21.355  -7.768  0.001   1.00 49.14 ? 69  HIS A ND1 1 
ATOM   521  C  CD2 . HIS A 1 69  ? 21.443  -5.669  -0.608  1.00 47.52 ? 69  HIS A CD2 1 
ATOM   522  C  CE1 . HIS A 1 69  ? 22.624  -7.480  -0.233  1.00 50.22 ? 69  HIS A CE1 1 
ATOM   523  N  NE2 . HIS A 1 69  ? 22.705  -6.213  -0.601  1.00 46.88 ? 69  HIS A NE2 1 
ATOM   524  N  N   . LEU A 1 70  ? 16.290  -5.983  -2.064  1.00 36.28 ? 70  LEU A N   1 
ATOM   525  C  CA  . LEU A 1 70  ? 14.860  -5.636  -2.057  1.00 35.09 ? 70  LEU A CA  1 
ATOM   526  C  C   . LEU A 1 70  ? 14.133  -6.175  -3.294  1.00 34.95 ? 70  LEU A C   1 
ATOM   527  O  O   . LEU A 1 70  ? 13.031  -6.739  -3.198  1.00 33.82 ? 70  LEU A O   1 
ATOM   528  C  CB  . LEU A 1 70  ? 14.668  -4.109  -1.983  1.00 34.80 ? 70  LEU A CB  1 
ATOM   529  C  CG  . LEU A 1 70  ? 15.018  -3.377  -0.681  1.00 34.27 ? 70  LEU A CG  1 
ATOM   530  C  CD1 . LEU A 1 70  ? 14.679  -1.889  -0.771  1.00 31.81 ? 70  LEU A CD1 1 
ATOM   531  C  CD2 . LEU A 1 70  ? 14.326  -4.027  0.525   1.00 31.92 ? 70  LEU A CD2 1 
ATOM   532  N  N   . LEU A 1 71  ? 14.740  -5.963  -4.458  1.00 32.88 ? 71  LEU A N   1 
ATOM   533  C  CA  . LEU A 1 71  ? 14.439  -6.767  -5.632  1.00 31.26 ? 71  LEU A CA  1 
ATOM   534  C  C   . LEU A 1 71  ? 14.397  -8.254  -5.246  1.00 29.18 ? 71  LEU A C   1 
ATOM   535  O  O   . LEU A 1 71  ? 13.562  -9.018  -5.731  1.00 27.36 ? 71  LEU A O   1 
ATOM   536  C  CB  . LEU A 1 71  ? 15.492  -6.512  -6.714  1.00 31.33 ? 71  LEU A CB  1 
ATOM   537  C  CG  . LEU A 1 71  ? 15.530  -7.371  -7.983  1.00 32.41 ? 71  LEU A CG  1 
ATOM   538  C  CD1 . LEU A 1 71  ? 14.136  -7.524  -8.613  1.00 32.71 ? 71  LEU A CD1 1 
ATOM   539  C  CD2 . LEU A 1 71  ? 16.497  -6.736  -8.978  1.00 30.64 ? 71  LEU A CD2 1 
ATOM   540  N  N   . TYR A 1 72  ? 15.291  -8.642  -4.347  1.00 26.99 ? 72  TYR A N   1 
ATOM   541  C  CA  . TYR A 1 72  ? 15.256  -9.974  -3.744  1.00 27.20 ? 72  TYR A CA  1 
ATOM   542  C  C   . TYR A 1 72  ? 13.852  -10.588 -3.693  1.00 26.93 ? 72  TYR A C   1 
ATOM   543  O  O   . TYR A 1 72  ? 13.684  -11.788 -3.917  1.00 27.57 ? 72  TYR A O   1 
ATOM   544  C  CB  . TYR A 1 72  ? 15.860  -9.940  -2.338  1.00 25.44 ? 72  TYR A CB  1 
ATOM   545  C  CG  . TYR A 1 72  ? 15.699  -11.221 -1.561  1.00 23.10 ? 72  TYR A CG  1 
ATOM   546  C  CD1 . TYR A 1 72  ? 16.197  -12.426 -2.045  1.00 24.38 ? 72  TYR A CD1 1 
ATOM   547  C  CD2 . TYR A 1 72  ? 15.057  -11.228 -0.342  1.00 23.64 ? 72  TYR A CD2 1 
ATOM   548  C  CE1 . TYR A 1 72  ? 16.052  -13.601 -1.323  1.00 25.68 ? 72  TYR A CE1 1 
ATOM   549  C  CE2 . TYR A 1 72  ? 14.915  -12.390 0.388   1.00 23.79 ? 72  TYR A CE2 1 
ATOM   550  C  CZ  . TYR A 1 72  ? 15.403  -13.570 -0.107  1.00 25.25 ? 72  TYR A CZ  1 
ATOM   551  O  OH  . TYR A 1 72  ? 15.243  -14.716 0.634   1.00 26.56 ? 72  TYR A OH  1 
ATOM   552  N  N   . TYR A 1 73  ? 12.859  -9.760  -3.391  1.00 26.48 ? 73  TYR A N   1 
ATOM   553  C  CA  . TYR A 1 73  ? 11.549  -10.231 -2.949  1.00 28.08 ? 73  TYR A CA  1 
ATOM   554  C  C   . TYR A 1 73  ? 10.610  -10.547 -4.114  1.00 28.26 ? 73  TYR A C   1 
ATOM   555  O  O   . TYR A 1 73  ? 9.526   -11.092 -3.923  1.00 28.81 ? 73  TYR A O   1 
ATOM   556  C  CB  . TYR A 1 73  ? 10.926  -9.222  -1.968  1.00 27.56 ? 73  TYR A CB  1 
ATOM   557  C  CG  . TYR A 1 73  ? 11.561  -9.303  -0.605  1.00 26.20 ? 73  TYR A CG  1 
ATOM   558  C  CD1 . TYR A 1 73  ? 11.185  -10.296 0.290   1.00 29.05 ? 73  TYR A CD1 1 
ATOM   559  C  CD2 . TYR A 1 73  ? 12.578  -8.431  -0.231  1.00 26.46 ? 73  TYR A CD2 1 
ATOM   560  C  CE1 . TYR A 1 73  ? 11.782  -10.407 1.528   1.00 28.67 ? 73  TYR A CE1 1 
ATOM   561  C  CE2 . TYR A 1 73  ? 13.185  -8.532  1.008   1.00 26.53 ? 73  TYR A CE2 1 
ATOM   562  C  CZ  . TYR A 1 73  ? 12.776  -9.527  1.886   1.00 30.01 ? 73  TYR A CZ  1 
ATOM   563  O  OH  . TYR A 1 73  ? 13.347  -9.655  3.135   1.00 30.68 ? 73  TYR A OH  1 
ATOM   564  N  N   . PHE A 1 74  ? 11.044  -10.210 -5.323  1.00 30.17 ? 74  PHE A N   1 
ATOM   565  C  CA  . PHE A 1 74  ? 10.321  -10.574 -6.545  1.00 31.67 ? 74  PHE A CA  1 
ATOM   566  C  C   . PHE A 1 74  ? 11.011  -11.731 -7.311  1.00 32.26 ? 74  PHE A C   1 
ATOM   567  O  O   . PHE A 1 74  ? 10.560  -12.107 -8.396  1.00 31.61 ? 74  PHE A O   1 
ATOM   568  C  CB  . PHE A 1 74  ? 10.196  -9.349  -7.464  1.00 29.83 ? 74  PHE A CB  1 
ATOM   569  C  CG  . PHE A 1 74  ? 9.085   -8.389  -7.078  1.00 31.72 ? 74  PHE A CG  1 
ATOM   570  C  CD1 . PHE A 1 74  ? 7.826   -8.480  -7.672  1.00 30.91 ? 74  PHE A CD1 1 
ATOM   571  C  CD2 . PHE A 1 74  ? 9.306   -7.382  -6.148  1.00 29.75 ? 74  PHE A CD2 1 
ATOM   572  C  CE1 . PHE A 1 74  ? 6.811   -7.595  -7.334  1.00 27.75 ? 74  PHE A CE1 1 
ATOM   573  C  CE2 . PHE A 1 74  ? 8.294   -6.498  -5.807  1.00 28.48 ? 74  PHE A CE2 1 
ATOM   574  C  CZ  . PHE A 1 74  ? 7.046   -6.605  -6.403  1.00 30.19 ? 74  PHE A CZ  1 
ATOM   575  N  N   . THR A 1 75  ? 12.098  -12.281 -6.753  1.00 32.14 ? 75  THR A N   1 
ATOM   576  C  CA  . THR A 1 75  ? 12.975  -13.209 -7.495  1.00 32.14 ? 75  THR A CA  1 
ATOM   577  C  C   . THR A 1 75  ? 12.505  -14.659 -7.485  1.00 32.73 ? 75  THR A C   1 
ATOM   578  O  O   . THR A 1 75  ? 12.046  -15.168 -6.461  1.00 32.31 ? 75  THR A O   1 
ATOM   579  C  CB  . THR A 1 75  ? 14.437  -13.211 -6.974  1.00 31.97 ? 75  THR A CB  1 
ATOM   580  O  OG1 . THR A 1 75  ? 14.513  -13.949 -5.747  1.00 30.44 ? 75  THR A OG1 1 
ATOM   581  C  CG2 . THR A 1 75  ? 14.963  -11.791 -6.772  1.00 29.04 ? 75  THR A CG2 1 
ATOM   582  N  N   . SER A 1 76  ? 12.653  -15.326 -8.628  1.00 34.23 ? 76  SER A N   1 
ATOM   583  C  CA  . SER A 1 76  ? 12.599  -16.789 -8.700  1.00 33.87 ? 76  SER A CA  1 
ATOM   584  C  C   . SER A 1 76  ? 13.730  -17.439 -7.900  1.00 34.41 ? 76  SER A C   1 
ATOM   585  O  O   . SER A 1 76  ? 14.716  -16.777 -7.556  1.00 34.59 ? 76  SER A O   1 
ATOM   586  C  CB  . SER A 1 76  ? 12.668  -17.243 -10.153 1.00 33.78 ? 76  SER A CB  1 
ATOM   587  O  OG  . SER A 1 76  ? 11.502  -16.858 -10.859 1.00 37.22 ? 76  SER A OG  1 
ATOM   588  N  N   . PRO A 1 77  ? 13.592  -18.744 -7.595  1.00 33.84 ? 77  PRO A N   1 
ATOM   589  C  CA  . PRO A 1 77  ? 14.645  -19.446 -6.857  1.00 33.29 ? 77  PRO A CA  1 
ATOM   590  C  C   . PRO A 1 77  ? 16.023  -19.302 -7.499  1.00 33.13 ? 77  PRO A C   1 
ATOM   591  O  O   . PRO A 1 77  ? 17.030  -19.191 -6.793  1.00 32.99 ? 77  PRO A O   1 
ATOM   592  C  CB  . PRO A 1 77  ? 14.188  -20.915 -6.873  1.00 33.52 ? 77  PRO A CB  1 
ATOM   593  C  CG  . PRO A 1 77  ? 12.844  -20.943 -7.560  1.00 33.52 ? 77  PRO A CG  1 
ATOM   594  C  CD  . PRO A 1 77  ? 12.360  -19.539 -7.702  1.00 32.99 ? 77  PRO A CD  1 
ATOM   595  N  N   . ASP A 1 78  ? 16.072  -19.300 -8.827  1.00 34.12 ? 78  ASP A N   1 
ATOM   596  C  CA  . ASP A 1 78  ? 17.342  -19.134 -9.536  1.00 35.53 ? 78  ASP A CA  1 
ATOM   597  C  C   . ASP A 1 78  ? 17.906  -17.718 -9.376  1.00 35.02 ? 78  ASP A C   1 
ATOM   598  O  O   . ASP A 1 78  ? 18.891  -17.355 -10.017 1.00 34.64 ? 78  ASP A O   1 
ATOM   599  C  CB  . ASP A 1 78  ? 17.208  -19.521 -11.016 1.00 35.68 ? 78  ASP A CB  1 
ATOM   600  C  CG  . ASP A 1 78  ? 16.559  -18.428 -11.854 1.00 38.35 ? 78  ASP A CG  1 
ATOM   601  O  OD1 . ASP A 1 78  ? 16.672  -17.248 -11.466 1.00 37.34 ? 78  ASP A OD1 1 
ATOM   602  O  OD2 . ASP A 1 78  ? 15.943  -18.751 -12.899 1.00 37.16 ? 78  ASP A OD2 1 
ATOM   603  N  N   . GLY A 1 79  ? 17.271  -16.927 -8.516  1.00 35.19 ? 79  GLY A N   1 
ATOM   604  C  CA  . GLY A 1 79  ? 17.845  -15.671 -8.061  1.00 36.65 ? 79  GLY A CA  1 
ATOM   605  C  C   . GLY A 1 79  ? 17.730  -14.560 -9.082  1.00 38.15 ? 79  GLY A C   1 
ATOM   606  O  O   . GLY A 1 79  ? 18.308  -13.496 -8.912  1.00 38.52 ? 79  GLY A O   1 
ATOM   607  N  N   . THR A 1 80  ? 16.974  -14.804 -10.144 1.00 40.44 ? 80  THR A N   1 
ATOM   608  C  CA  . THR A 1 80  ? 16.606  -13.753 -11.078 1.00 42.11 ? 80  THR A CA  1 
ATOM   609  C  C   . THR A 1 80  ? 15.211  -13.222 -10.765 1.00 43.25 ? 80  THR A C   1 
ATOM   610  O  O   . THR A 1 80  ? 14.387  -13.943 -10.189 1.00 43.88 ? 80  THR A O   1 
ATOM   611  C  CB  . THR A 1 80  ? 16.597  -14.271 -12.517 1.00 42.48 ? 80  THR A CB  1 
ATOM   612  O  OG1 . THR A 1 80  ? 15.545  -15.234 -12.662 1.00 42.92 ? 80  THR A OG1 1 
ATOM   613  C  CG2 . THR A 1 80  ? 17.943  -14.910 -12.868 1.00 43.88 ? 80  THR A CG2 1 
ATOM   614  N  N   . PRO A 1 81  ? 14.941  -11.960 -11.156 1.00 42.90 ? 81  PRO A N   1 
ATOM   615  C  CA  . PRO A 1 81  ? 13.613  -11.369 -11.067 1.00 43.05 ? 81  PRO A CA  1 
ATOM   616  C  C   . PRO A 1 81  ? 12.604  -12.125 -11.914 1.00 42.84 ? 81  PRO A C   1 
ATOM   617  O  O   . PRO A 1 81  ? 12.814  -12.288 -13.110 1.00 43.35 ? 81  PRO A O   1 
ATOM   618  C  CB  . PRO A 1 81  ? 13.816  -9.950  -11.629 1.00 43.35 ? 81  PRO A CB  1 
ATOM   619  C  CG  . PRO A 1 81  ? 15.076  -10.012 -12.415 1.00 43.20 ? 81  PRO A CG  1 
ATOM   620  C  CD  . PRO A 1 81  ? 15.927  -11.019 -11.715 1.00 43.18 ? 81  PRO A CD  1 
ATOM   621  N  N   . ASN A 1 82  ? 11.522  -12.583 -11.293 1.00 42.82 ? 82  ASN A N   1 
ATOM   622  C  CA  . ASN A 1 82  ? 10.426  -13.221 -12.016 1.00 42.23 ? 82  ASN A CA  1 
ATOM   623  C  C   . ASN A 1 82  ? 9.545   -12.179 -12.689 1.00 42.99 ? 82  ASN A C   1 
ATOM   624  O  O   . ASN A 1 82  ? 8.693   -11.568 -12.048 1.00 43.84 ? 82  ASN A O   1 
ATOM   625  C  CB  . ASN A 1 82  ? 9.592   -14.088 -11.068 1.00 41.72 ? 82  ASN A CB  1 
ATOM   626  C  CG  . ASN A 1 82  ? 8.282   -14.546 -11.692 1.00 40.96 ? 82  ASN A CG  1 
ATOM   627  O  OD1 . ASN A 1 82  ? 7.795   -13.943 -12.649 1.00 40.10 ? 82  ASN A OD1 1 
ATOM   628  N  ND2 . ASN A 1 82  ? 7.705   -15.616 -11.147 1.00 38.13 ? 82  ASN A ND2 1 
ATOM   629  N  N   . GLU A 1 83  ? 9.754   -11.981 -13.985 1.00 43.56 ? 83  GLU A N   1 
ATOM   630  C  CA  . GLU A 1 83  ? 9.190   -10.834 -14.691 1.00 44.06 ? 83  GLU A CA  1 
ATOM   631  C  C   . GLU A 1 83  ? 7.670   -10.863 -14.710 1.00 43.19 ? 83  GLU A C   1 
ATOM   632  O  O   . GLU A 1 83  ? 7.029   -9.815  -14.788 1.00 42.01 ? 83  GLU A O   1 
ATOM   633  C  CB  . GLU A 1 83  ? 9.723   -10.757 -16.129 1.00 45.14 ? 83  GLU A CB  1 
ATOM   634  C  CG  . GLU A 1 83  ? 11.184  -10.350 -16.231 1.00 47.99 ? 83  GLU A CG  1 
ATOM   635  C  CD  . GLU A 1 83  ? 11.526  -9.171  -15.340 1.00 53.30 ? 83  GLU A CD  1 
ATOM   636  O  OE1 . GLU A 1 83  ? 10.786  -8.158  -15.380 1.00 53.32 ? 83  GLU A OE1 1 
ATOM   637  O  OE2 . GLU A 1 83  ? 12.535  -9.261  -14.600 1.00 54.60 ? 83  GLU A OE2 1 
ATOM   638  N  N   . LYS A 1 84  ? 7.102   -12.065 -14.642 1.00 42.74 ? 84  LYS A N   1 
ATOM   639  C  CA  . LYS A 1 84  ? 5.650   -12.221 -14.607 1.00 42.42 ? 84  LYS A CA  1 
ATOM   640  C  C   . LYS A 1 84  ? 5.102   -11.671 -13.296 1.00 41.61 ? 84  LYS A C   1 
ATOM   641  O  O   . LYS A 1 84  ? 4.068   -11.007 -13.267 1.00 40.88 ? 84  LYS A O   1 
ATOM   642  C  CB  . LYS A 1 84  ? 5.265   -13.694 -14.758 1.00 42.64 ? 84  LYS A CB  1 
ATOM   643  C  CG  . LYS A 1 84  ? 3.760   -13.936 -14.801 1.00 44.91 ? 84  LYS A CG  1 
ATOM   644  C  CD  . LYS A 1 84  ? 3.373   -15.199 -14.039 1.00 47.36 ? 84  LYS A CD  1 
ATOM   645  C  CE  . LYS A 1 84  ? 3.279   -16.406 -14.962 1.00 47.14 ? 84  LYS A CE  1 
ATOM   646  N  NZ  . LYS A 1 84  ? 2.033   -16.383 -15.784 1.00 47.80 ? 84  LYS A NZ  1 
ATOM   647  N  N   . TYR A 1 85  ? 5.834   -11.956 -12.223 1.00 41.59 ? 85  TYR A N   1 
ATOM   648  C  CA  . TYR A 1 85  ? 5.458   -11.625 -10.848 1.00 40.87 ? 85  TYR A CA  1 
ATOM   649  C  C   . TYR A 1 85  ? 5.432   -10.110 -10.654 1.00 40.06 ? 85  TYR A C   1 
ATOM   650  O  O   . TYR A 1 85  ? 4.744   -9.602  -9.774  1.00 39.63 ? 85  TYR A O   1 
ATOM   651  C  CB  . TYR A 1 85  ? 6.486   -12.272 -9.907  1.00 41.06 ? 85  TYR A CB  1 
ATOM   652  C  CG  . TYR A 1 85  ? 6.191   -12.283 -8.417  1.00 40.63 ? 85  TYR A CG  1 
ATOM   653  C  CD1 . TYR A 1 85  ? 4.892   -12.166 -7.918  1.00 40.34 ? 85  TYR A CD1 1 
ATOM   654  C  CD2 . TYR A 1 85  ? 7.233   -12.436 -7.504  1.00 39.03 ? 85  TYR A CD2 1 
ATOM   655  C  CE1 . TYR A 1 85  ? 4.653   -12.190 -6.541  1.00 39.10 ? 85  TYR A CE1 1 
ATOM   656  C  CE2 . TYR A 1 85  ? 7.005   -12.462 -6.147  1.00 37.35 ? 85  TYR A CE2 1 
ATOM   657  C  CZ  . TYR A 1 85  ? 5.724   -12.343 -5.668  1.00 38.93 ? 85  TYR A CZ  1 
ATOM   658  O  OH  . TYR A 1 85  ? 5.536   -12.368 -4.306  1.00 40.56 ? 85  TYR A OH  1 
ATOM   659  N  N   . LEU A 1 86  ? 6.176   -9.396  -11.494 1.00 39.82 ? 86  LEU A N   1 
ATOM   660  C  CA  . LEU A 1 86  ? 6.313   -7.949  -11.364 1.00 39.16 ? 86  LEU A CA  1 
ATOM   661  C  C   . LEU A 1 86  ? 5.260   -7.204  -12.154 1.00 38.62 ? 86  LEU A C   1 
ATOM   662  O  O   . LEU A 1 86  ? 4.666   -6.254  -11.655 1.00 38.96 ? 86  LEU A O   1 
ATOM   663  C  CB  . LEU A 1 86  ? 7.688   -7.496  -11.829 1.00 39.42 ? 86  LEU A CB  1 
ATOM   664  C  CG  . LEU A 1 86  ? 8.842   -7.778  -10.880 1.00 37.88 ? 86  LEU A CG  1 
ATOM   665  C  CD1 . LEU A 1 86  ? 9.601   -8.993  -11.371 1.00 34.80 ? 86  LEU A CD1 1 
ATOM   666  C  CD2 . LEU A 1 86  ? 9.739   -6.559  -10.828 1.00 40.74 ? 86  LEU A CD2 1 
ATOM   667  N  N   . ALA A 1 87  ? 5.046   -7.621  -13.395 1.00 38.19 ? 87  ALA A N   1 
ATOM   668  C  CA  . ALA A 1 87  ? 4.026   -6.997  -14.225 1.00 38.00 ? 87  ALA A CA  1 
ATOM   669  C  C   . ALA A 1 87  ? 2.670   -7.109  -13.543 1.00 37.22 ? 87  ALA A C   1 
ATOM   670  O  O   . ALA A 1 87  ? 1.864   -6.183  -13.590 1.00 37.33 ? 87  ALA A O   1 
ATOM   671  C  CB  . ALA A 1 87  ? 3.989   -7.635  -15.599 1.00 38.08 ? 87  ALA A CB  1 
ATOM   672  N  N   . ALA A 1 88  ? 2.436   -8.249  -12.896 1.00 36.52 ? 88  ALA A N   1 
ATOM   673  C  CA  . ALA A 1 88  ? 1.169   -8.529  -12.226 1.00 35.08 ? 88  ALA A CA  1 
ATOM   674  C  C   . ALA A 1 88  ? 0.943   -7.612  -11.022 1.00 34.59 ? 88  ALA A C   1 
ATOM   675  O  O   . ALA A 1 88  ? -0.073  -6.924  -10.942 1.00 34.57 ? 88  ALA A O   1 
ATOM   676  C  CB  . ALA A 1 88  ? 1.114   -9.995  -11.800 1.00 35.21 ? 88  ALA A CB  1 
ATOM   677  N  N   . VAL A 1 89  ? 1.895   -7.616  -10.092 1.00 33.18 ? 89  VAL A N   1 
ATOM   678  C  CA  . VAL A 1 89  ? 1.846   -6.756  -8.918  1.00 33.17 ? 89  VAL A CA  1 
ATOM   679  C  C   . VAL A 1 89  ? 1.713   -5.280  -9.292  1.00 34.88 ? 89  VAL A C   1 
ATOM   680  O  O   . VAL A 1 89  ? 0.911   -4.558  -8.694  1.00 34.30 ? 89  VAL A O   1 
ATOM   681  C  CB  . VAL A 1 89  ? 3.097   -6.937  -8.031  1.00 33.08 ? 89  VAL A CB  1 
ATOM   682  C  CG1 . VAL A 1 89  ? 3.184   -5.818  -7.008  1.00 31.63 ? 89  VAL A CG1 1 
ATOM   683  C  CG2 . VAL A 1 89  ? 3.086   -8.308  -7.345  1.00 30.03 ? 89  VAL A CG2 1 
ATOM   684  N  N   . ARG A 1 90  ? 2.495   -4.838  -10.277 1.00 35.65 ? 90  ARG A N   1 
ATOM   685  C  CA  . ARG A 1 90  ? 2.497   -3.432  -10.682 1.00 38.34 ? 90  ARG A CA  1 
ATOM   686  C  C   . ARG A 1 90  ? 1.134   -2.980  -11.197 1.00 40.34 ? 90  ARG A C   1 
ATOM   687  O  O   . ARG A 1 90  ? 0.860   -1.783  -11.277 1.00 41.46 ? 90  ARG A O   1 
ATOM   688  C  CB  . ARG A 1 90  ? 3.568   -3.166  -11.744 1.00 37.58 ? 90  ARG A CB  1 
ATOM   689  C  CG  . ARG A 1 90  ? 3.500   -1.771  -12.363 1.00 39.20 ? 90  ARG A CG  1 
ATOM   690  C  CD  . ARG A 1 90  ? 4.399   -1.646  -13.593 1.00 38.78 ? 90  ARG A CD  1 
ATOM   691  N  NE  . ARG A 1 90  ? 4.159   -0.403  -14.323 1.00 40.48 ? 90  ARG A NE  1 
ATOM   692  C  CZ  . ARG A 1 90  ? 5.102   0.486   -14.632 1.00 41.17 ? 90  ARG A CZ  1 
ATOM   693  N  NH1 . ARG A 1 90  ? 6.363   0.282   -14.275 1.00 42.54 ? 90  ARG A NH1 1 
ATOM   694  N  NH2 . ARG A 1 90  ? 4.782   1.589   -15.293 1.00 40.23 ? 90  ARG A NH2 1 
ATOM   695  N  N   . LYS A 1 91  ? 0.281   -3.934  -11.557 1.00 41.98 ? 91  LYS A N   1 
ATOM   696  C  CA  . LYS A 1 91  ? -1.088  -3.602  -11.926 1.00 43.66 ? 91  LYS A CA  1 
ATOM   697  C  C   . LYS A 1 91  ? -1.932  -3.320  -10.686 1.00 44.23 ? 91  LYS A C   1 
ATOM   698  O  O   . LYS A 1 91  ? -2.621  -2.301  -10.629 1.00 45.54 ? 91  LYS A O   1 
ATOM   699  C  CB  . LYS A 1 91  ? -1.710  -4.696  -12.802 1.00 43.63 ? 91  LYS A CB  1 
ATOM   700  C  CG  . LYS A 1 91  ? -0.996  -4.873  -14.146 1.00 45.20 ? 91  LYS A CG  1 
ATOM   701  C  CD  . LYS A 1 91  ? -1.885  -5.536  -15.188 1.00 47.38 ? 91  LYS A CD  1 
ATOM   702  C  CE  . LYS A 1 91  ? -1.645  -4.938  -16.573 1.00 47.04 ? 91  LYS A CE  1 
ATOM   703  N  NZ  . LYS A 1 91  ? -2.862  -4.981  -17.435 1.00 44.66 ? 91  LYS A NZ  1 
ATOM   704  N  N   . ARG A 1 92  ? -1.846  -4.210  -9.696  1.00 43.98 ? 92  ARG A N   1 
ATOM   705  C  CA  . ARG A 1 92  ? -2.626  -4.118  -8.453  1.00 44.00 ? 92  ARG A CA  1 
ATOM   706  C  C   . ARG A 1 92  ? -2.140  -3.010  -7.524  1.00 44.58 ? 92  ARG A C   1 
ATOM   707  O  O   . ARG A 1 92  ? -2.940  -2.265  -6.957  1.00 44.99 ? 92  ARG A O   1 
ATOM   708  C  CB  . ARG A 1 92  ? -2.582  -5.450  -7.695  1.00 43.33 ? 92  ARG A CB  1 
ATOM   709  C  CG  . ARG A 1 92  ? -3.180  -6.615  -8.446  1.00 40.53 ? 92  ARG A CG  1 
ATOM   710  C  CD  . ARG A 1 92  ? -3.428  -7.796  -7.522  1.00 40.81 ? 92  ARG A CD  1 
ATOM   711  N  NE  . ARG A 1 92  ? -2.175  -8.402  -7.094  1.00 40.53 ? 92  ARG A NE  1 
ATOM   712  C  CZ  . ARG A 1 92  ? -1.464  -9.247  -7.833  1.00 38.89 ? 92  ARG A CZ  1 
ATOM   713  N  NH1 . ARG A 1 92  ? -1.897  -9.598  -9.038  1.00 31.91 ? 92  ARG A NH1 1 
ATOM   714  N  NH2 . ARG A 1 92  ? -0.321  -9.735  -7.364  1.00 36.09 ? 92  ARG A NH2 1 
ATOM   715  N  N   . PHE A 1 93  ? -0.806  -2.942  -7.353  1.00 45.00 ? 93  PHE A N   1 
ATOM   716  C  CA  . PHE A 1 93  ? -0.165  -1.826  -6.673  1.00 45.81 ? 93  PHE A CA  1 
ATOM   717  C  C   . PHE A 1 93  ? -0.675  -0.490  -7.199  1.00 46.78 ? 93  PHE A C   1 
ATOM   718  O  O   . PHE A 1 93  ? -0.983  0.416   -6.426  1.00 47.80 ? 93  PHE A O   1 
ATOM   719  C  CB  . PHE A 1 93  ? 1.352   -1.904  -6.854  1.00 45.83 ? 93  PHE A CB  1 
ATOM   720  C  CG  . PHE A 1 93  ? 2.103   -0.819  -6.150  1.00 44.82 ? 93  PHE A CG  1 
ATOM   721  C  CD1 . PHE A 1 93  ? 2.423   -0.942  -4.809  1.00 44.05 ? 93  PHE A CD1 1 
ATOM   722  C  CD2 . PHE A 1 93  ? 2.493   0.330   -6.832  1.00 46.79 ? 93  PHE A CD2 1 
ATOM   723  C  CE1 . PHE A 1 93  ? 3.117   0.065   -4.155  1.00 46.18 ? 93  PHE A CE1 1 
ATOM   724  C  CE2 . PHE A 1 93  ? 3.187   1.345   -6.189  1.00 45.00 ? 93  PHE A CE2 1 
ATOM   725  C  CZ  . PHE A 1 93  ? 3.502   1.212   -4.850  1.00 47.45 ? 93  PHE A CZ  1 
ATOM   726  N  N   . SER A 1 94  ? -0.779  -0.362  -8.516  1.00 47.21 ? 94  SER A N   1 
ATOM   727  C  CA  . SER A 1 94  ? -1.254  0.872   -9.135  1.00 47.75 ? 94  SER A CA  1 
ATOM   728  C  C   . SER A 1 94  ? -2.729  1.144   -8.823  1.00 47.16 ? 94  SER A C   1 
ATOM   729  O  O   . SER A 1 94  ? -3.152  2.295   -8.731  1.00 46.62 ? 94  SER A O   1 
ATOM   730  C  CB  . SER A 1 94  ? -1.033  0.832   -10.647 1.00 47.85 ? 94  SER A CB  1 
ATOM   731  O  OG  . SER A 1 94  ? -1.635  1.952   -11.270 1.00 48.99 ? 94  SER A OG  1 
ATOM   732  N  N   . ARG A 1 95  ? -3.503  0.079   -8.659  1.00 46.79 ? 95  ARG A N   1 
ATOM   733  C  CA  . ARG A 1 95  ? -4.893  0.211   -8.250  1.00 46.90 ? 95  ARG A CA  1 
ATOM   734  C  C   . ARG A 1 95  ? -4.962  0.571   -6.772  1.00 46.45 ? 95  ARG A C   1 
ATOM   735  O  O   . ARG A 1 95  ? -5.938  1.161   -6.304  1.00 46.42 ? 95  ARG A O   1 
ATOM   736  C  CB  . ARG A 1 95  ? -5.654  -1.083  -8.518  1.00 47.07 ? 95  ARG A CB  1 
ATOM   737  C  CG  . ARG A 1 95  ? -7.075  -1.083  -7.983  1.00 49.25 ? 95  ARG A CG  1 
ATOM   738  C  CD  . ARG A 1 95  ? -7.930  -0.056  -8.702  1.00 50.39 ? 95  ARG A CD  1 
ATOM   739  N  NE  . ARG A 1 95  ? -9.271  0.026   -8.136  1.00 52.59 ? 95  ARG A NE  1 
ATOM   740  C  CZ  . ARG A 1 95  ? -10.294 0.636   -8.727  1.00 54.69 ? 95  ARG A CZ  1 
ATOM   741  N  NH1 . ARG A 1 95  ? -10.130 1.223   -9.908  1.00 54.65 ? 95  ARG A NH1 1 
ATOM   742  N  NH2 . ARG A 1 95  ? -11.481 0.661   -8.137  1.00 53.00 ? 95  ARG A NH2 1 
ATOM   743  N  N   . TRP A 1 96  ? -3.911  0.213   -6.044  1.00 45.48 ? 96  TRP A N   1 
ATOM   744  C  CA  . TRP A 1 96  ? -3.750  0.671   -4.678  1.00 44.49 ? 96  TRP A CA  1 
ATOM   745  C  C   . TRP A 1 96  ? -3.840  2.192   -4.616  1.00 44.39 ? 96  TRP A C   1 
ATOM   746  O  O   . TRP A 1 96  ? -4.674  2.743   -3.905  1.00 44.27 ? 96  TRP A O   1 
ATOM   747  C  CB  . TRP A 1 96  ? -2.404  0.207   -4.135  1.00 44.66 ? 96  TRP A CB  1 
ATOM   748  C  CG  . TRP A 1 96  ? -2.115  0.676   -2.748  1.00 43.02 ? 96  TRP A CG  1 
ATOM   749  C  CD1 . TRP A 1 96  ? -2.743  0.283   -1.604  1.00 42.04 ? 96  TRP A CD1 1 
ATOM   750  C  CD2 . TRP A 1 96  ? -1.123  1.630   -2.356  1.00 41.00 ? 96  TRP A CD2 1 
ATOM   751  N  NE1 . TRP A 1 96  ? -2.202  0.932   -0.521  1.00 41.95 ? 96  TRP A NE1 1 
ATOM   752  C  CE2 . TRP A 1 96  ? -1.204  1.764   -0.954  1.00 41.44 ? 96  TRP A CE2 1 
ATOM   753  C  CE3 . TRP A 1 96  ? -0.169  2.381   -3.051  1.00 39.61 ? 96  TRP A CE3 1 
ATOM   754  C  CZ2 . TRP A 1 96  ? -0.374  2.622   -0.237  1.00 39.04 ? 96  TRP A CZ2 1 
ATOM   755  C  CZ3 . TRP A 1 96  ? 0.658   3.230   -2.338  1.00 36.65 ? 96  TRP A CZ3 1 
ATOM   756  C  CH2 . TRP A 1 96  ? 0.548   3.345   -0.945  1.00 40.22 ? 96  TRP A CH2 1 
ATOM   757  N  N   . ILE A 1 97  ? -2.974  2.862   -5.367  1.00 44.22 ? 97  ILE A N   1 
ATOM   758  C  CA  . ILE A 1 97  ? -2.864  4.315   -5.307  1.00 44.31 ? 97  ILE A CA  1 
ATOM   759  C  C   . ILE A 1 97  ? -4.218  5.018   -5.393  1.00 45.01 ? 97  ILE A C   1 
ATOM   760  O  O   . ILE A 1 97  ? -4.454  6.001   -4.696  1.00 45.38 ? 97  ILE A O   1 
ATOM   761  C  CB  . ILE A 1 97  ? -1.938  4.852   -6.413  1.00 43.76 ? 97  ILE A CB  1 
ATOM   762  C  CG1 . ILE A 1 97  ? -0.560  4.202   -6.313  1.00 42.37 ? 97  ILE A CG1 1 
ATOM   763  C  CG2 . ILE A 1 97  ? -1.823  6.370   -6.325  1.00 44.19 ? 97  ILE A CG2 1 
ATOM   764  C  CD1 . ILE A 1 97  ? 0.390   4.624   -7.406  1.00 39.23 ? 97  ILE A CD1 1 
ATOM   765  N  N   . LEU A 1 98  ? -5.100  4.508   -6.248  1.00 46.29 ? 98  LEU A N   1 
ATOM   766  C  CA  . LEU A 1 98  ? -6.401  5.133   -6.484  1.00 46.72 ? 98  LEU A CA  1 
ATOM   767  C  C   . LEU A 1 98  ? -7.424  4.714   -5.436  1.00 47.80 ? 98  LEU A C   1 
ATOM   768  O  O   . LEU A 1 98  ? -8.038  5.559   -4.783  1.00 48.16 ? 98  LEU A O   1 
ATOM   769  C  CB  . LEU A 1 98  ? -6.913  4.784   -7.878  1.00 46.86 ? 98  LEU A CB  1 
ATOM   770  C  CG  . LEU A 1 98  ? -6.011  5.208   -9.036  1.00 46.65 ? 98  LEU A CG  1 
ATOM   771  C  CD1 . LEU A 1 98  ? -6.194  4.278   -10.227 1.00 45.67 ? 98  LEU A CD1 1 
ATOM   772  C  CD2 . LEU A 1 98  ? -6.267  6.660   -9.423  1.00 48.32 ? 98  LEU A CD2 1 
ATOM   773  N  N   . ASP A 1 99  ? -7.605  3.407   -5.279  1.00 48.64 ? 99  ASP A N   1 
ATOM   774  C  CA  . ASP A 1 99  ? -8.291  2.862   -4.115  1.00 49.38 ? 99  ASP A CA  1 
ATOM   775  C  C   . ASP A 1 99  ? -8.065  3.721   -2.865  1.00 49.50 ? 99  ASP A C   1 
ATOM   776  O  O   . ASP A 1 99  ? -9.018  4.215   -2.264  1.00 49.91 ? 99  ASP A O   1 
ATOM   777  C  CB  . ASP A 1 99  ? -7.843  1.418   -3.864  1.00 50.16 ? 99  ASP A CB  1 
ATOM   778  C  CG  . ASP A 1 99  ? -8.604  0.411   -4.714  1.00 51.98 ? 99  ASP A CG  1 
ATOM   779  O  OD1 . ASP A 1 99  ? -9.286  0.833   -5.674  1.00 52.51 ? 99  ASP A OD1 1 
ATOM   780  O  OD2 . ASP A 1 99  ? -8.521  -0.802  -4.421  1.00 51.84 ? 99  ASP A OD2 1 
ATOM   781  N  N   . THR A 1 100 ? -6.800  3.893   -2.486  1.00 49.20 ? 100 THR A N   1 
ATOM   782  C  CA  . THR A 1 100 ? -6.423  4.690   -1.320  1.00 48.88 ? 100 THR A CA  1 
ATOM   783  C  C   . THR A 1 100 ? -7.081  6.063   -1.313  1.00 49.01 ? 100 THR A C   1 
ATOM   784  O  O   . THR A 1 100 ? -7.553  6.530   -0.277  1.00 49.43 ? 100 THR A O   1 
ATOM   785  C  CB  . THR A 1 100 ? -4.889  4.872   -1.243  1.00 48.51 ? 100 THR A CB  1 
ATOM   786  O  OG1 . THR A 1 100 ? -4.299  3.683   -0.719  1.00 47.62 ? 100 THR A OG1 1 
ATOM   787  C  CG2 . THR A 1 100 ? -4.519  6.044   -0.341  1.00 48.07 ? 100 THR A CG2 1 
ATOM   788  N  N   . SER A 1 101 ? -7.099  6.709   -2.471  1.00 49.18 ? 101 SER A N   1 
ATOM   789  C  CA  . SER A 1 101 ? -7.633  8.058   -2.588  1.00 49.71 ? 101 SER A CA  1 
ATOM   790  C  C   . SER A 1 101 ? -9.159  8.045   -2.688  1.00 49.99 ? 101 SER A C   1 
ATOM   791  O  O   . SER A 1 101 ? -9.805  9.094   -2.578  1.00 50.40 ? 101 SER A O   1 
ATOM   792  C  CB  . SER A 1 101 ? -7.045  8.749   -3.815  1.00 49.48 ? 101 SER A CB  1 
ATOM   793  O  OG  . SER A 1 101 ? -5.641  8.588   -3.862  1.00 49.79 ? 101 SER A OG  1 
ATOM   794  N  N   . ASN A 1 102 ? -9.726  6.858   -2.891  1.00 49.64 ? 102 ASN A N   1 
ATOM   795  C  CA  . ASN A 1 102 ? -11.078 6.732   -3.441  1.00 49.27 ? 102 ASN A CA  1 
ATOM   796  C  C   . ASN A 1 102 ? -12.052 6.011   -2.521  1.00 48.97 ? 102 ASN A C   1 
ATOM   797  O  O   . ASN A 1 102 ? -13.036 6.594   -2.072  1.00 48.94 ? 102 ASN A O   1 
ATOM   798  C  CB  . ASN A 1 102 ? -11.046 6.036   -4.802  1.00 49.35 ? 102 ASN A CB  1 
ATOM   799  C  CG  . ASN A 1 102 ? -10.826 7.004   -5.949  1.00 49.30 ? 102 ASN A CG  1 
ATOM   800  O  OD1 . ASN A 1 102 ? -10.653 8.210   -5.744  1.00 47.53 ? 102 ASN A OD1 1 
ATOM   801  N  ND2 . ASN A 1 102 ? -10.833 6.479   -7.171  1.00 49.33 ? 102 ASN A ND2 1 
ATOM   802  N  N   . ARG A 1 103 ? -11.784 4.736   -2.252  1.00 49.06 ? 103 ARG A N   1 
ATOM   803  C  CA  . ARG A 1 103 ? -12.620 3.970   -1.331  1.00 49.16 ? 103 ARG A CA  1 
ATOM   804  C  C   . ARG A 1 103 ? -12.802 4.721   -0.014  1.00 49.23 ? 103 ARG A C   1 
ATOM   805  O  O   . ARG A 1 103 ? -11.840 5.223   0.566   1.00 50.04 ? 103 ARG A O   1 
ATOM   806  C  CB  . ARG A 1 103 ? -12.027 2.578   -1.069  1.00 48.42 ? 103 ARG A CB  1 
ATOM   807  C  CG  . ARG A 1 103 ? -11.693 1.789   -2.324  1.00 48.79 ? 103 ARG A CG  1 
ATOM   808  C  CD  . ARG A 1 103 ? -12.920 1.559   -3.194  1.00 49.32 ? 103 ARG A CD  1 
ATOM   809  N  NE  . ARG A 1 103 ? -12.578 0.916   -4.463  1.00 48.60 ? 103 ARG A NE  1 
ATOM   810  C  CZ  . ARG A 1 103 ? -12.809 -0.365  -4.739  1.00 46.73 ? 103 ARG A CZ  1 
ATOM   811  N  NH1 . ARG A 1 103 ? -13.389 -1.146  -3.841  1.00 45.66 ? 103 ARG A NH1 1 
ATOM   812  N  NH2 . ARG A 1 103 ? -12.459 -0.868  -5.913  1.00 45.22 ? 103 ARG A NH2 1 
ATOM   813  N  N   . SER A 1 104 ? -14.045 4.805   0.443   1.00 49.26 ? 104 SER A N   1 
ATOM   814  C  CA  . SER A 1 104 ? -14.326 5.129   1.834   1.00 48.90 ? 104 SER A CA  1 
ATOM   815  C  C   . SER A 1 104 ? -13.812 3.992   2.711   1.00 48.47 ? 104 SER A C   1 
ATOM   816  O  O   . SER A 1 104 ? -13.905 2.822   2.338   1.00 48.96 ? 104 SER A O   1 
ATOM   817  C  CB  . SER A 1 104 ? -15.835 5.305   2.026   1.00 49.02 ? 104 SER A CB  1 
ATOM   818  O  OG  . SER A 1 104 ? -16.189 5.303   3.400   1.00 50.75 ? 104 SER A OG  1 
ATOM   819  N  N   . TYR A 1 105 ? -13.264 4.333   3.871   1.00 47.61 ? 105 TYR A N   1 
ATOM   820  C  CA  . TYR A 1 105 ? -12.578 3.346   4.697   1.00 46.85 ? 105 TYR A CA  1 
ATOM   821  C  C   . TYR A 1 105 ? -13.574 2.557   5.541   1.00 47.23 ? 105 TYR A C   1 
ATOM   822  O  O   . TYR A 1 105 ? -13.732 2.815   6.737   1.00 47.79 ? 105 TYR A O   1 
ATOM   823  C  CB  . TYR A 1 105 ? -11.539 4.019   5.598   1.00 46.01 ? 105 TYR A CB  1 
ATOM   824  C  CG  . TYR A 1 105 ? -10.330 4.576   4.878   1.00 44.63 ? 105 TYR A CG  1 
ATOM   825  C  CD1 . TYR A 1 105 ? -10.379 4.899   3.524   1.00 43.08 ? 105 TYR A CD1 1 
ATOM   826  C  CD2 . TYR A 1 105 ? -9.136  4.796   5.560   1.00 45.32 ? 105 TYR A CD2 1 
ATOM   827  C  CE1 . TYR A 1 105 ? -9.269  5.417   2.869   1.00 40.22 ? 105 TYR A CE1 1 
ATOM   828  C  CE2 . TYR A 1 105 ? -8.019  5.317   4.912   1.00 40.94 ? 105 TYR A CE2 1 
ATOM   829  C  CZ  . TYR A 1 105 ? -8.095  5.624   3.571   1.00 39.87 ? 105 TYR A CZ  1 
ATOM   830  O  OH  . TYR A 1 105 ? -6.991  6.136   2.931   1.00 39.09 ? 105 TYR A OH  1 
ATOM   831  N  N   . ASP A 1 106 ? -14.248 1.594   4.917   1.00 46.47 ? 106 ASP A N   1 
ATOM   832  C  CA  . ASP A 1 106 ? -15.340 0.892   5.581   1.00 46.26 ? 106 ASP A CA  1 
ATOM   833  C  C   . ASP A 1 106 ? -14.963 -0.552  5.887   1.00 45.56 ? 106 ASP A C   1 
ATOM   834  O  O   . ASP A 1 106 ? -13.783 -0.863  6.043   1.00 45.67 ? 106 ASP A O   1 
ATOM   835  C  CB  . ASP A 1 106 ? -16.626 0.969   4.756   1.00 46.42 ? 106 ASP A CB  1 
ATOM   836  C  CG  . ASP A 1 106 ? -16.436 0.498   3.330   1.00 48.33 ? 106 ASP A CG  1 
ATOM   837  O  OD1 . ASP A 1 106 ? -15.279 0.230   2.934   1.00 50.58 ? 106 ASP A OD1 1 
ATOM   838  O  OD2 . ASP A 1 106 ? -17.450 0.395   2.603   1.00 48.78 ? 106 ASP A OD2 1 
ATOM   839  N  N   . GLN A 1 107 ? -15.959 -1.430  5.988   1.00 44.29 ? 107 GLN A N   1 
ATOM   840  C  CA  . GLN A 1 107 ? -15.698 -2.832  6.313   1.00 43.93 ? 107 GLN A CA  1 
ATOM   841  C  C   . GLN A 1 107 ? -14.984 -3.534  5.161   1.00 43.13 ? 107 GLN A C   1 
ATOM   842  O  O   . GLN A 1 107 ? -13.917 -4.123  5.351   1.00 42.11 ? 107 GLN A O   1 
ATOM   843  C  CB  . GLN A 1 107 ? -16.991 -3.570  6.670   1.00 44.73 ? 107 GLN A CB  1 
ATOM   844  C  CG  . GLN A 1 107 ? -16.781 -4.991  7.181   1.00 46.32 ? 107 GLN A CG  1 
ATOM   845  C  CD  . GLN A 1 107 ? -15.888 -5.039  8.403   1.00 49.81 ? 107 GLN A CD  1 
ATOM   846  O  OE1 . GLN A 1 107 ? -16.219 -4.482  9.450   1.00 52.49 ? 107 GLN A OE1 1 
ATOM   847  N  NE2 . GLN A 1 107 ? -14.746 -5.709  8.277   1.00 51.31 ? 107 GLN A NE2 1 
ATOM   848  N  N   . ALA A 1 108 ? -15.574 -3.456  3.970   1.00 41.56 ? 108 ALA A N   1 
ATOM   849  C  CA  . ALA A 1 108 ? -14.904 -3.872  2.744   1.00 40.28 ? 108 ALA A CA  1 
ATOM   850  C  C   . ALA A 1 108 ? -13.420 -3.502  2.754   1.00 39.33 ? 108 ALA A C   1 
ATOM   851  O  O   . ALA A 1 108 ? -12.563 -4.367  2.601   1.00 38.98 ? 108 ALA A O   1 
ATOM   852  C  CB  . ALA A 1 108 ? -15.591 -3.262  1.539   1.00 39.88 ? 108 ALA A CB  1 
ATOM   853  N  N   . TRP A 1 109 ? -13.137 -2.212  2.932   1.00 38.65 ? 109 TRP A N   1 
ATOM   854  C  CA  . TRP A 1 109 ? -11.778 -1.665  2.885   1.00 38.83 ? 109 TRP A CA  1 
ATOM   855  C  C   . TRP A 1 109 ? -10.864 -2.406  3.851   1.00 38.63 ? 109 TRP A C   1 
ATOM   856  O  O   . TRP A 1 109 ? -9.763  -2.826  3.495   1.00 39.24 ? 109 TRP A O   1 
ATOM   857  C  CB  . TRP A 1 109 ? -11.809 -0.172  3.247   1.00 38.64 ? 109 TRP A CB  1 
ATOM   858  C  CG  . TRP A 1 109 ? -10.516 0.568   3.023   1.00 38.37 ? 109 TRP A CG  1 
ATOM   859  C  CD1 . TRP A 1 109 ? -10.062 1.090   1.847   1.00 39.29 ? 109 TRP A CD1 1 
ATOM   860  C  CD2 . TRP A 1 109 ? -9.526  0.889   4.010   1.00 38.51 ? 109 TRP A CD2 1 
ATOM   861  N  NE1 . TRP A 1 109 ? -8.845  1.707   2.035   1.00 37.29 ? 109 TRP A NE1 1 
ATOM   862  C  CE2 . TRP A 1 109 ? -8.496  1.599   3.354   1.00 38.02 ? 109 TRP A CE2 1 
ATOM   863  C  CE3 . TRP A 1 109 ? -9.409  0.645   5.381   1.00 38.14 ? 109 TRP A CE3 1 
ATOM   864  C  CZ2 . TRP A 1 109 ? -7.365  2.061   4.024   1.00 38.54 ? 109 TRP A CZ2 1 
ATOM   865  C  CZ3 . TRP A 1 109 ? -8.281  1.107   6.047   1.00 37.55 ? 109 TRP A CZ3 1 
ATOM   866  C  CH2 . TRP A 1 109 ? -7.277  1.804   5.369   1.00 37.58 ? 109 TRP A CH2 1 
ATOM   867  N  N   . LEU A 1 110 ? -11.339 -2.561  5.079   1.00 38.27 ? 110 LEU A N   1 
ATOM   868  C  CA  . LEU A 1 110 ? -10.600 -3.264  6.105   1.00 38.07 ? 110 LEU A CA  1 
ATOM   869  C  C   . LEU A 1 110 ? -10.226 -4.665  5.658   1.00 37.13 ? 110 LEU A C   1 
ATOM   870  O  O   . LEU A 1 110 ? -9.150  -5.155  5.994   1.00 37.94 ? 110 LEU A O   1 
ATOM   871  C  CB  . LEU A 1 110 ? -11.422 -3.352  7.387   1.00 38.29 ? 110 LEU A CB  1 
ATOM   872  C  CG  . LEU A 1 110 ? -11.517 -2.120  8.282   1.00 38.48 ? 110 LEU A CG  1 
ATOM   873  C  CD1 . LEU A 1 110 ? -11.961 -2.590  9.663   1.00 39.74 ? 110 LEU A CD1 1 
ATOM   874  C  CD2 . LEU A 1 110 ? -10.185 -1.395  8.360   1.00 37.08 ? 110 LEU A CD2 1 
ATOM   875  N  N   . ASP A 1 111 ? -11.119 -5.307  4.911   1.00 35.50 ? 111 ASP A N   1 
ATOM   876  C  CA  . ASP A 1 111 ? -10.988 -6.731  4.627   1.00 34.94 ? 111 ASP A CA  1 
ATOM   877  C  C   . ASP A 1 111 ? -9.929  -6.926  3.561   1.00 34.19 ? 111 ASP A C   1 
ATOM   878  O  O   . ASP A 1 111 ? -9.389  -8.022  3.400   1.00 33.91 ? 111 ASP A O   1 
ATOM   879  C  CB  . ASP A 1 111 ? -12.310 -7.320  4.118   1.00 34.98 ? 111 ASP A CB  1 
ATOM   880  C  CG  . ASP A 1 111 ? -13.434 -7.191  5.118   1.00 35.14 ? 111 ASP A CG  1 
ATOM   881  O  OD1 . ASP A 1 111 ? -13.172 -6.805  6.276   1.00 37.45 ? 111 ASP A OD1 1 
ATOM   882  O  OD2 . ASP A 1 111 ? -14.589 -7.476  4.739   1.00 37.41 ? 111 ASP A OD2 1 
ATOM   883  N  N   . TYR A 1 112 ? -9.658  -5.864  2.811   1.00 32.30 ? 112 TYR A N   1 
ATOM   884  C  CA  . TYR A 1 112 ? -8.573  -5.889  1.856   1.00 31.38 ? 112 TYR A CA  1 
ATOM   885  C  C   . TYR A 1 112 ? -7.235  -5.479  2.489   1.00 30.93 ? 112 TYR A C   1 
ATOM   886  O  O   . TYR A 1 112 ? -6.186  -5.999  2.121   1.00 30.29 ? 112 TYR A O   1 
ATOM   887  C  CB  . TYR A 1 112 ? -8.906  -5.051  0.629   1.00 31.40 ? 112 TYR A CB  1 
ATOM   888  C  CG  . TYR A 1 112 ? -8.207  -5.555  -0.608  1.00 33.25 ? 112 TYR A CG  1 
ATOM   889  C  CD1 . TYR A 1 112 ? -8.342  -6.880  -1.009  1.00 32.93 ? 112 TYR A CD1 1 
ATOM   890  C  CD2 . TYR A 1 112 ? -7.393  -4.720  -1.363  1.00 33.40 ? 112 TYR A CD2 1 
ATOM   891  C  CE1 . TYR A 1 112 ? -7.694  -7.357  -2.133  1.00 33.99 ? 112 TYR A CE1 1 
ATOM   892  C  CE2 . TYR A 1 112 ? -6.737  -5.192  -2.487  1.00 34.38 ? 112 TYR A CE2 1 
ATOM   893  C  CZ  . TYR A 1 112 ? -6.894  -6.513  -2.869  1.00 32.95 ? 112 TYR A CZ  1 
ATOM   894  O  OH  . TYR A 1 112 ? -6.243  -6.990  -3.986  1.00 34.47 ? 112 TYR A OH  1 
ATOM   895  N  N   . GLN A 1 113 ? -7.286  -4.562  3.453   1.00 30.20 ? 113 GLN A N   1 
ATOM   896  C  CA  . GLN A 1 113 ? -6.115  -4.210  4.247   1.00 29.52 ? 113 GLN A CA  1 
ATOM   897  C  C   . GLN A 1 113 ? -5.599  -5.443  4.970   1.00 29.34 ? 113 GLN A C   1 
ATOM   898  O  O   . GLN A 1 113 ? -4.403  -5.579  5.195   1.00 28.37 ? 113 GLN A O   1 
ATOM   899  C  CB  . GLN A 1 113 ? -6.464  -3.129  5.276   1.00 29.86 ? 113 GLN A CB  1 
ATOM   900  C  CG  . GLN A 1 113 ? -6.796  -1.766  4.691   1.00 26.78 ? 113 GLN A CG  1 
ATOM   901  C  CD  . GLN A 1 113 ? -5.723  -1.253  3.761   1.00 28.84 ? 113 GLN A CD  1 
ATOM   902  O  OE1 . GLN A 1 113 ? -5.982  -0.994  2.585   1.00 25.77 ? 113 GLN A OE1 1 
ATOM   903  N  NE2 . GLN A 1 113 ? -4.504  -1.102  4.280   1.00 33.82 ? 113 GLN A NE2 1 
ATOM   904  N  N   . TYR A 1 114 ? -6.516  -6.330  5.348   1.00 29.16 ? 114 TYR A N   1 
ATOM   905  C  CA  . TYR A 1 114 ? -6.141  -7.663  5.806   1.00 27.33 ? 114 TYR A CA  1 
ATOM   906  C  C   . TYR A 1 114 ? -5.534  -8.408  4.634   1.00 25.63 ? 114 TYR A C   1 
ATOM   907  O  O   . TYR A 1 114 ? -4.381  -8.828  4.678   1.00 23.87 ? 114 TYR A O   1 
ATOM   908  C  CB  . TYR A 1 114 ? -7.365  -8.429  6.323   1.00 28.34 ? 114 TYR A CB  1 
ATOM   909  C  CG  . TYR A 1 114 ? -7.020  -9.713  7.054   1.00 28.57 ? 114 TYR A CG  1 
ATOM   910  C  CD1 . TYR A 1 114 ? -5.901  -9.784  7.886   1.00 29.25 ? 114 TYR A CD1 1 
ATOM   911  C  CD2 . TYR A 1 114 ? -7.809  -10.848 6.918   1.00 31.01 ? 114 TYR A CD2 1 
ATOM   912  C  CE1 . TYR A 1 114 ? -5.578  -10.947 8.563   1.00 30.98 ? 114 TYR A CE1 1 
ATOM   913  C  CE2 . TYR A 1 114 ? -7.495  -12.032 7.593   1.00 31.01 ? 114 TYR A CE2 1 
ATOM   914  C  CZ  . TYR A 1 114 ? -6.377  -12.068 8.408   1.00 32.54 ? 114 TYR A CZ  1 
ATOM   915  O  OH  . TYR A 1 114 ? -6.053  -13.220 9.072   1.00 34.83 ? 114 TYR A OH  1 
ATOM   916  N  N   . GLU A 1 115 ? -6.316  -8.549  3.573   1.00 23.60 ? 115 GLU A N   1 
ATOM   917  C  CA  . GLU A 1 115 ? -5.840  -9.251  2.399   1.00 24.80 ? 115 GLU A CA  1 
ATOM   918  C  C   . GLU A 1 115 ? -4.405  -8.859  2.030   1.00 25.80 ? 115 GLU A C   1 
ATOM   919  O  O   . GLU A 1 115 ? -3.530  -9.723  1.951   1.00 27.06 ? 115 GLU A O   1 
ATOM   920  C  CB  . GLU A 1 115 ? -6.780  -9.044  1.214   1.00 23.25 ? 115 GLU A CB  1 
ATOM   921  C  CG  . GLU A 1 115 ? -6.440  -9.899  0.014   1.00 24.02 ? 115 GLU A CG  1 
ATOM   922  C  CD  . GLU A 1 115 ? -6.518  -11.396 0.313   1.00 24.62 ? 115 GLU A CD  1 
ATOM   923  O  OE1 . GLU A 1 115 ? -7.009  -11.764 1.403   1.00 18.18 ? 115 GLU A OE1 1 
ATOM   924  O  OE2 . GLU A 1 115 ? -6.084  -12.199 -0.550  1.00 26.21 ? 115 GLU A OE2 1 
ATOM   925  N  N   . ILE A 1 116 ? -4.176  -7.566  1.809   1.00 25.51 ? 116 ILE A N   1 
ATOM   926  C  CA  . ILE A 1 116 ? -2.911  -7.090  1.272   1.00 26.06 ? 116 ILE A CA  1 
ATOM   927  C  C   . ILE A 1 116 ? -1.755  -7.365  2.224   1.00 26.72 ? 116 ILE A C   1 
ATOM   928  O  O   . ILE A 1 116 ? -0.611  -7.470  1.800   1.00 26.84 ? 116 ILE A O   1 
ATOM   929  C  CB  . ILE A 1 116 ? -2.945  -5.575  0.997   1.00 25.98 ? 116 ILE A CB  1 
ATOM   930  C  CG1 . ILE A 1 116 ? -4.028  -5.245  -0.028  1.00 24.14 ? 116 ILE A CG1 1 
ATOM   931  C  CG2 . ILE A 1 116 ? -1.580  -5.106  0.533   1.00 21.91 ? 116 ILE A CG2 1 
ATOM   932  C  CD1 . ILE A 1 116 ? -3.949  -3.837  -0.551  1.00 25.60 ? 116 ILE A CD1 1 
ATOM   933  N  N   . GLY A 1 117 ? -2.061  -7.466  3.513   1.00 27.24 ? 117 GLY A N   1 
ATOM   934  C  CA  . GLY A 1 117 ? -1.046  -7.786  4.516   1.00 29.75 ? 117 GLY A CA  1 
ATOM   935  C  C   . GLY A 1 117 ? -0.662  -9.258  4.493   1.00 30.29 ? 117 GLY A C   1 
ATOM   936  O  O   . GLY A 1 117 ? 0.515   -9.617  4.647   1.00 29.34 ? 117 GLY A O   1 
ATOM   937  N  N   . LEU A 1 118 ? -1.669  -10.104 4.300   1.00 30.68 ? 118 LEU A N   1 
ATOM   938  C  CA  . LEU A 1 118 ? -1.476  -11.552 4.202   1.00 31.83 ? 118 LEU A CA  1 
ATOM   939  C  C   . LEU A 1 118 ? -0.679  -11.908 2.964   1.00 32.23 ? 118 LEU A C   1 
ATOM   940  O  O   . LEU A 1 118 ? -0.024  -12.949 2.916   1.00 33.21 ? 118 LEU A O   1 
ATOM   941  C  CB  . LEU A 1 118 ? -2.827  -12.268 4.135   1.00 31.55 ? 118 LEU A CB  1 
ATOM   942  C  CG  . LEU A 1 118 ? -3.735  -12.187 5.356   1.00 30.94 ? 118 LEU A CG  1 
ATOM   943  C  CD1 . LEU A 1 118 ? -5.166  -12.514 4.937   1.00 32.42 ? 118 LEU A CD1 1 
ATOM   944  C  CD2 . LEU A 1 118 ? -3.243  -13.128 6.453   1.00 26.68 ? 118 LEU A CD2 1 
ATOM   945  N  N   . ARG A 1 119 ? -0.745  -11.045 1.952   1.00 31.73 ? 119 ARG A N   1 
ATOM   946  C  CA  . ARG A 1 119 ? -0.028  -11.301 0.715   1.00 30.30 ? 119 ARG A CA  1 
ATOM   947  C  C   . ARG A 1 119 ? 1.448   -10.983 0.872   1.00 30.88 ? 119 ARG A C   1 
ATOM   948  O  O   . ARG A 1 119 ? 2.303   -11.596 0.236   1.00 32.07 ? 119 ARG A O   1 
ATOM   949  C  CB  . ARG A 1 119 ? -0.646  -10.517 -0.434  1.00 29.65 ? 119 ARG A CB  1 
ATOM   950  C  CG  . ARG A 1 119 ? -2.103  -10.891 -0.639  1.00 28.92 ? 119 ARG A CG  1 
ATOM   951  C  CD  . ARG A 1 119 ? -2.625  -10.582 -2.014  1.00 24.31 ? 119 ARG A CD  1 
ATOM   952  N  NE  . ARG A 1 119 ? -3.944  -11.185 -2.140  1.00 30.82 ? 119 ARG A NE  1 
ATOM   953  C  CZ  . ARG A 1 119 ? -4.802  -10.951 -3.125  1.00 29.71 ? 119 ARG A CZ  1 
ATOM   954  N  NH1 . ARG A 1 119 ? -4.502  -10.107 -4.106  1.00 25.30 ? 119 ARG A NH1 1 
ATOM   955  N  NH2 . ARG A 1 119 ? -5.966  -11.574 -3.115  1.00 28.84 ? 119 ARG A NH2 1 
ATOM   956  N  N   . HIS A 1 120 ? 1.754   -10.026 1.731   1.00 30.57 ? 120 HIS A N   1 
ATOM   957  C  CA  . HIS A 1 120 ? 3.138   -9.737  2.005   1.00 29.77 ? 120 HIS A CA  1 
ATOM   958  C  C   . HIS A 1 120 ? 3.701   -10.863 2.857   1.00 29.06 ? 120 HIS A C   1 
ATOM   959  O  O   . HIS A 1 120 ? 4.828   -11.289 2.658   1.00 28.44 ? 120 HIS A O   1 
ATOM   960  C  CB  . HIS A 1 120 ? 3.283   -8.370  2.674   1.00 29.97 ? 120 HIS A CB  1 
ATOM   961  C  CG  . HIS A 1 120 ? 3.152   -7.218  1.723   1.00 26.05 ? 120 HIS A CG  1 
ATOM   962  N  ND1 . HIS A 1 120 ? 1.952   -6.587  1.475   1.00 24.50 ? 120 HIS A ND1 1 
ATOM   963  C  CD2 . HIS A 1 120 ? 4.074   -6.583  0.961   1.00 19.37 ? 120 HIS A CD2 1 
ATOM   964  C  CE1 . HIS A 1 120 ? 2.142   -5.616  0.596   1.00 22.31 ? 120 HIS A CE1 1 
ATOM   965  N  NE2 . HIS A 1 120 ? 3.425   -5.590  0.274   1.00 8.04  ? 120 HIS A NE2 1 
ATOM   966  N  N   . HIS A 1 121 ? 2.877   -11.368 3.769   1.00 30.41 ? 121 HIS A N   1 
ATOM   967  C  CA  . HIS A 1 121 ? 3.278   -12.394 4.735   1.00 30.88 ? 121 HIS A CA  1 
ATOM   968  C  C   . HIS A 1 121 ? 3.671   -13.708 4.029   1.00 32.01 ? 121 HIS A C   1 
ATOM   969  O  O   . HIS A 1 121 ? 3.841   -13.738 2.814   1.00 32.57 ? 121 HIS A O   1 
ATOM   970  C  CB  . HIS A 1 121 ? 2.142   -12.595 5.755   1.00 30.59 ? 121 HIS A CB  1 
ATOM   971  C  CG  . HIS A 1 121 ? 2.537   -13.363 6.979   1.00 28.94 ? 121 HIS A CG  1 
ATOM   972  N  ND1 . HIS A 1 121 ? 3.638   -13.042 7.743   1.00 30.30 ? 121 HIS A ND1 1 
ATOM   973  C  CD2 . HIS A 1 121 ? 1.961   -14.432 7.580   1.00 29.33 ? 121 HIS A CD2 1 
ATOM   974  C  CE1 . HIS A 1 121 ? 3.737   -13.893 8.751   1.00 29.49 ? 121 HIS A CE1 1 
ATOM   975  N  NE2 . HIS A 1 121 ? 2.728   -14.744 8.678   1.00 30.84 ? 121 HIS A NE2 1 
ATOM   976  N  N   . ARG A 1 122 ? 3.841   -14.794 4.774   1.00 33.39 ? 122 ARG A N   1 
ATOM   977  C  CA  . ARG A 1 122 ? 4.027   -16.086 4.112   1.00 33.85 ? 122 ARG A CA  1 
ATOM   978  C  C   . ARG A 1 122 ? 2.691   -16.757 3.863   1.00 33.47 ? 122 ARG A C   1 
ATOM   979  O  O   . ARG A 1 122 ? 2.559   -17.573 2.956   1.00 32.86 ? 122 ARG A O   1 
ATOM   980  C  CB  . ARG A 1 122 ? 4.984   -17.004 4.870   1.00 32.28 ? 122 ARG A CB  1 
ATOM   981  C  CG  . ARG A 1 122 ? 4.647   -17.213 6.323   1.00 36.40 ? 122 ARG A CG  1 
ATOM   982  C  CD  . ARG A 1 122 ? 5.596   -18.221 6.963   1.00 36.21 ? 122 ARG A CD  1 
ATOM   983  N  NE  . ARG A 1 122 ? 6.733   -17.580 7.619   1.00 36.24 ? 122 ARG A NE  1 
ATOM   984  C  CZ  . ARG A 1 122 ? 7.896   -17.318 7.027   1.00 34.34 ? 122 ARG A CZ  1 
ATOM   985  N  NH1 . ARG A 1 122 ? 8.089   -17.631 5.755   1.00 30.36 ? 122 ARG A NH1 1 
ATOM   986  N  NH2 . ARG A 1 122 ? 8.873   -16.744 7.716   1.00 32.18 ? 122 ARG A NH2 1 
ATOM   987  N  N   . THR A 1 123 ? 1.698   -16.378 4.663   1.00 34.97 ? 123 THR A N   1 
ATOM   988  C  CA  . THR A 1 123 ? 0.355   -16.945 4.565   1.00 35.43 ? 123 THR A CA  1 
ATOM   989  C  C   . THR A 1 123 ? -0.151  -16.972 3.130   1.00 35.35 ? 123 THR A C   1 
ATOM   990  O  O   . THR A 1 123 ? -0.628  -18.003 2.669   1.00 36.01 ? 123 THR A O   1 
ATOM   991  C  CB  . THR A 1 123 ? -0.650  -16.196 5.457   1.00 35.27 ? 123 THR A CB  1 
ATOM   992  O  OG1 . THR A 1 123 ? -0.162  -16.172 6.801   1.00 36.56 ? 123 THR A OG1 1 
ATOM   993  C  CG2 . THR A 1 123 ? -2.005  -16.889 5.440   1.00 34.75 ? 123 THR A CG2 1 
ATOM   994  N  N   . LYS A 1 124 ? -0.041  -15.850 2.421   1.00 34.61 ? 124 LYS A N   1 
ATOM   995  C  CA  . LYS A 1 124 ? -0.568  -15.782 1.062   1.00 35.13 ? 124 LYS A CA  1 
ATOM   996  C  C   . LYS A 1 124 ? 0.409   -15.296 -0.003  1.00 35.45 ? 124 LYS A C   1 
ATOM   997  O  O   . LYS A 1 124 ? 0.026   -15.159 -1.168  1.00 36.41 ? 124 LYS A O   1 
ATOM   998  C  CB  . LYS A 1 124 ? -1.869  -14.969 1.004   1.00 35.78 ? 124 LYS A CB  1 
ATOM   999  C  CG  . LYS A 1 124 ? -3.088  -15.684 1.581   1.00 35.51 ? 124 LYS A CG  1 
ATOM   1000 C  CD  . LYS A 1 124 ? -4.387  -15.222 0.932   1.00 38.31 ? 124 LYS A CD  1 
ATOM   1001 C  CE  . LYS A 1 124 ? -4.744  -16.075 -0.274  1.00 41.01 ? 124 LYS A CE  1 
ATOM   1002 N  NZ  . LYS A 1 124 ? -6.194  -15.993 -0.631  1.00 42.45 ? 124 LYS A NZ  1 
ATOM   1003 N  N   . LYS A 1 125 ? 1.662   -15.043 0.370   1.00 35.07 ? 125 LYS A N   1 
ATOM   1004 C  CA  . LYS A 1 125 ? 2.639   -14.587 -0.613  1.00 34.49 ? 125 LYS A CA  1 
ATOM   1005 C  C   . LYS A 1 125 ? 2.786   -15.595 -1.754  1.00 35.47 ? 125 LYS A C   1 
ATOM   1006 O  O   . LYS A 1 125 ? 2.754   -16.818 -1.534  1.00 35.81 ? 125 LYS A O   1 
ATOM   1007 C  CB  . LYS A 1 125 ? 4.000   -14.293 0.031   1.00 34.41 ? 125 LYS A CB  1 
ATOM   1008 C  CG  . LYS A 1 125 ? 5.000   -13.588 -0.904  1.00 32.40 ? 125 LYS A CG  1 
ATOM   1009 C  CD  . LYS A 1 125 ? 6.371   -13.387 -0.234  1.00 31.46 ? 125 LYS A CD  1 
ATOM   1010 C  CE  . LYS A 1 125 ? 7.244   -12.388 -1.003  1.00 24.83 ? 125 LYS A CE  1 
ATOM   1011 N  NZ  . LYS A 1 125 ? 7.897   -12.982 -2.208  1.00 29.19 ? 125 LYS A NZ  1 
ATOM   1012 N  N   . ASN A 1 126 ? 2.939   -15.070 -2.969  1.00 34.97 ? 126 ASN A N   1 
ATOM   1013 C  CA  . ASN A 1 126 ? 3.175   -15.889 -4.161  1.00 36.62 ? 126 ASN A CA  1 
ATOM   1014 C  C   . ASN A 1 126 ? 1.968   -16.711 -4.648  1.00 37.65 ? 126 ASN A C   1 
ATOM   1015 O  O   . ASN A 1 126 ? 2.076   -17.454 -5.622  1.00 38.13 ? 126 ASN A O   1 
ATOM   1016 C  CB  . ASN A 1 126 ? 4.309   -16.897 -3.927  1.00 35.21 ? 126 ASN A CB  1 
ATOM   1017 C  CG  . ASN A 1 126 ? 5.553   -16.255 -3.329  1.00 35.02 ? 126 ASN A CG  1 
ATOM   1018 O  OD1 . ASN A 1 126 ? 6.093   -15.282 -3.867  1.00 31.02 ? 126 ASN A OD1 1 
ATOM   1019 N  ND2 . ASN A 1 126 ? 6.010   -16.797 -2.204  1.00 34.41 ? 126 ASN A ND2 1 
ATOM   1020 N  N   . GLN A 1 127 ? 0.819   -16.565 -3.989  1.00 38.39 ? 127 GLN A N   1 
ATOM   1021 C  CA  . GLN A 1 127 ? -0.333  -17.410 -4.313  1.00 40.35 ? 127 GLN A CA  1 
ATOM   1022 C  C   . GLN A 1 127 ? -1.301  -16.748 -5.292  1.00 40.45 ? 127 GLN A C   1 
ATOM   1023 O  O   . GLN A 1 127 ? -1.898  -17.415 -6.141  1.00 41.72 ? 127 GLN A O   1 
ATOM   1024 C  CB  . GLN A 1 127 ? -1.079  -17.814 -3.041  1.00 41.44 ? 127 GLN A CB  1 
ATOM   1025 C  CG  . GLN A 1 127 ? -0.258  -18.654 -2.067  1.00 43.27 ? 127 GLN A CG  1 
ATOM   1026 C  CD  . GLN A 1 127 ? -1.109  -19.240 -0.955  1.00 47.87 ? 127 GLN A CD  1 
ATOM   1027 O  OE1 . GLN A 1 127 ? -2.314  -19.444 -1.119  1.00 49.99 ? 127 GLN A OE1 1 
ATOM   1028 N  NE2 . GLN A 1 127 ? -0.487  -19.507 0.187   1.00 48.24 ? 127 GLN A NE2 1 
ATOM   1029 N  N   . THR A 1 128 ? -1.451  -15.434 -5.161  1.00 40.31 ? 128 THR A N   1 
ATOM   1030 C  CA  . THR A 1 128 ? -2.235  -14.628 -6.088  1.00 39.16 ? 128 THR A CA  1 
ATOM   1031 C  C   . THR A 1 128 ? -1.814  -14.872 -7.530  1.00 39.57 ? 128 THR A C   1 
ATOM   1032 O  O   . THR A 1 128 ? -2.650  -15.168 -8.388  1.00 40.27 ? 128 THR A O   1 
ATOM   1033 C  CB  . THR A 1 128 ? -2.106  -13.132 -5.752  1.00 39.39 ? 128 THR A CB  1 
ATOM   1034 O  OG1 . THR A 1 128 ? -2.633  -12.897 -4.441  1.00 37.95 ? 128 THR A OG1 1 
ATOM   1035 C  CG2 . THR A 1 128 ? -2.855  -12.261 -6.765  1.00 38.67 ? 128 THR A CG2 1 
ATOM   1036 N  N   . ASP A 1 129 ? -0.521  -14.752 -7.799  1.00 39.10 ? 129 ASP A N   1 
ATOM   1037 C  CA  . ASP A 1 129 ? -0.025  -14.884 -9.164  1.00 39.07 ? 129 ASP A CA  1 
ATOM   1038 C  C   . ASP A 1 129 ? 0.599   -16.245 -9.416  1.00 39.26 ? 129 ASP A C   1 
ATOM   1039 O  O   . ASP A 1 129 ? 1.377   -16.409 -10.353 1.00 39.19 ? 129 ASP A O   1 
ATOM   1040 C  CB  . ASP A 1 129 ? 0.993   -13.791 -9.470  1.00 39.46 ? 129 ASP A CB  1 
ATOM   1041 C  CG  . ASP A 1 129 ? 0.607   -12.467 -8.879  1.00 39.44 ? 129 ASP A CG  1 
ATOM   1042 O  OD1 . ASP A 1 129 ? -0.460  -11.954 -9.276  1.00 40.09 ? 129 ASP A OD1 1 
ATOM   1043 O  OD2 . ASP A 1 129 ? 1.359   -11.953 -8.016  1.00 35.75 ? 129 ASP A OD2 1 
ATOM   1044 N  N   . ASN A 1 130 ? 0.259   -17.216 -8.571  1.00 39.72 ? 130 ASN A N   1 
ATOM   1045 C  CA  . ASN A 1 130 ? 0.680   -18.595 -8.778  1.00 39.49 ? 130 ASN A CA  1 
ATOM   1046 C  C   . ASN A 1 130 ? 2.153   -18.719 -9.164  1.00 39.09 ? 130 ASN A C   1 
ATOM   1047 O  O   . ASN A 1 130 ? 2.511   -19.500 -10.051 1.00 39.48 ? 130 ASN A O   1 
ATOM   1048 C  CB  . ASN A 1 130 ? -0.195  -19.265 -9.841  1.00 39.60 ? 130 ASN A CB  1 
ATOM   1049 C  CG  . ASN A 1 130 ? 0.088   -20.747 -9.970  1.00 41.14 ? 130 ASN A CG  1 
ATOM   1050 O  OD1 . ASN A 1 130 ? 0.364   -21.425 -8.978  1.00 42.56 ? 130 ASN A OD1 1 
ATOM   1051 N  ND2 . ASN A 1 130 ? 0.036   -21.258 -11.194 1.00 39.82 ? 130 ASN A ND2 1 
ATOM   1052 N  N   . VAL A 1 131 ? 3.007   -17.944 -8.502  1.00 37.44 ? 131 VAL A N   1 
ATOM   1053 C  CA  . VAL A 1 131 ? 4.415   -17.912 -8.858  1.00 35.97 ? 131 VAL A CA  1 
ATOM   1054 C  C   . VAL A 1 131 ? 5.258   -18.507 -7.751  1.00 35.59 ? 131 VAL A C   1 
ATOM   1055 O  O   . VAL A 1 131 ? 4.793   -18.660 -6.632  1.00 36.23 ? 131 VAL A O   1 
ATOM   1056 C  CB  . VAL A 1 131 ? 4.905   -16.479 -9.169  1.00 35.92 ? 131 VAL A CB  1 
ATOM   1057 C  CG1 . VAL A 1 131 ? 4.271   -15.974 -10.445 1.00 33.03 ? 131 VAL A CG1 1 
ATOM   1058 C  CG2 . VAL A 1 131 ? 4.619   -15.540 -8.000  1.00 35.19 ? 131 VAL A CG2 1 
ATOM   1059 N  N   . GLU A 1 132 ? 6.498   -18.849 -8.066  1.00 35.98 ? 132 GLU A N   1 
ATOM   1060 C  CA  . GLU A 1 132 ? 7.409   -19.340 -7.044  1.00 36.85 ? 132 GLU A CA  1 
ATOM   1061 C  C   . GLU A 1 132 ? 8.509   -18.334 -6.811  1.00 36.12 ? 132 GLU A C   1 
ATOM   1062 O  O   . GLU A 1 132 ? 9.300   -18.039 -7.707  1.00 36.28 ? 132 GLU A O   1 
ATOM   1063 C  CB  . GLU A 1 132 ? 7.998   -20.698 -7.432  1.00 37.19 ? 132 GLU A CB  1 
ATOM   1064 C  CG  . GLU A 1 132 ? 6.945   -21.712 -7.820  1.00 38.68 ? 132 GLU A CG  1 
ATOM   1065 C  CD  . GLU A 1 132 ? 7.411   -22.602 -8.940  1.00 41.58 ? 132 GLU A CD  1 
ATOM   1066 O  OE1 . GLU A 1 132 ? 8.165   -23.556 -8.648  1.00 39.97 ? 132 GLU A OE1 1 
ATOM   1067 O  OE2 . GLU A 1 132 ? 7.023   -22.342 -10.105 1.00 41.28 ? 132 GLU A OE2 1 
ATOM   1068 N  N   . SER A 1 133 ? 8.538   -17.797 -5.602  1.00 36.04 ? 133 SER A N   1 
ATOM   1069 C  CA  . SER A 1 133 ? 9.521   -16.797 -5.228  1.00 35.84 ? 133 SER A CA  1 
ATOM   1070 C  C   . SER A 1 133 ? 9.842   -16.991 -3.754  1.00 35.38 ? 133 SER A C   1 
ATOM   1071 O  O   . SER A 1 133 ? 9.540   -18.041 -3.187  1.00 35.42 ? 133 SER A O   1 
ATOM   1072 C  CB  . SER A 1 133 ? 8.973   -15.393 -5.503  1.00 34.83 ? 133 SER A CB  1 
ATOM   1073 O  OG  . SER A 1 133 ? 9.545   -14.439 -4.627  1.00 34.51 ? 133 SER A OG  1 
ATOM   1074 N  N   . VAL A 1 134 ? 10.450  -15.985 -3.134  1.00 36.07 ? 134 VAL A N   1 
ATOM   1075 C  CA  . VAL A 1 134 ? 10.712  -16.028 -1.695  1.00 34.89 ? 134 VAL A CA  1 
ATOM   1076 C  C   . VAL A 1 134 ? 9.400   -16.113 -0.910  1.00 35.16 ? 134 VAL A C   1 
ATOM   1077 O  O   . VAL A 1 134 ? 8.369   -15.567 -1.344  1.00 33.94 ? 134 VAL A O   1 
ATOM   1078 C  CB  . VAL A 1 134 ? 11.554  -14.828 -1.231  1.00 35.36 ? 134 VAL A CB  1 
ATOM   1079 C  CG1 . VAL A 1 134 ? 12.814  -14.718 -2.073  1.00 33.78 ? 134 VAL A CG1 1 
ATOM   1080 C  CG2 . VAL A 1 134 ? 10.751  -13.538 -1.309  1.00 36.57 ? 134 VAL A CG2 1 
ATOM   1081 N  N   . PRO A 1 135 ? 9.428   -16.819 0.237   1.00 34.50 ? 135 PRO A N   1 
ATOM   1082 C  CA  . PRO A 1 135 ? 8.196   -17.196 0.909   1.00 33.54 ? 135 PRO A CA  1 
ATOM   1083 C  C   . PRO A 1 135 ? 7.669   -16.100 1.823   1.00 33.27 ? 135 PRO A C   1 
ATOM   1084 O  O   . PRO A 1 135 ? 6.451   -15.918 1.913   1.00 33.54 ? 135 PRO A O   1 
ATOM   1085 C  CB  . PRO A 1 135 ? 8.590   -18.442 1.717   1.00 34.21 ? 135 PRO A CB  1 
ATOM   1086 C  CG  . PRO A 1 135 ? 10.122  -18.520 1.668   1.00 34.09 ? 135 PRO A CG  1 
ATOM   1087 C  CD  . PRO A 1 135 ? 10.619  -17.291 0.963   1.00 34.88 ? 135 PRO A CD  1 
ATOM   1088 N  N   . ASN A 1 136 ? 8.568   -15.375 2.491   1.00 32.32 ? 136 ASN A N   1 
ATOM   1089 C  CA  . ASN A 1 136 ? 8.161   -14.214 3.297   1.00 31.16 ? 136 ASN A CA  1 
ATOM   1090 C  C   . ASN A 1 136 ? 8.936   -12.920 3.053   1.00 30.53 ? 136 ASN A C   1 
ATOM   1091 O  O   . ASN A 1 136 ? 10.152  -12.944 2.860   1.00 30.60 ? 136 ASN A O   1 
ATOM   1092 C  CB  . ASN A 1 136 ? 8.180   -14.540 4.787   1.00 29.86 ? 136 ASN A CB  1 
ATOM   1093 C  CG  . ASN A 1 136 ? 7.438   -13.505 5.610   1.00 31.04 ? 136 ASN A CG  1 
ATOM   1094 O  OD1 . ASN A 1 136 ? 8.040   -12.766 6.387   1.00 29.37 ? 136 ASN A OD1 1 
ATOM   1095 N  ND2 . ASN A 1 136 ? 6.124   -13.432 5.423   1.00 25.83 ? 136 ASN A ND2 1 
ATOM   1096 N  N   . ILE A 1 137 ? 8.225   -11.790 3.096   1.00 30.67 ? 137 ILE A N   1 
ATOM   1097 C  CA  . ILE A 1 137 ? 8.861   -10.466 3.176   1.00 28.87 ? 137 ILE A CA  1 
ATOM   1098 C  C   . ILE A 1 137 ? 8.959   -10.044 4.630   1.00 28.59 ? 137 ILE A C   1 
ATOM   1099 O  O   . ILE A 1 137 ? 7.937   -9.911  5.303   1.00 30.18 ? 137 ILE A O   1 
ATOM   1100 C  CB  . ILE A 1 137 ? 8.039   -9.389  2.425   1.00 29.66 ? 137 ILE A CB  1 
ATOM   1101 C  CG1 . ILE A 1 137 ? 7.679   -9.857  1.017   1.00 29.07 ? 137 ILE A CG1 1 
ATOM   1102 C  CG2 . ILE A 1 137 ? 8.788   -8.060  2.366   1.00 25.19 ? 137 ILE A CG2 1 
ATOM   1103 C  CD1 . ILE A 1 137 ? 6.889   -8.824  0.227   1.00 30.72 ? 137 ILE A CD1 1 
ATOM   1104 N  N   . GLY A 1 138 ? 10.180  -9.833  5.120   1.00 27.50 ? 138 GLY A N   1 
ATOM   1105 C  CA  . GLY A 1 138 ? 10.392  -9.476  6.521   1.00 26.49 ? 138 GLY A CA  1 
ATOM   1106 C  C   . GLY A 1 138 ? 9.683   -8.194  6.912   1.00 27.14 ? 138 GLY A C   1 
ATOM   1107 O  O   . GLY A 1 138 ? 9.882   -7.142  6.287   1.00 28.32 ? 138 GLY A O   1 
ATOM   1108 N  N   . TYR A 1 139 ? 8.850   -8.265  7.943   1.00 26.41 ? 139 TYR A N   1 
ATOM   1109 C  CA  . TYR A 1 139 ? 8.033   -7.111  8.295   1.00 26.40 ? 139 TYR A CA  1 
ATOM   1110 C  C   . TYR A 1 139 ? 8.867   -5.853  8.388   1.00 27.09 ? 139 TYR A C   1 
ATOM   1111 O  O   . TYR A 1 139 ? 8.393   -4.759  8.082   1.00 27.57 ? 139 TYR A O   1 
ATOM   1112 C  CB  . TYR A 1 139 ? 7.271   -7.303  9.606   1.00 25.79 ? 139 TYR A CB  1 
ATOM   1113 C  CG  . TYR A 1 139 ? 6.238   -6.215  9.805   1.00 26.62 ? 139 TYR A CG  1 
ATOM   1114 C  CD1 . TYR A 1 139 ? 5.096   -6.158  8.994   1.00 26.09 ? 139 TYR A CD1 1 
ATOM   1115 C  CD2 . TYR A 1 139 ? 6.408   -5.228  10.771  1.00 23.00 ? 139 TYR A CD2 1 
ATOM   1116 C  CE1 . TYR A 1 139 ? 4.156   -5.151  9.144   1.00 23.96 ? 139 TYR A CE1 1 
ATOM   1117 C  CE2 . TYR A 1 139 ? 5.469   -4.216  10.937  1.00 25.39 ? 139 TYR A CE2 1 
ATOM   1118 C  CZ  . TYR A 1 139 ? 4.339   -4.188  10.118  1.00 25.37 ? 139 TYR A CZ  1 
ATOM   1119 O  OH  . TYR A 1 139 ? 3.399   -3.192  10.271  1.00 22.99 ? 139 TYR A OH  1 
ATOM   1120 N  N   . ARG A 1 140 ? 10.109  -6.016  8.829   1.00 26.97 ? 140 ARG A N   1 
ATOM   1121 C  CA  . ARG A 1 140 ? 10.993  -4.887  9.058   1.00 26.62 ? 140 ARG A CA  1 
ATOM   1122 C  C   . ARG A 1 140 ? 10.996  -3.944  7.865   1.00 26.75 ? 140 ARG A C   1 
ATOM   1123 O  O   . ARG A 1 140 ? 11.208  -2.749  8.018   1.00 26.59 ? 140 ARG A O   1 
ATOM   1124 C  CB  . ARG A 1 140 ? 12.413  -5.376  9.371   1.00 26.39 ? 140 ARG A CB  1 
ATOM   1125 C  CG  . ARG A 1 140 ? 13.374  -5.378  8.190   1.00 23.27 ? 140 ARG A CG  1 
ATOM   1126 C  CD  . ARG A 1 140 ? 14.699  -6.008  8.571   1.00 20.20 ? 140 ARG A CD  1 
ATOM   1127 N  NE  . ARG A 1 140 ? 14.613  -7.468  8.577   1.00 22.76 ? 140 ARG A NE  1 
ATOM   1128 C  CZ  . ARG A 1 140 ? 15.614  -8.289  8.873   1.00 27.12 ? 140 ARG A CZ  1 
ATOM   1129 N  NH1 . ARG A 1 140 ? 16.815  -7.814  9.209   1.00 32.04 ? 140 ARG A NH1 1 
ATOM   1130 N  NH2 . ARG A 1 140 ? 15.411  -9.598  8.849   1.00 28.75 ? 140 ARG A NH2 1 
ATOM   1131 N  N   . TYR A 1 141 ? 10.760  -4.483  6.674   1.00 28.34 ? 141 TYR A N   1 
ATOM   1132 C  CA  . TYR A 1 141 ? 10.850  -3.668  5.465   1.00 28.94 ? 141 TYR A CA  1 
ATOM   1133 C  C   . TYR A 1 141 ? 9.541   -2.985  5.138   1.00 27.82 ? 141 TYR A C   1 
ATOM   1134 O  O   . TYR A 1 141 ? 9.534   -1.924  4.504   1.00 28.43 ? 141 TYR A O   1 
ATOM   1135 C  CB  . TYR A 1 141 ? 11.360  -4.472  4.261   1.00 29.34 ? 141 TYR A CB  1 
ATOM   1136 C  CG  . TYR A 1 141 ? 12.825  -4.841  4.374   1.00 29.78 ? 141 TYR A CG  1 
ATOM   1137 C  CD1 . TYR A 1 141 ? 13.779  -3.882  4.687   1.00 30.08 ? 141 TYR A CD1 1 
ATOM   1138 C  CD2 . TYR A 1 141 ? 13.248  -6.156  4.193   1.00 31.10 ? 141 TYR A CD2 1 
ATOM   1139 C  CE1 . TYR A 1 141 ? 15.125  -4.219  4.806   1.00 30.27 ? 141 TYR A CE1 1 
ATOM   1140 C  CE2 . TYR A 1 141 ? 14.588  -6.504  4.310   1.00 32.34 ? 141 TYR A CE2 1 
ATOM   1141 C  CZ  . TYR A 1 141 ? 15.521  -5.533  4.613   1.00 29.87 ? 141 TYR A CZ  1 
ATOM   1142 O  OH  . TYR A 1 141 ? 16.845  -5.879  4.729   1.00 32.54 ? 141 TYR A OH  1 
ATOM   1143 N  N   . LEU A 1 142 ? 8.442   -3.602  5.554   1.00 26.40 ? 142 LEU A N   1 
ATOM   1144 C  CA  . LEU A 1 142 ? 7.106   -3.037  5.342   1.00 26.34 ? 142 LEU A CA  1 
ATOM   1145 C  C   . LEU A 1 142 ? 6.961   -1.775  6.168   1.00 26.62 ? 142 LEU A C   1 
ATOM   1146 O  O   . LEU A 1 142 ? 6.149   -0.916  5.852   1.00 26.48 ? 142 LEU A O   1 
ATOM   1147 C  CB  . LEU A 1 142 ? 6.032   -4.013  5.808   1.00 26.34 ? 142 LEU A CB  1 
ATOM   1148 C  CG  . LEU A 1 142 ? 5.352   -4.914  4.790   1.00 27.50 ? 142 LEU A CG  1 
ATOM   1149 C  CD1 . LEU A 1 142 ? 6.249   -6.118  4.580   1.00 30.17 ? 142 LEU A CD1 1 
ATOM   1150 C  CD2 . LEU A 1 142 ? 3.985   -5.353  5.339   1.00 25.43 ? 142 LEU A CD2 1 
ATOM   1151 N  N   . VAL A 1 143 ? 7.735   -1.683  7.249   1.00 26.28 ? 143 VAL A N   1 
ATOM   1152 C  CA  . VAL A 1 143 ? 7.693   -0.506  8.096   1.00 27.04 ? 143 VAL A CA  1 
ATOM   1153 C  C   . VAL A 1 143 ? 8.571   0.556   7.462   1.00 27.54 ? 143 VAL A C   1 
ATOM   1154 O  O   . VAL A 1 143 ? 8.311   1.757   7.584   1.00 28.36 ? 143 VAL A O   1 
ATOM   1155 C  CB  . VAL A 1 143 ? 8.185   -0.811  9.518   1.00 27.67 ? 143 VAL A CB  1 
ATOM   1156 C  CG1 . VAL A 1 143 ? 8.234   0.482   10.358  1.00 27.10 ? 143 VAL A CG1 1 
ATOM   1157 C  CG2 . VAL A 1 143 ? 7.280   -1.860  10.173  1.00 27.39 ? 143 VAL A CG2 1 
ATOM   1158 N  N   . ALA A 1 144 ? 9.606   0.093   6.771   1.00 27.31 ? 144 ALA A N   1 
ATOM   1159 C  CA  . ALA A 1 144 ? 10.658  0.955   6.273   1.00 25.59 ? 144 ALA A CA  1 
ATOM   1160 C  C   . ALA A 1 144 ? 10.144  1.696   5.052   1.00 25.20 ? 144 ALA A C   1 
ATOM   1161 O  O   . ALA A 1 144 ? 10.342  2.908   4.916   1.00 26.04 ? 144 ALA A O   1 
ATOM   1162 C  CB  . ALA A 1 144 ? 11.883  0.127   5.934   1.00 25.91 ? 144 ALA A CB  1 
ATOM   1163 N  N   . PHE A 1 145 ? 9.442   0.969   4.186   1.00 23.80 ? 145 PHE A N   1 
ATOM   1164 C  CA  . PHE A 1 145 ? 8.766   1.559   3.029   1.00 22.47 ? 145 PHE A CA  1 
ATOM   1165 C  C   . PHE A 1 145 ? 7.692   2.625   3.305   1.00 21.68 ? 145 PHE A C   1 
ATOM   1166 O  O   . PHE A 1 145 ? 7.108   3.153   2.364   1.00 23.02 ? 145 PHE A O   1 
ATOM   1167 C  CB  . PHE A 1 145 ? 8.140   0.469   2.164   1.00 21.27 ? 145 PHE A CB  1 
ATOM   1168 C  CG  . PHE A 1 145 ? 9.114   -0.224  1.246   1.00 21.08 ? 145 PHE A CG  1 
ATOM   1169 C  CD1 . PHE A 1 145 ? 10.459  -0.310  1.566   1.00 16.35 ? 145 PHE A CD1 1 
ATOM   1170 C  CD2 . PHE A 1 145 ? 8.672   -0.815  0.077   1.00 17.66 ? 145 PHE A CD2 1 
ATOM   1171 C  CE1 . PHE A 1 145 ? 11.336  -0.966  0.746   1.00 15.18 ? 145 PHE A CE1 1 
ATOM   1172 C  CE2 . PHE A 1 145 ? 9.549   -1.470  -0.749  1.00 19.25 ? 145 PHE A CE2 1 
ATOM   1173 C  CZ  . PHE A 1 145 ? 10.889  -1.536  -0.413  1.00 22.05 ? 145 PHE A CZ  1 
ATOM   1174 N  N   . ILE A 1 146 ? 7.400   2.928   4.562   1.00 19.74 ? 146 ILE A N   1 
ATOM   1175 C  CA  . ILE A 1 146 ? 6.526   4.065   4.856   1.00 16.21 ? 146 ILE A CA  1 
ATOM   1176 C  C   . ILE A 1 146 ? 7.251   5.312   4.382   1.00 17.29 ? 146 ILE A C   1 
ATOM   1177 O  O   . ILE A 1 146 ? 6.676   6.127   3.675   1.00 17.87 ? 146 ILE A O   1 
ATOM   1178 C  CB  . ILE A 1 146 ? 6.243   4.210   6.363   1.00 15.93 ? 146 ILE A CB  1 
ATOM   1179 C  CG1 . ILE A 1 146 ? 5.587   2.961   6.927   1.00 7.27  ? 146 ILE A CG1 1 
ATOM   1180 C  CG2 . ILE A 1 146 ? 5.409   5.460   6.667   1.00 11.81 ? 146 ILE A CG2 1 
ATOM   1181 C  CD1 . ILE A 1 146 ? 5.121   3.169   8.386   1.00 5.49  ? 146 ILE A CD1 1 
ATOM   1182 N  N   . TYR A 1 147 ? 8.528   5.439   4.744   1.00 17.30 ? 147 TYR A N   1 
ATOM   1183 C  CA  . TYR A 1 147 ? 9.311   6.574   4.300   1.00 17.90 ? 147 TYR A CA  1 
ATOM   1184 C  C   . TYR A 1 147 ? 9.350   6.836   2.788   1.00 19.79 ? 147 TYR A C   1 
ATOM   1185 O  O   . TYR A 1 147 ? 9.002   7.937   2.355   1.00 20.67 ? 147 TYR A O   1 
ATOM   1186 C  CB  . TYR A 1 147 ? 10.736  6.657   4.882   1.00 18.11 ? 147 TYR A CB  1 
ATOM   1187 C  CG  . TYR A 1 147 ? 11.320  7.953   4.371   1.00 15.47 ? 147 TYR A CG  1 
ATOM   1188 C  CD1 . TYR A 1 147 ? 11.041  9.154   5.009   1.00 15.14 ? 147 TYR A CD1 1 
ATOM   1189 C  CD2 . TYR A 1 147 ? 12.012  7.994   3.176   1.00 15.35 ? 147 TYR A CD2 1 
ATOM   1190 C  CE1 . TYR A 1 147 ? 11.496  10.357  4.505   1.00 17.48 ? 147 TYR A CE1 1 
ATOM   1191 C  CE2 . TYR A 1 147 ? 12.476  9.195   2.659   1.00 16.41 ? 147 TYR A CE2 1 
ATOM   1192 C  CZ  . TYR A 1 147 ? 12.215  10.365  3.328   1.00 15.39 ? 147 TYR A CZ  1 
ATOM   1193 O  OH  . TYR A 1 147 ? 12.669  11.545  2.824   1.00 20.32 ? 147 TYR A OH  1 
ATOM   1194 N  N   . PRO A 1 148 ? 9.808   5.848   1.989   1.00 20.10 ? 148 PRO A N   1 
ATOM   1195 C  CA  . PRO A 1 148 ? 9.852   6.019   0.544   1.00 21.87 ? 148 PRO A CA  1 
ATOM   1196 C  C   . PRO A 1 148 ? 8.486   5.991   -0.172  1.00 23.38 ? 148 PRO A C   1 
ATOM   1197 O  O   . PRO A 1 148 ? 8.387   6.456   -1.313  1.00 24.46 ? 148 PRO A O   1 
ATOM   1198 C  CB  . PRO A 1 148 ? 10.719  4.845   0.079   1.00 19.99 ? 148 PRO A CB  1 
ATOM   1199 C  CG  . PRO A 1 148 ? 10.526  3.812   1.110   1.00 19.99 ? 148 PRO A CG  1 
ATOM   1200 C  CD  . PRO A 1 148 ? 10.420  4.572   2.398   1.00 20.59 ? 148 PRO A CD  1 
ATOM   1201 N  N   . ILE A 1 149 ? 7.445   5.462   0.454   1.00 24.61 ? 149 ILE A N   1 
ATOM   1202 C  CA  . ILE A 1 149 ? 6.102   5.628   -0.148  1.00 27.06 ? 149 ILE A CA  1 
ATOM   1203 C  C   . ILE A 1 149 ? 5.547   7.048   0.066   1.00 28.41 ? 149 ILE A C   1 
ATOM   1204 O  O   . ILE A 1 149 ? 4.618   7.477   -0.622  1.00 27.67 ? 149 ILE A O   1 
ATOM   1205 C  CB  . ILE A 1 149 ? 5.092   4.596   0.361   1.00 24.95 ? 149 ILE A CB  1 
ATOM   1206 C  CG1 . ILE A 1 149 ? 5.591   3.173   0.089   1.00 27.28 ? 149 ILE A CG1 1 
ATOM   1207 C  CG2 . ILE A 1 149 ? 3.736   4.805   -0.284  1.00 26.23 ? 149 ILE A CG2 1 
ATOM   1208 C  CD1 . ILE A 1 149 ? 5.756   2.837   -1.385  1.00 26.44 ? 149 ILE A CD1 1 
ATOM   1209 N  N   . THR A 1 150 ? 6.119   7.768   1.027   1.00 30.68 ? 150 THR A N   1 
ATOM   1210 C  CA  . THR A 1 150 ? 5.642   9.106   1.348   1.00 32.80 ? 150 THR A CA  1 
ATOM   1211 C  C   . THR A 1 150 ? 6.463   10.116  0.576   1.00 35.00 ? 150 THR A C   1 
ATOM   1212 O  O   . THR A 1 150 ? 6.006   10.669  -0.430  1.00 35.39 ? 150 THR A O   1 
ATOM   1213 C  CB  . THR A 1 150 ? 5.774   9.414   2.846   1.00 33.16 ? 150 THR A CB  1 
ATOM   1214 O  OG1 . THR A 1 150 ? 5.144   8.379   3.612   1.00 31.00 ? 150 THR A OG1 1 
ATOM   1215 C  CG2 . THR A 1 150 ? 5.121   10.756  3.167   1.00 32.19 ? 150 THR A CG2 1 
ATOM   1216 N  N   . ALA A 1 151 ? 7.688   10.325  1.049   1.00 37.29 ? 151 ALA A N   1 
ATOM   1217 C  CA  . ALA A 1 151 ? 8.626   11.250  0.446   1.00 39.39 ? 151 ALA A CA  1 
ATOM   1218 C  C   . ALA A 1 151 ? 8.479   11.348  -1.069  1.00 41.35 ? 151 ALA A C   1 
ATOM   1219 O  O   . ALA A 1 151 ? 8.450   12.453  -1.626  1.00 42.63 ? 151 ALA A O   1 
ATOM   1220 C  CB  . ALA A 1 151 ? 10.039  10.866  0.812   1.00 39.61 ? 151 ALA A CB  1 
ATOM   1221 N  N   . THR A 1 152 ? 8.393   10.200  -1.735  1.00 41.90 ? 152 THR A N   1 
ATOM   1222 C  CA  . THR A 1 152 ? 8.545   10.162  -3.185  1.00 42.73 ? 152 THR A CA  1 
ATOM   1223 C  C   . THR A 1 152 ? 7.232   10.415  -3.919  1.00 43.99 ? 152 THR A C   1 
ATOM   1224 O  O   . THR A 1 152 ? 7.229   10.771  -5.096  1.00 43.92 ? 152 THR A O   1 
ATOM   1225 C  CB  . THR A 1 152 ? 9.138   8.832   -3.649  1.00 43.44 ? 152 THR A CB  1 
ATOM   1226 O  OG1 . THR A 1 152 ? 8.086   7.869   -3.785  1.00 42.56 ? 152 THR A OG1 1 
ATOM   1227 C  CG2 . THR A 1 152 ? 10.185  8.327   -2.637  1.00 42.84 ? 152 THR A CG2 1 
ATOM   1228 N  N   . MET A 1 153 ? 6.115   10.232  -3.225  1.00 44.99 ? 153 MET A N   1 
ATOM   1229 C  CA  . MET A 1 153 ? 4.829   10.661  -3.750  1.00 45.74 ? 153 MET A CA  1 
ATOM   1230 C  C   . MET A 1 153 ? 4.764   12.184  -3.893  1.00 45.82 ? 153 MET A C   1 
ATOM   1231 O  O   . MET A 1 153 ? 3.970   12.704  -4.669  1.00 45.09 ? 153 MET A O   1 
ATOM   1232 C  CB  . MET A 1 153 ? 3.699   10.171  -2.847  1.00 45.37 ? 153 MET A CB  1 
ATOM   1233 C  CG  . MET A 1 153 ? 2.385   9.954   -3.569  1.00 47.62 ? 153 MET A CG  1 
ATOM   1234 S  SD  . MET A 1 153 ? 2.512   8.812   -4.963  1.00 52.73 ? 153 MET A SD  1 
ATOM   1235 C  CE  . MET A 1 153 ? 3.294   7.380   -4.208  1.00 50.13 ? 153 MET A CE  1 
ATOM   1236 N  N   . LYS A 1 154 ? 5.609   12.886  -3.143  1.00 46.50 ? 154 LYS A N   1 
ATOM   1237 C  CA  . LYS A 1 154 ? 5.409   14.308  -2.858  1.00 47.59 ? 154 LYS A CA  1 
ATOM   1238 C  C   . LYS A 1 154 ? 5.622   15.207  -4.080  1.00 48.01 ? 154 LYS A C   1 
ATOM   1239 O  O   . LYS A 1 154 ? 4.765   16.031  -4.402  1.00 47.18 ? 154 LYS A O   1 
ATOM   1240 C  CB  . LYS A 1 154 ? 6.301   14.759  -1.692  1.00 47.67 ? 154 LYS A CB  1 
ATOM   1241 C  CG  . LYS A 1 154 ? 6.615   16.256  -1.663  1.00 49.82 ? 154 LYS A CG  1 
ATOM   1242 C  CD  . LYS A 1 154 ? 6.110   16.931  -0.391  1.00 52.03 ? 154 LYS A CD  1 
ATOM   1243 C  CE  . LYS A 1 154 ? 6.138   18.456  -0.534  1.00 52.83 ? 154 LYS A CE  1 
ATOM   1244 N  NZ  . LYS A 1 154 ? 5.812   19.166  0.736   1.00 51.27 ? 154 LYS A NZ  1 
ATOM   1245 N  N   . PRO A 1 155 ? 6.765   15.054  -4.766  1.00 48.84 ? 155 PRO A N   1 
ATOM   1246 C  CA  . PRO A 1 155 ? 6.992   15.873  -5.954  1.00 49.69 ? 155 PRO A CA  1 
ATOM   1247 C  C   . PRO A 1 155 ? 5.812   15.782  -6.915  1.00 50.39 ? 155 PRO A C   1 
ATOM   1248 O  O   . PRO A 1 155 ? 5.552   16.722  -7.666  1.00 50.56 ? 155 PRO A O   1 
ATOM   1249 C  CB  . PRO A 1 155 ? 8.236   15.239  -6.579  1.00 49.58 ? 155 PRO A CB  1 
ATOM   1250 C  CG  . PRO A 1 155 ? 8.961   14.636  -5.425  1.00 50.14 ? 155 PRO A CG  1 
ATOM   1251 C  CD  . PRO A 1 155 ? 7.884   14.132  -4.507  1.00 48.78 ? 155 PRO A CD  1 
ATOM   1252 N  N   . PHE A 1 156 ? 5.101   14.660  -6.873  1.00 50.35 ? 156 PHE A N   1 
ATOM   1253 C  CA  . PHE A 1 156 ? 3.995   14.409  -7.784  1.00 51.11 ? 156 PHE A CA  1 
ATOM   1254 C  C   . PHE A 1 156 ? 2.715   15.105  -7.340  1.00 51.50 ? 156 PHE A C   1 
ATOM   1255 O  O   . PHE A 1 156 ? 1.806   15.315  -8.141  1.00 51.31 ? 156 PHE A O   1 
ATOM   1256 C  CB  . PHE A 1 156 ? 3.757   12.905  -7.931  1.00 51.42 ? 156 PHE A CB  1 
ATOM   1257 C  CG  . PHE A 1 156 ? 4.780   12.214  -8.788  1.00 52.58 ? 156 PHE A CG  1 
ATOM   1258 C  CD1 . PHE A 1 156 ? 4.457   11.793  -10.068 1.00 53.32 ? 156 PHE A CD1 1 
ATOM   1259 C  CD2 . PHE A 1 156 ? 6.064   12.001  -8.319  1.00 52.56 ? 156 PHE A CD2 1 
ATOM   1260 C  CE1 . PHE A 1 156 ? 5.396   11.166  -10.863 1.00 54.18 ? 156 PHE A CE1 1 
ATOM   1261 C  CE2 . PHE A 1 156 ? 7.012   11.375  -9.109  1.00 55.46 ? 156 PHE A CE2 1 
ATOM   1262 C  CZ  . PHE A 1 156 ? 6.676   10.956  -10.384 1.00 55.21 ? 156 PHE A CZ  1 
ATOM   1263 N  N   . LEU A 1 157 ? 2.649   15.463  -6.063  1.00 52.03 ? 157 LEU A N   1 
ATOM   1264 C  CA  . LEU A 1 157 ? 1.535   16.252  -5.554  1.00 53.22 ? 157 LEU A CA  1 
ATOM   1265 C  C   . LEU A 1 157 ? 1.746   17.731  -5.882  1.00 54.44 ? 157 LEU A C   1 
ATOM   1266 O  O   . LEU A 1 157 ? 0.800   18.523  -5.880  1.00 54.61 ? 157 LEU A O   1 
ATOM   1267 C  CB  . LEU A 1 157 ? 1.377   16.047  -4.042  1.00 52.48 ? 157 LEU A CB  1 
ATOM   1268 C  CG  . LEU A 1 157 ? 1.212   14.598  -3.571  1.00 51.96 ? 157 LEU A CG  1 
ATOM   1269 C  CD1 . LEU A 1 157 ? 1.582   14.451  -2.104  1.00 51.73 ? 157 LEU A CD1 1 
ATOM   1270 C  CD2 . LEU A 1 157 ? -0.197  14.092  -3.817  1.00 50.39 ? 157 LEU A CD2 1 
ATOM   1271 N  N   . ALA A 1 158 ? 2.996   18.081  -6.183  1.00 55.67 ? 158 ALA A N   1 
ATOM   1272 C  CA  . ALA A 1 158 ? 3.404   19.466  -6.399  1.00 57.23 ? 158 ALA A CA  1 
ATOM   1273 C  C   . ALA A 1 158 ? 3.129   19.929  -7.828  1.00 58.58 ? 158 ALA A C   1 
ATOM   1274 O  O   . ALA A 1 158 ? 3.680   20.937  -8.281  1.00 58.59 ? 158 ALA A O   1 
ATOM   1275 C  CB  . ALA A 1 158 ? 4.883   19.632  -6.063  1.00 56.63 ? 158 ALA A CB  1 
ATOM   1276 N  N   . ARG A 1 159 ? 2.274   19.194  -8.533  1.00 59.99 ? 159 ARG A N   1 
ATOM   1277 C  CA  . ARG A 1 159 ? 2.228   19.273  -9.991  1.00 61.32 ? 159 ARG A CA  1 
ATOM   1278 C  C   . ARG A 1 159 ? 0.941   19.908  -10.506 1.00 62.46 ? 159 ARG A C   1 
ATOM   1279 O  O   . ARG A 1 159 ? 0.972   20.971  -11.127 1.00 63.01 ? 159 ARG A O   1 
ATOM   1280 C  CB  . ARG A 1 159 ? 2.432   17.886  -10.615 1.00 61.24 ? 159 ARG A CB  1 
ATOM   1281 C  CG  . ARG A 1 159 ? 3.184   17.894  -11.951 1.00 59.66 ? 159 ARG A CG  1 
ATOM   1282 C  CD  . ARG A 1 159 ? 4.625   17.408  -11.813 1.00 55.10 ? 159 ARG A CD  1 
ATOM   1283 N  NE  . ARG A 1 159 ? 5.301   17.973  -10.647 1.00 53.23 ? 159 ARG A NE  1 
ATOM   1284 C  CZ  . ARG A 1 159 ? 6.608   17.871  -10.411 1.00 54.40 ? 159 ARG A CZ  1 
ATOM   1285 N  NH1 . ARG A 1 159 ? 7.129   18.415  -9.316  1.00 54.77 ? 159 ARG A NH1 1 
ATOM   1286 N  NH2 . ARG A 1 159 ? 7.396   17.230  -11.265 1.00 53.26 ? 159 ARG A NH2 1 
ATOM   1287 N  N   . LYS A 1 160 ? -0.188  19.257  -10.240 1.00 63.64 ? 160 LYS A N   1 
ATOM   1288 C  CA  . LYS A 1 160 ? -1.431  19.537  -10.958 1.00 64.71 ? 160 LYS A CA  1 
ATOM   1289 C  C   . LYS A 1 160 ? -1.945  20.958  -10.705 1.00 65.30 ? 160 LYS A C   1 
ATOM   1290 O  O   . LYS A 1 160 ? -3.099  21.277  -11.005 1.00 65.32 ? 160 LYS A O   1 
ATOM   1291 C  CB  . LYS A 1 160 ? -2.498  18.491  -10.613 1.00 64.63 ? 160 LYS A CB  1 
ATOM   1292 C  CG  . LYS A 1 160 ? -3.748  18.527  -11.494 1.00 66.29 ? 160 LYS A CG  1 
ATOM   1293 C  CD  . LYS A 1 160 ? -3.471  18.027  -12.910 1.00 67.27 ? 160 LYS A CD  1 
ATOM   1294 C  CE  . LYS A 1 160 ? -4.445  18.636  -13.912 1.00 66.47 ? 160 LYS A CE  1 
ATOM   1295 N  NZ  . LYS A 1 160 ? -4.460  20.130  -13.848 1.00 65.16 ? 160 LYS A NZ  1 
ATOM   1296 N  N   . GLY A 1 161 ? -1.078  21.806  -10.160 1.00 65.78 ? 161 GLY A N   1 
ATOM   1297 C  CA  . GLY A 1 161 ? -1.322  23.246  -10.133 1.00 66.81 ? 161 GLY A CA  1 
ATOM   1298 C  C   . GLY A 1 161 ? -2.163  23.689  -8.949  1.00 67.41 ? 161 GLY A C   1 
ATOM   1299 O  O   . GLY A 1 161 ? -3.215  24.312  -9.120  1.00 67.79 ? 161 GLY A O   1 
ATOM   1300 N  N   . HIS A 1 162 ? -1.691  23.367  -7.746  1.00 67.48 ? 162 HIS A N   1 
ATOM   1301 C  CA  . HIS A 1 162 ? -2.403  23.692  -6.512  1.00 67.10 ? 162 HIS A CA  1 
ATOM   1302 C  C   . HIS A 1 162 ? -1.556  24.583  -5.612  1.00 66.61 ? 162 HIS A C   1 
ATOM   1303 O  O   . HIS A 1 162 ? -0.340  24.698  -5.796  1.00 66.62 ? 162 HIS A O   1 
ATOM   1304 C  CB  . HIS A 1 162 ? -2.768  22.415  -5.756  1.00 67.81 ? 162 HIS A CB  1 
ATOM   1305 C  CG  . HIS A 1 162 ? -3.573  21.444  -6.561  1.00 69.29 ? 162 HIS A CG  1 
ATOM   1306 N  ND1 . HIS A 1 162 ? -4.926  21.261  -6.372  1.00 70.45 ? 162 HIS A ND1 1 
ATOM   1307 C  CD2 . HIS A 1 162 ? -3.214  20.603  -7.561  1.00 70.21 ? 162 HIS A CD2 1 
ATOM   1308 C  CE1 . HIS A 1 162 ? -5.367  20.349  -7.220  1.00 71.34 ? 162 HIS A CE1 1 
ATOM   1309 N  NE2 . HIS A 1 162 ? -4.349  19.936  -7.953  1.00 71.43 ? 162 HIS A NE2 1 
ATOM   1310 N  N   . THR A 1 163 ? -2.207  25.199  -4.629  1.00 65.69 ? 163 THR A N   1 
ATOM   1311 C  CA  . THR A 1 163 ? -1.543  26.132  -3.725  1.00 64.63 ? 163 THR A CA  1 
ATOM   1312 C  C   . THR A 1 163 ? -0.766  25.393  -2.630  1.00 64.13 ? 163 THR A C   1 
ATOM   1313 O  O   . THR A 1 163 ? -1.360  24.685  -1.818  1.00 63.87 ? 163 THR A O   1 
ATOM   1314 C  CB  . THR A 1 163 ? -2.563  27.105  -3.101  1.00 64.77 ? 163 THR A CB  1 
ATOM   1315 O  OG1 . THR A 1 163 ? -1.888  28.050  -2.263  1.00 64.17 ? 163 THR A OG1 1 
ATOM   1316 C  CG2 . THR A 1 163 ? -3.614  26.349  -2.292  1.00 64.46 ? 163 THR A CG2 1 
ATOM   1317 N  N   . PRO A 1 164 ? 0.573   25.554  -2.613  1.00 63.60 ? 164 PRO A N   1 
ATOM   1318 C  CA  . PRO A 1 164 ? 1.515   24.787  -1.791  1.00 63.00 ? 164 PRO A CA  1 
ATOM   1319 C  C   . PRO A 1 164 ? 0.962   24.332  -0.432  1.00 62.62 ? 164 PRO A C   1 
ATOM   1320 O  O   . PRO A 1 164 ? 1.350   23.273  0.072   1.00 62.68 ? 164 PRO A O   1 
ATOM   1321 C  CB  . PRO A 1 164 ? 2.678   25.766  -1.587  1.00 63.23 ? 164 PRO A CB  1 
ATOM   1322 C  CG  . PRO A 1 164 ? 2.524   26.828  -2.677  1.00 63.54 ? 164 PRO A CG  1 
ATOM   1323 C  CD  . PRO A 1 164 ? 1.276   26.530  -3.461  1.00 63.37 ? 164 PRO A CD  1 
ATOM   1324 N  N   . GLU A 1 165 ? 0.070   25.126  0.151   1.00 61.57 ? 165 GLU A N   1 
ATOM   1325 C  CA  . GLU A 1 165 ? -0.641  24.730  1.365   1.00 60.56 ? 165 GLU A CA  1 
ATOM   1326 C  C   . GLU A 1 165 ? -1.467  23.475  1.109   1.00 58.93 ? 165 GLU A C   1 
ATOM   1327 O  O   . GLU A 1 165 ? -1.412  22.517  1.883   1.00 58.46 ? 165 GLU A O   1 
ATOM   1328 C  CB  . GLU A 1 165 ? -1.547  25.866  1.853   1.00 61.06 ? 165 GLU A CB  1 
ATOM   1329 C  CG  . GLU A 1 165 ? -0.821  27.184  2.104   1.00 64.39 ? 165 GLU A CG  1 
ATOM   1330 C  CD  . GLU A 1 165 ? 0.133   27.558  0.976   1.00 68.04 ? 165 GLU A CD  1 
ATOM   1331 O  OE1 . GLU A 1 165 ? -0.344  27.810  -0.151  1.00 68.27 ? 165 GLU A OE1 1 
ATOM   1332 O  OE2 . GLU A 1 165 ? 1.363   27.594  1.217   1.00 69.94 ? 165 GLU A OE2 1 
ATOM   1333 N  N   . GLU A 1 166 ? -2.228  23.491  0.016   1.00 57.01 ? 166 GLU A N   1 
ATOM   1334 C  CA  . GLU A 1 166 ? -3.000  22.330  -0.410  1.00 55.52 ? 166 GLU A CA  1 
ATOM   1335 C  C   . GLU A 1 166 ? -2.092  21.143  -0.714  1.00 53.55 ? 166 GLU A C   1 
ATOM   1336 O  O   . GLU A 1 166 ? -2.475  19.995  -0.517  1.00 53.31 ? 166 GLU A O   1 
ATOM   1337 C  CB  . GLU A 1 166 ? -3.863  22.673  -1.627  1.00 55.89 ? 166 GLU A CB  1 
ATOM   1338 C  CG  . GLU A 1 166 ? -4.847  21.578  -2.027  1.00 59.45 ? 166 GLU A CG  1 
ATOM   1339 C  CD  . GLU A 1 166 ? -5.914  22.060  -3.001  1.00 65.43 ? 166 GLU A CD  1 
ATOM   1340 O  OE1 . GLU A 1 166 ? -5.921  23.268  -3.333  1.00 67.85 ? 166 GLU A OE1 1 
ATOM   1341 O  OE2 . GLU A 1 166 ? -6.748  21.231  -3.433  1.00 66.25 ? 166 GLU A OE2 1 
ATOM   1342 N  N   . VAL A 1 167 ? -0.885  21.424  -1.186  1.00 51.83 ? 167 VAL A N   1 
ATOM   1343 C  CA  . VAL A 1 167 ? 0.093   20.371  -1.412  1.00 50.43 ? 167 VAL A CA  1 
ATOM   1344 C  C   . VAL A 1 167 ? 0.534   19.752  -0.093  1.00 49.32 ? 167 VAL A C   1 
ATOM   1345 O  O   . VAL A 1 167 ? 0.597   18.527  0.034   1.00 48.95 ? 167 VAL A O   1 
ATOM   1346 C  CB  . VAL A 1 167 ? 1.317   20.877  -2.196  1.00 51.00 ? 167 VAL A CB  1 
ATOM   1347 C  CG1 . VAL A 1 167 ? 2.443   19.845  -2.161  1.00 49.35 ? 167 VAL A CG1 1 
ATOM   1348 C  CG2 . VAL A 1 167 ? 0.925   21.204  -3.633  1.00 51.74 ? 167 VAL A CG2 1 
ATOM   1349 N  N   . GLU A 1 168 ? 0.827   20.599  0.889   1.00 47.31 ? 168 GLU A N   1 
ATOM   1350 C  CA  . GLU A 1 168 ? 1.138   20.116  2.227   1.00 46.04 ? 168 GLU A CA  1 
ATOM   1351 C  C   . GLU A 1 168 ? 0.007   19.235  2.742   1.00 44.78 ? 168 GLU A C   1 
ATOM   1352 O  O   . GLU A 1 168 ? 0.233   18.104  3.164   1.00 44.60 ? 168 GLU A O   1 
ATOM   1353 C  CB  . GLU A 1 168 ? 1.399   21.278  3.188   1.00 46.31 ? 168 GLU A CB  1 
ATOM   1354 C  CG  . GLU A 1 168 ? 2.196   20.898  4.432   1.00 46.26 ? 168 GLU A CG  1 
ATOM   1355 C  CD  . GLU A 1 168 ? 3.580   20.368  4.104   1.00 49.26 ? 168 GLU A CD  1 
ATOM   1356 O  OE1 . GLU A 1 168 ? 4.177   20.828  3.105   1.00 49.51 ? 168 GLU A OE1 1 
ATOM   1357 O  OE2 . GLU A 1 168 ? 4.074   19.491  4.845   1.00 47.95 ? 168 GLU A OE2 1 
ATOM   1358 N  N   . LYS A 1 169 ? -1.217  19.747  2.688   1.00 43.35 ? 169 LYS A N   1 
ATOM   1359 C  CA  . LYS A 1 169 ? -2.350  19.027  3.255   1.00 42.07 ? 169 LYS A CA  1 
ATOM   1360 C  C   . LYS A 1 169 ? -2.545  17.680  2.574   1.00 40.76 ? 169 LYS A C   1 
ATOM   1361 O  O   . LYS A 1 169 ? -2.983  16.714  3.205   1.00 40.49 ? 169 LYS A O   1 
ATOM   1362 C  CB  . LYS A 1 169 ? -3.623  19.869  3.196   1.00 42.37 ? 169 LYS A CB  1 
ATOM   1363 C  CG  . LYS A 1 169 ? -3.509  21.187  3.961   1.00 43.06 ? 169 LYS A CG  1 
ATOM   1364 C  CD  . LYS A 1 169 ? -4.838  21.924  4.051   1.00 45.34 ? 169 LYS A CD  1 
ATOM   1365 C  CE  . LYS A 1 169 ? -4.988  22.617  5.408   1.00 46.93 ? 169 LYS A CE  1 
ATOM   1366 N  NZ  . LYS A 1 169 ? -6.100  23.612  5.436   1.00 44.58 ? 169 LYS A NZ  1 
ATOM   1367 N  N   . MET A 1 170 ? -2.194  17.616  1.292   1.00 38.60 ? 170 MET A N   1 
ATOM   1368 C  CA  . MET A 1 170 ? -2.239  16.363  0.542   1.00 37.23 ? 170 MET A CA  1 
ATOM   1369 C  C   . MET A 1 170 ? -1.126  15.399  0.972   1.00 35.66 ? 170 MET A C   1 
ATOM   1370 O  O   . MET A 1 170 ? -1.389  14.251  1.367   1.00 34.51 ? 170 MET A O   1 
ATOM   1371 C  CB  . MET A 1 170 ? -2.170  16.640  -0.961  1.00 38.17 ? 170 MET A CB  1 
ATOM   1372 C  CG  . MET A 1 170 ? -3.450  17.236  -1.541  1.00 41.34 ? 170 MET A CG  1 
ATOM   1373 S  SD  . MET A 1 170 ? -3.462  17.339  -3.347  1.00 52.29 ? 170 MET A SD  1 
ATOM   1374 C  CE  . MET A 1 170 ? -2.239  18.615  -3.652  1.00 47.76 ? 170 MET A CE  1 
ATOM   1375 N  N   . TYR A 1 171 ? 0.114   15.881  0.900   1.00 32.96 ? 171 TYR A N   1 
ATOM   1376 C  CA  . TYR A 1 171 ? 1.263   15.179  1.461   1.00 31.59 ? 171 TYR A CA  1 
ATOM   1377 C  C   . TYR A 1 171 ? 0.920   14.516  2.804   1.00 30.72 ? 171 TYR A C   1 
ATOM   1378 O  O   . TYR A 1 171 ? 1.064   13.301  2.967   1.00 29.92 ? 171 TYR A O   1 
ATOM   1379 C  CB  . TYR A 1 171 ? 2.427   16.156  1.618   1.00 30.91 ? 171 TYR A CB  1 
ATOM   1380 C  CG  . TYR A 1 171 ? 3.722   15.579  2.153   1.00 31.84 ? 171 TYR A CG  1 
ATOM   1381 C  CD1 . TYR A 1 171 ? 4.334   14.484  1.544   1.00 34.33 ? 171 TYR A CD1 1 
ATOM   1382 C  CD2 . TYR A 1 171 ? 4.352   16.154  3.249   1.00 31.29 ? 171 TYR A CD2 1 
ATOM   1383 C  CE1 . TYR A 1 171 ? 5.534   13.968  2.035   1.00 33.44 ? 171 TYR A CE1 1 
ATOM   1384 C  CE2 . TYR A 1 171 ? 5.546   15.653  3.739   1.00 34.02 ? 171 TYR A CE2 1 
ATOM   1385 C  CZ  . TYR A 1 171 ? 6.130   14.559  3.133   1.00 35.02 ? 171 TYR A CZ  1 
ATOM   1386 O  OH  . TYR A 1 171 ? 7.315   14.067  3.632   1.00 38.13 ? 171 TYR A OH  1 
ATOM   1387 N  N   . GLN A 1 172 ? 0.453   15.326  3.747   1.00 29.00 ? 172 GLN A N   1 
ATOM   1388 C  CA  . GLN A 1 172 ? 0.288   14.906  5.127   1.00 27.56 ? 172 GLN A CA  1 
ATOM   1389 C  C   . GLN A 1 172 ? -0.750  13.807  5.241   1.00 27.57 ? 172 GLN A C   1 
ATOM   1390 O  O   . GLN A 1 172 ? -0.468  12.731  5.774   1.00 27.91 ? 172 GLN A O   1 
ATOM   1391 C  CB  . GLN A 1 172 ? -0.104  16.103  6.001   1.00 28.06 ? 172 GLN A CB  1 
ATOM   1392 C  CG  . GLN A 1 172 ? 0.982   17.179  6.104   1.00 28.09 ? 172 GLN A CG  1 
ATOM   1393 C  CD  . GLN A 1 172 ? 2.175   16.748  6.944   1.00 27.33 ? 172 GLN A CD  1 
ATOM   1394 O  OE1 . GLN A 1 172 ? 2.109   15.773  7.689   1.00 32.68 ? 172 GLN A OE1 1 
ATOM   1395 N  NE2 . GLN A 1 172 ? 3.270   17.481  6.830   1.00 29.10 ? 172 GLN A NE2 1 
ATOM   1396 N  N   . ALA A 1 173 ? -1.951  14.075  4.730   1.00 26.63 ? 173 ALA A N   1 
ATOM   1397 C  CA  . ALA A 1 173 ? -2.941  13.034  4.553   1.00 25.78 ? 173 ALA A CA  1 
ATOM   1398 C  C   . ALA A 1 173 ? -2.298  11.747  4.020   1.00 26.41 ? 173 ALA A C   1 
ATOM   1399 O  O   . ALA A 1 173 ? -2.416  10.694  4.639   1.00 27.44 ? 173 ALA A O   1 
ATOM   1400 C  CB  . ALA A 1 173 ? -4.057  13.509  3.645   1.00 25.57 ? 173 ALA A CB  1 
ATOM   1401 N  N   . TRP A 1 174 ? -1.602  11.839  2.888   1.00 26.47 ? 174 TRP A N   1 
ATOM   1402 C  CA  . TRP A 1 174 ? -0.906  10.691  2.317   1.00 26.75 ? 174 TRP A CA  1 
ATOM   1403 C  C   . TRP A 1 174 ? -0.003  9.993   3.333   1.00 27.02 ? 174 TRP A C   1 
ATOM   1404 O  O   . TRP A 1 174 ? -0.053  8.764   3.469   1.00 27.03 ? 174 TRP A O   1 
ATOM   1405 C  CB  . TRP A 1 174 ? -0.100  11.094  1.074   1.00 28.50 ? 174 TRP A CB  1 
ATOM   1406 C  CG  . TRP A 1 174 ? 0.633   9.936   0.401   1.00 31.32 ? 174 TRP A CG  1 
ATOM   1407 C  CD1 . TRP A 1 174 ? 1.960   9.612   0.527   1.00 35.45 ? 174 TRP A CD1 1 
ATOM   1408 C  CD2 . TRP A 1 174 ? 0.072   8.971   -0.494  1.00 31.17 ? 174 TRP A CD2 1 
ATOM   1409 N  NE1 . TRP A 1 174 ? 2.251   8.502   -0.234  1.00 34.77 ? 174 TRP A NE1 1 
ATOM   1410 C  CE2 . TRP A 1 174 ? 1.108   8.092   -0.869  1.00 33.47 ? 174 TRP A CE2 1 
ATOM   1411 C  CE3 . TRP A 1 174 ? -1.205  8.768   -1.021  1.00 31.72 ? 174 TRP A CE3 1 
ATOM   1412 C  CZ2 . TRP A 1 174 ? 0.903   7.030   -1.741  1.00 34.15 ? 174 TRP A CZ2 1 
ATOM   1413 C  CZ3 . TRP A 1 174 ? -1.406  7.711   -1.883  1.00 33.12 ? 174 TRP A CZ3 1 
ATOM   1414 C  CH2 . TRP A 1 174 ? -0.360  6.856   -2.235  1.00 33.76 ? 174 TRP A CH2 1 
ATOM   1415 N  N   . PHE A 1 175 ? 0.817   10.770  4.045   1.00 24.95 ? 175 PHE A N   1 
ATOM   1416 C  CA  . PHE A 1 175 ? 1.704   10.204  5.065   1.00 24.20 ? 175 PHE A CA  1 
ATOM   1417 C  C   . PHE A 1 175 ? 0.889   9.468   6.139   1.00 25.35 ? 175 PHE A C   1 
ATOM   1418 O  O   . PHE A 1 175 ? 1.257   8.383   6.590   1.00 24.10 ? 175 PHE A O   1 
ATOM   1419 C  CB  . PHE A 1 175 ? 2.565   11.315  5.682   1.00 22.98 ? 175 PHE A CB  1 
ATOM   1420 C  CG  . PHE A 1 175 ? 3.495   10.852  6.781   1.00 21.71 ? 175 PHE A CG  1 
ATOM   1421 C  CD1 . PHE A 1 175 ? 3.649   9.496   7.082   1.00 21.06 ? 175 PHE A CD1 1 
ATOM   1422 C  CD2 . PHE A 1 175 ? 4.216   11.784  7.519   1.00 17.82 ? 175 PHE A CD2 1 
ATOM   1423 C  CE1 . PHE A 1 175 ? 4.508   9.085   8.094   1.00 17.86 ? 175 PHE A CE1 1 
ATOM   1424 C  CE2 . PHE A 1 175 ? 5.066   11.388  8.534   1.00 16.97 ? 175 PHE A CE2 1 
ATOM   1425 C  CZ  . PHE A 1 175 ? 5.220   10.031  8.821   1.00 18.23 ? 175 PHE A CZ  1 
ATOM   1426 N  N   . LYS A 1 176 ? -0.235  10.068  6.526   1.00 26.47 ? 176 LYS A N   1 
ATOM   1427 C  CA  . LYS A 1 176 ? -1.099  9.523   7.561   1.00 25.82 ? 176 LYS A CA  1 
ATOM   1428 C  C   . LYS A 1 176 ? -1.740  8.208   7.142   1.00 26.07 ? 176 LYS A C   1 
ATOM   1429 O  O   . LYS A 1 176 ? -2.003  7.337   7.988   1.00 26.47 ? 176 LYS A O   1 
ATOM   1430 C  CB  . LYS A 1 176 ? -2.193  10.534  7.930   1.00 26.56 ? 176 LYS A CB  1 
ATOM   1431 C  CG  . LYS A 1 176 ? -1.691  11.734  8.729   1.00 26.98 ? 176 LYS A CG  1 
ATOM   1432 C  CD  . LYS A 1 176 ? -2.835  12.635  9.132   1.00 28.64 ? 176 LYS A CD  1 
ATOM   1433 C  CE  . LYS A 1 176 ? -2.383  14.080  9.277   1.00 31.79 ? 176 LYS A CE  1 
ATOM   1434 N  NZ  . LYS A 1 176 ? -3.493  14.928  9.796   1.00 32.64 ? 176 LYS A NZ  1 
ATOM   1435 N  N   . ALA A 1 177 ? -2.014  8.062   5.847   1.00 24.06 ? 177 ALA A N   1 
ATOM   1436 C  CA  . ALA A 1 177 ? -2.776  6.902   5.392   1.00 22.79 ? 177 ALA A CA  1 
ATOM   1437 C  C   . ALA A 1 177 ? -1.855  5.751   5.023   1.00 21.56 ? 177 ALA A C   1 
ATOM   1438 O  O   . ALA A 1 177 ? -2.237  4.588   5.116   1.00 20.97 ? 177 ALA A O   1 
ATOM   1439 C  CB  . ALA A 1 177 ? -3.681  7.266   4.229   1.00 22.11 ? 177 ALA A CB  1 
ATOM   1440 N  N   . THR A 1 178 ? -0.641  6.082   4.599   1.00 21.68 ? 178 THR A N   1 
ATOM   1441 C  CA  . THR A 1 178 ? 0.368   5.068   4.332   1.00 20.92 ? 178 THR A CA  1 
ATOM   1442 C  C   . THR A 1 178 ? 0.713   4.396   5.644   1.00 22.09 ? 178 THR A C   1 
ATOM   1443 O  O   . THR A 1 178 ? 0.846   3.170   5.704   1.00 22.76 ? 178 THR A O   1 
ATOM   1444 C  CB  . THR A 1 178 ? 1.627   5.652   3.659   1.00 20.80 ? 178 THR A CB  1 
ATOM   1445 O  OG1 . THR A 1 178 ? 1.260   6.225   2.406   1.00 19.30 ? 178 THR A OG1 1 
ATOM   1446 C  CG2 . THR A 1 178 ? 2.680   4.564   3.397   1.00 18.17 ? 178 THR A CG2 1 
ATOM   1447 N  N   . THR A 1 179 ? 0.816   5.200   6.701   1.00 22.05 ? 179 THR A N   1 
ATOM   1448 C  CA  . THR A 1 179 ? 1.139   4.683   8.030   1.00 22.17 ? 179 THR A CA  1 
ATOM   1449 C  C   . THR A 1 179 ? 0.007   3.807   8.585   1.00 21.87 ? 179 THR A C   1 
ATOM   1450 O  O   . THR A 1 179 ? 0.200   2.633   8.905   1.00 21.57 ? 179 THR A O   1 
ATOM   1451 C  CB  . THR A 1 179 ? 1.415   5.839   9.009   1.00 21.81 ? 179 THR A CB  1 
ATOM   1452 O  OG1 . THR A 1 179 ? 2.580   6.545   8.589   1.00 21.02 ? 179 THR A OG1 1 
ATOM   1453 C  CG2 . THR A 1 179 ? 1.629   5.316   10.410  1.00 21.17 ? 179 THR A CG2 1 
ATOM   1454 N  N   . LEU A 1 180 ? -1.176  4.398   8.700   1.00 22.12 ? 180 LEU A N   1 
ATOM   1455 C  CA  . LEU A 1 180 ? -2.389  3.643   8.980   1.00 22.10 ? 180 LEU A CA  1 
ATOM   1456 C  C   . LEU A 1 180 ? -2.366  2.263   8.323   1.00 21.30 ? 180 LEU A C   1 
ATOM   1457 O  O   . LEU A 1 180 ? -2.612  1.246   8.966   1.00 21.01 ? 180 LEU A O   1 
ATOM   1458 C  CB  . LEU A 1 180 ? -3.612  4.430   8.535   1.00 21.77 ? 180 LEU A CB  1 
ATOM   1459 C  CG  . LEU A 1 180 ? -4.975  3.824   8.843   1.00 24.83 ? 180 LEU A CG  1 
ATOM   1460 C  CD1 . LEU A 1 180 ? -5.390  4.057   10.297  1.00 22.55 ? 180 LEU A CD1 1 
ATOM   1461 C  CD2 . LEU A 1 180 ? -5.995  4.404   7.887   1.00 27.73 ? 180 LEU A CD2 1 
ATOM   1462 N  N   . GLN A 1 181 ? -2.051  2.227   7.040   1.00 21.80 ? 181 GLN A N   1 
ATOM   1463 C  CA  . GLN A 1 181 ? -2.105  0.973   6.311   1.00 21.84 ? 181 GLN A CA  1 
ATOM   1464 C  C   . GLN A 1 181 ? -1.066  -0.066  6.736   1.00 21.91 ? 181 GLN A C   1 
ATOM   1465 O  O   . GLN A 1 181 ? -1.426  -1.163  7.182   1.00 20.03 ? 181 GLN A O   1 
ATOM   1466 C  CB  . GLN A 1 181 ? -2.113  1.233   4.816   1.00 21.23 ? 181 GLN A CB  1 
ATOM   1467 C  CG  . GLN A 1 181 ? -3.453  1.812   4.362   1.00 22.84 ? 181 GLN A CG  1 
ATOM   1468 C  CD  . GLN A 1 181 ? -3.542  1.951   2.858   1.00 23.95 ? 181 GLN A CD  1 
ATOM   1469 O  OE1 . GLN A 1 181 ? -3.760  0.972   2.162   1.00 19.41 ? 181 GLN A OE1 1 
ATOM   1470 N  NE2 . GLN A 1 181 ? -3.370  3.178   2.351   1.00 23.46 ? 181 GLN A NE2 1 
ATOM   1471 N  N   . VAL A 1 182 ? 0.220   0.279   6.636   1.00 21.64 ? 182 VAL A N   1 
ATOM   1472 C  CA  . VAL A 1 182 ? 1.249   -0.555  7.247   1.00 20.05 ? 182 VAL A CA  1 
ATOM   1473 C  C   . VAL A 1 182 ? 0.848   -1.030  8.651   1.00 19.98 ? 182 VAL A C   1 
ATOM   1474 O  O   . VAL A 1 182 ? 0.937   -2.229  8.970   1.00 20.68 ? 182 VAL A O   1 
ATOM   1475 C  CB  . VAL A 1 182 ? 2.609   0.134   7.268   1.00 20.81 ? 182 VAL A CB  1 
ATOM   1476 C  CG1 . VAL A 1 182 ? 3.634   -0.747  7.964   1.00 21.61 ? 182 VAL A CG1 1 
ATOM   1477 C  CG2 . VAL A 1 182 ? 3.059   0.457   5.844   1.00 20.66 ? 182 VAL A CG2 1 
ATOM   1478 N  N   . ALA A 1 183 ? 0.381   -0.104  9.479   1.00 18.84 ? 183 ALA A N   1 
ATOM   1479 C  CA  . ALA A 1 183 ? -0.013  -0.437  10.843  1.00 19.67 ? 183 ALA A CA  1 
ATOM   1480 C  C   . ALA A 1 183 ? -0.907  -1.664  10.890  1.00 22.91 ? 183 ALA A C   1 
ATOM   1481 O  O   . ALA A 1 183 ? -0.643  -2.606  11.645  1.00 23.79 ? 183 ALA A O   1 
ATOM   1482 C  CB  . ALA A 1 183 ? -0.698  0.745   11.507  1.00 19.32 ? 183 ALA A CB  1 
ATOM   1483 N  N   . LEU A 1 184 ? -1.967  -1.645  10.077  1.00 24.17 ? 184 LEU A N   1 
ATOM   1484 C  CA  . LEU A 1 184 ? -2.885  -2.763  9.968   1.00 25.30 ? 184 LEU A CA  1 
ATOM   1485 C  C   . LEU A 1 184 ? -2.241  -3.996  9.339   1.00 26.58 ? 184 LEU A C   1 
ATOM   1486 O  O   . LEU A 1 184 ? -2.451  -5.120  9.786   1.00 29.31 ? 184 LEU A O   1 
ATOM   1487 C  CB  . LEU A 1 184 ? -4.116  -2.342  9.168   1.00 24.91 ? 184 LEU A CB  1 
ATOM   1488 C  CG  . LEU A 1 184 ? -5.048  -1.392  9.927   1.00 24.43 ? 184 LEU A CG  1 
ATOM   1489 C  CD1 . LEU A 1 184 ? -5.954  -0.652  8.956   1.00 18.94 ? 184 LEU A CD1 1 
ATOM   1490 C  CD2 . LEU A 1 184 ? -5.867  -2.179  10.967  1.00 19.24 ? 184 LEU A CD2 1 
ATOM   1491 N  N   . TRP A 1 185 ? -1.455  -3.790  8.296   1.00 26.66 ? 185 TRP A N   1 
ATOM   1492 C  CA  . TRP A 1 185 ? -0.832  -4.907  7.612   1.00 26.75 ? 185 TRP A CA  1 
ATOM   1493 C  C   . TRP A 1 185 ? -0.124  -5.876  8.554   1.00 27.95 ? 185 TRP A C   1 
ATOM   1494 O  O   . TRP A 1 185 ? 0.005   -7.062  8.249   1.00 28.15 ? 185 TRP A O   1 
ATOM   1495 C  CB  . TRP A 1 185 ? 0.133   -4.396  6.555   1.00 25.71 ? 185 TRP A CB  1 
ATOM   1496 C  CG  . TRP A 1 185 ? -0.587  -3.806  5.416   1.00 24.39 ? 185 TRP A CG  1 
ATOM   1497 C  CD1 . TRP A 1 185 ? -1.938  -3.839  5.199   1.00 21.25 ? 185 TRP A CD1 1 
ATOM   1498 C  CD2 . TRP A 1 185 ? -0.018  -3.117  4.304   1.00 19.98 ? 185 TRP A CD2 1 
ATOM   1499 N  NE1 . TRP A 1 185 ? -2.243  -3.200  4.025   1.00 21.44 ? 185 TRP A NE1 1 
ATOM   1500 C  CE2 . TRP A 1 185 ? -1.084  -2.742  3.455   1.00 20.12 ? 185 TRP A CE2 1 
ATOM   1501 C  CE3 . TRP A 1 185 ? 1.284   -2.771  3.945   1.00 20.31 ? 185 TRP A CE3 1 
ATOM   1502 C  CZ2 . TRP A 1 185 ? -0.886  -2.037  2.269   1.00 16.59 ? 185 TRP A CZ2 1 
ATOM   1503 C  CZ3 . TRP A 1 185 ? 1.483   -2.067  2.762   1.00 19.50 ? 185 TRP A CZ3 1 
ATOM   1504 C  CH2 . TRP A 1 185 ? 0.400   -1.717  1.937   1.00 21.94 ? 185 TRP A CH2 1 
ATOM   1505 N  N   . SER A 1 186 ? 0.341   -5.374  9.693   1.00 29.14 ? 186 SER A N   1 
ATOM   1506 C  CA  . SER A 1 186 ? 1.181   -6.179  10.562  1.00 28.71 ? 186 SER A CA  1 
ATOM   1507 C  C   . SER A 1 186 ? 0.400   -7.319  11.216  1.00 28.87 ? 186 SER A C   1 
ATOM   1508 O  O   . SER A 1 186 ? 0.999   -8.173  11.870  1.00 28.38 ? 186 SER A O   1 
ATOM   1509 C  CB  . SER A 1 186 ? 1.872   -5.317  11.624  1.00 29.48 ? 186 SER A CB  1 
ATOM   1510 O  OG  . SER A 1 186 ? 0.972   -4.892  12.639  1.00 31.91 ? 186 SER A OG  1 
ATOM   1511 N  N   . TYR A 1 187 ? -0.922  -7.342  11.032  1.00 27.12 ? 187 TYR A N   1 
ATOM   1512 C  CA  . TYR A 1 187 ? -1.740  -8.314  11.748  1.00 27.29 ? 187 TYR A CA  1 
ATOM   1513 C  C   . TYR A 1 187 ? -1.180  -9.733  11.642  1.00 27.36 ? 187 TYR A C   1 
ATOM   1514 O  O   . TYR A 1 187 ? -0.768  -10.304 12.643  1.00 27.91 ? 187 TYR A O   1 
ATOM   1515 C  CB  . TYR A 1 187 ? -3.231  -8.295  11.356  1.00 26.62 ? 187 TYR A CB  1 
ATOM   1516 C  CG  . TYR A 1 187 ? -4.015  -9.151  12.318  1.00 25.22 ? 187 TYR A CG  1 
ATOM   1517 C  CD1 . TYR A 1 187 ? -4.688  -8.586  13.384  1.00 22.50 ? 187 TYR A CD1 1 
ATOM   1518 C  CD2 . TYR A 1 187 ? -3.996  -10.541 12.213  1.00 25.83 ? 187 TYR A CD2 1 
ATOM   1519 C  CE1 . TYR A 1 187 ? -5.363  -9.363  14.286  1.00 24.35 ? 187 TYR A CE1 1 
ATOM   1520 C  CE2 . TYR A 1 187 ? -4.663  -11.332 13.114  1.00 20.67 ? 187 TYR A CE2 1 
ATOM   1521 C  CZ  . TYR A 1 187 ? -5.346  -10.737 14.156  1.00 26.60 ? 187 TYR A CZ  1 
ATOM   1522 O  OH  . TYR A 1 187 ? -6.025  -11.510 15.077  1.00 27.84 ? 187 TYR A OH  1 
ATOM   1523 N  N   . PRO A 1 188 ? -1.137  -10.293 10.424  1.00 27.37 ? 188 PRO A N   1 
ATOM   1524 C  CA  . PRO A 1 188 ? -0.643  -11.670 10.294  1.00 27.62 ? 188 PRO A CA  1 
ATOM   1525 C  C   . PRO A 1 188 ? 0.811   -11.822 10.785  1.00 28.32 ? 188 PRO A C   1 
ATOM   1526 O  O   . PRO A 1 188 ? 1.297   -12.944 10.950  1.00 29.03 ? 188 PRO A O   1 
ATOM   1527 C  CB  . PRO A 1 188 ? -0.729  -11.927 8.793   1.00 27.00 ? 188 PRO A CB  1 
ATOM   1528 C  CG  . PRO A 1 188 ? -0.560  -10.556 8.172   1.00 27.19 ? 188 PRO A CG  1 
ATOM   1529 C  CD  . PRO A 1 188 ? -1.243  -9.609  9.120   1.00 26.86 ? 188 PRO A CD  1 
ATOM   1530 N  N   . TYR A 1 189 ? 1.482   -10.704 11.036  1.00 27.88 ? 189 TYR A N   1 
ATOM   1531 C  CA  . TYR A 1 189 ? 2.909   -10.730 11.370  1.00 29.36 ? 189 TYR A CA  1 
ATOM   1532 C  C   . TYR A 1 189 ? 3.107   -10.896 12.860  1.00 29.14 ? 189 TYR A C   1 
ATOM   1533 O  O   . TYR A 1 189 ? 4.009   -11.601 13.300  1.00 30.98 ? 189 TYR A O   1 
ATOM   1534 C  CB  . TYR A 1 189 ? 3.605   -9.443  10.906  1.00 28.28 ? 189 TYR A CB  1 
ATOM   1535 C  CG  . TYR A 1 189 ? 3.962   -9.447  9.440   1.00 27.90 ? 189 TYR A CG  1 
ATOM   1536 C  CD1 . TYR A 1 189 ? 3.003   -9.187  8.466   1.00 26.14 ? 189 TYR A CD1 1 
ATOM   1537 C  CD2 . TYR A 1 189 ? 5.255   -9.720  9.029   1.00 29.88 ? 189 TYR A CD2 1 
ATOM   1538 C  CE1 . TYR A 1 189 ? 3.331   -9.190  7.118   1.00 27.83 ? 189 TYR A CE1 1 
ATOM   1539 C  CE2 . TYR A 1 189 ? 5.597   -9.725  7.688   1.00 32.48 ? 189 TYR A CE2 1 
ATOM   1540 C  CZ  . TYR A 1 189 ? 4.637   -9.463  6.736   1.00 30.96 ? 189 TYR A CZ  1 
ATOM   1541 O  OH  . TYR A 1 189 ? 4.995   -9.474  5.405   1.00 31.23 ? 189 TYR A OH  1 
ATOM   1542 N  N   . VAL A 1 190 ? 2.250   -10.238 13.626  1.00 29.21 ? 190 VAL A N   1 
ATOM   1543 C  CA  . VAL A 1 190 ? 2.424   -10.143 15.060  1.00 30.27 ? 190 VAL A CA  1 
ATOM   1544 C  C   . VAL A 1 190 ? 1.978   -11.435 15.744  1.00 31.52 ? 190 VAL A C   1 
ATOM   1545 O  O   . VAL A 1 190 ? 1.079   -12.127 15.257  1.00 30.63 ? 190 VAL A O   1 
ATOM   1546 C  CB  . VAL A 1 190 ? 1.642   -8.931  15.627  1.00 30.50 ? 190 VAL A CB  1 
ATOM   1547 C  CG1 . VAL A 1 190 ? 1.597   -8.978  17.144  1.00 27.62 ? 190 VAL A CG1 1 
ATOM   1548 C  CG2 . VAL A 1 190 ? 2.277   -7.619  15.141  1.00 28.91 ? 190 VAL A CG2 1 
ATOM   1549 N  N   . LYS A 1 191 ? 2.623   -11.760 16.862  1.00 32.13 ? 191 LYS A N   1 
ATOM   1550 C  CA  . LYS A 1 191 ? 2.171   -12.868 17.700  1.00 33.82 ? 191 LYS A CA  1 
ATOM   1551 C  C   . LYS A 1 191 ? 0.737   -12.606 18.120  1.00 35.16 ? 191 LYS A C   1 
ATOM   1552 O  O   . LYS A 1 191 ? 0.409   -11.510 18.599  1.00 34.83 ? 191 LYS A O   1 
ATOM   1553 C  CB  . LYS A 1 191 ? 3.061   -13.010 18.938  1.00 33.86 ? 191 LYS A CB  1 
ATOM   1554 C  CG  . LYS A 1 191 ? 4.458   -13.523 18.634  1.00 32.98 ? 191 LYS A CG  1 
ATOM   1555 C  CD  . LYS A 1 191 ? 5.357   -13.382 19.835  1.00 34.94 ? 191 LYS A CD  1 
ATOM   1556 C  CE  . LYS A 1 191 ? 6.803   -13.672 19.481  1.00 33.13 ? 191 LYS A CE  1 
ATOM   1557 N  NZ  . LYS A 1 191 ? 7.682   -13.180 20.567  1.00 36.42 ? 191 LYS A NZ  1 
ATOM   1558 N  N   . TYR A 1 192 ? -0.122  -13.600 17.924  1.00 36.27 ? 192 TYR A N   1 
ATOM   1559 C  CA  . TYR A 1 192 ? -1.505  -13.484 18.367  1.00 36.92 ? 192 TYR A CA  1 
ATOM   1560 C  C   . TYR A 1 192 ? -1.537  -12.909 19.768  1.00 36.25 ? 192 TYR A C   1 
ATOM   1561 O  O   . TYR A 1 192 ? -0.877  -13.426 20.668  1.00 37.14 ? 192 TYR A O   1 
ATOM   1562 C  CB  . TYR A 1 192 ? -2.207  -14.840 18.355  1.00 37.38 ? 192 TYR A CB  1 
ATOM   1563 C  CG  . TYR A 1 192 ? -3.659  -14.768 18.781  1.00 38.26 ? 192 TYR A CG  1 
ATOM   1564 C  CD1 . TYR A 1 192 ? -4.660  -14.470 17.861  1.00 38.40 ? 192 TYR A CD1 1 
ATOM   1565 C  CD2 . TYR A 1 192 ? -4.031  -15.004 20.104  1.00 39.10 ? 192 TYR A CD2 1 
ATOM   1566 C  CE1 . TYR A 1 192 ? -5.985  -14.405 18.242  1.00 39.48 ? 192 TYR A CE1 1 
ATOM   1567 C  CE2 . TYR A 1 192 ? -5.355  -14.943 20.494  1.00 39.63 ? 192 TYR A CE2 1 
ATOM   1568 C  CZ  . TYR A 1 192 ? -6.327  -14.645 19.559  1.00 41.13 ? 192 TYR A CZ  1 
ATOM   1569 O  OH  . TYR A 1 192 ? -7.647  -14.579 19.943  1.00 45.31 ? 192 TYR A OH  1 
ATOM   1570 N  N   . GLY A 1 193 ? -2.290  -11.827 19.942  1.00 36.04 ? 193 GLY A N   1 
ATOM   1571 C  CA  . GLY A 1 193 ? -2.470  -11.225 21.255  1.00 33.67 ? 193 GLY A CA  1 
ATOM   1572 C  C   . GLY A 1 193 ? -1.741  -9.908  21.431  1.00 31.97 ? 193 GLY A C   1 
ATOM   1573 O  O   . GLY A 1 193 ? -2.052  -9.151  22.347  1.00 32.01 ? 193 GLY A O   1 
ATOM   1574 N  N   . ASP A 1 194 ? -0.776  -9.627  20.560  1.00 30.84 ? 194 ASP A N   1 
ATOM   1575 C  CA  . ASP A 1 194 ? 0.058   -8.426  20.718  1.00 30.51 ? 194 ASP A CA  1 
ATOM   1576 C  C   . ASP A 1 194 ? -0.238  -7.291  19.738  1.00 29.42 ? 194 ASP A C   1 
ATOM   1577 O  O   . ASP A 1 194 ? 0.372   -6.228  19.815  1.00 29.24 ? 194 ASP A O   1 
ATOM   1578 C  CB  . ASP A 1 194 ? 1.549   -8.780  20.681  1.00 30.95 ? 194 ASP A CB  1 
ATOM   1579 C  CG  . ASP A 1 194 ? 1.908   -9.888  21.648  1.00 28.74 ? 194 ASP A CG  1 
ATOM   1580 O  OD1 . ASP A 1 194 ? 1.213   -10.038 22.673  1.00 26.94 ? 194 ASP A OD1 1 
ATOM   1581 O  OD2 . ASP A 1 194 ? 2.884   -10.611 21.382  1.00 30.82 ? 194 ASP A OD2 1 
ATOM   1582 N  N   . PHE A 1 195 ? -1.176  -7.510  18.821  1.00 28.99 ? 195 PHE A N   1 
ATOM   1583 C  CA  . PHE A 1 195 ? -1.507  -6.501  17.813  1.00 27.85 ? 195 PHE A CA  1 
ATOM   1584 C  C   . PHE A 1 195 ? -2.304  -5.354  18.436  1.00 28.08 ? 195 PHE A C   1 
ATOM   1585 O  O   . PHE A 1 195 ? -2.140  -4.176  18.098  1.00 27.92 ? 195 PHE A O   1 
ATOM   1586 C  CB  . PHE A 1 195 ? -2.268  -7.158  16.666  1.00 27.30 ? 195 PHE A CB  1 
ATOM   1587 C  CG  . PHE A 1 195 ? -2.836  -6.195  15.661  1.00 27.14 ? 195 PHE A CG  1 
ATOM   1588 C  CD1 . PHE A 1 195 ? -2.019  -5.615  14.692  1.00 23.15 ? 195 PHE A CD1 1 
ATOM   1589 C  CD2 . PHE A 1 195 ? -4.202  -5.905  15.656  1.00 24.23 ? 195 PHE A CD2 1 
ATOM   1590 C  CE1 . PHE A 1 195 ? -2.539  -4.755  13.757  1.00 21.56 ? 195 PHE A CE1 1 
ATOM   1591 C  CE2 . PHE A 1 195 ? -4.733  -5.033  14.727  1.00 24.13 ? 195 PHE A CE2 1 
ATOM   1592 C  CZ  . PHE A 1 195 ? -3.908  -4.457  13.772  1.00 22.55 ? 195 PHE A CZ  1 
ATOM   1593 O  OXT . PHE A 1 195 ? -3.124  -5.571  19.331  1.00 28.58 ? 195 PHE A OXT 1 
HETATM 1594 C  CHA . HEM B 2 .   ? 2.469   -6.109  -3.347  1.00 20.15 ? 200 HEM A CHA 1 
HETATM 1595 C  CHB . HEM B 2 .   ? 1.911   -1.766  -1.303  1.00 14.45 ? 200 HEM A CHB 1 
HETATM 1596 C  CHC . HEM B 2 .   ? 5.932   -2.917  1.157   1.00 8.44  ? 200 HEM A CHC 1 
HETATM 1597 C  CHD . HEM B 2 .   ? 7.207   -6.184  -2.137  1.00 19.44 ? 200 HEM A CHD 1 
HETATM 1598 C  C1A . HEM B 2 .   ? 1.932   -4.914  -2.957  1.00 11.37 ? 200 HEM A C1A 1 
HETATM 1599 C  C2A . HEM B 2 .   ? 0.612   -4.430  -3.290  1.00 20.48 ? 200 HEM A C2A 1 
HETATM 1600 C  C3A . HEM B 2 .   ? 0.434   -3.226  -2.739  1.00 20.43 ? 200 HEM A C3A 1 
HETATM 1601 C  C4A . HEM B 2 .   ? 1.650   -2.902  -2.033  1.00 12.04 ? 200 HEM A C4A 1 
HETATM 1602 C  CMA . HEM B 2 .   ? -0.832  -2.355  -2.844  1.00 20.02 ? 200 HEM A CMA 1 
HETATM 1603 C  CAA . HEM B 2 .   ? -0.408  -5.186  -4.132  1.00 13.86 ? 200 HEM A CAA 1 
HETATM 1604 C  CBA . HEM B 2 .   ? -1.231  -6.002  -3.150  1.00 21.68 ? 200 HEM A CBA 1 
HETATM 1605 C  CGA . HEM B 2 .   ? -2.483  -6.414  -3.888  1.00 26.82 ? 200 HEM A CGA 1 
HETATM 1606 O  O1A . HEM B 2 .   ? -3.083  -5.523  -4.535  1.00 27.13 ? 200 HEM A O1A 1 
HETATM 1607 O  O2A . HEM B 2 .   ? -2.875  -7.615  -3.843  1.00 31.77 ? 200 HEM A O2A 1 
HETATM 1608 C  C1B . HEM B 2 .   ? 2.957   -1.708  -0.401  1.00 15.41 ? 200 HEM A C1B 1 
HETATM 1609 C  C2B . HEM B 2 .   ? 3.227   -0.666  0.587   1.00 16.10 ? 200 HEM A C2B 1 
HETATM 1610 C  C3B . HEM B 2 .   ? 4.336   -0.996  1.256   1.00 14.84 ? 200 HEM A C3B 1 
HETATM 1611 C  C4B . HEM B 2 .   ? 4.804   -2.257  0.721   1.00 16.43 ? 200 HEM A C4B 1 
HETATM 1612 C  CMB . HEM B 2 .   ? 2.390   0.597   0.847   1.00 15.54 ? 200 HEM A CMB 1 
HETATM 1613 C  CAB . HEM B 2 .   ? 5.003   -0.208  2.405   1.00 18.42 ? 200 HEM A CAB 1 
HETATM 1614 C  CBB . HEM B 2 .   ? 4.387   0.836   2.986   1.00 15.20 ? 200 HEM A CBB 1 
HETATM 1615 C  C1C . HEM B 2 .   ? 6.680   -3.808  0.432   1.00 2.76  ? 200 HEM A C1C 1 
HETATM 1616 C  C2C . HEM B 2 .   ? 8.078   -4.130  0.657   1.00 10.76 ? 200 HEM A C2C 1 
HETATM 1617 C  C3C . HEM B 2 .   ? 8.466   -5.041  -0.242  1.00 13.56 ? 200 HEM A C3C 1 
HETATM 1618 C  C4C . HEM B 2 .   ? 7.305   -5.317  -1.071  1.00 14.52 ? 200 HEM A C4C 1 
HETATM 1619 C  CMC . HEM B 2 .   ? 8.914   -3.502  1.772   1.00 4.51  ? 200 HEM A CMC 1 
HETATM 1620 C  CAC . HEM B 2 .   ? 9.864   -5.674  -0.376  1.00 15.72 ? 200 HEM A CAC 1 
HETATM 1621 C  CBC . HEM B 2 .   ? 10.454  -5.731  -1.577  1.00 21.39 ? 200 HEM A CBC 1 
HETATM 1622 C  C1D . HEM B 2 .   ? 5.982   -6.624  -2.594  1.00 21.76 ? 200 HEM A C1D 1 
HETATM 1623 C  C2D . HEM B 2 .   ? 5.668   -7.966  -3.054  1.00 24.71 ? 200 HEM A C2D 1 
HETATM 1624 C  C3D . HEM B 2 .   ? 4.178   -7.927  -3.425  1.00 26.24 ? 200 HEM A C3D 1 
HETATM 1625 C  C4D . HEM B 2 .   ? 3.752   -6.569  -3.150  1.00 25.42 ? 200 HEM A C4D 1 
HETATM 1626 C  CMD . HEM B 2 .   ? 6.621   -9.175  -3.158  1.00 26.08 ? 200 HEM A CMD 1 
HETATM 1627 C  CAD . HEM B 2 .   ? 3.306   -9.082  -3.969  1.00 31.88 ? 200 HEM A CAD 1 
HETATM 1628 C  CBD . HEM B 2 .   ? 2.845   -9.963  -2.810  1.00 32.83 ? 200 HEM A CBD 1 
HETATM 1629 C  CGD . HEM B 2 .   ? 2.153   -11.198 -3.337  1.00 37.35 ? 200 HEM A CGD 1 
HETATM 1630 O  O1D . HEM B 2 .   ? 2.821   -12.262 -3.425  1.00 32.26 ? 200 HEM A O1D 1 
HETATM 1631 O  O2D . HEM B 2 .   ? 0.929   -11.122 -3.675  1.00 40.64 ? 200 HEM A O2D 1 
HETATM 1632 N  NA  . HEM B 2 .   ? 2.522   -3.963  -2.194  1.00 10.92 ? 200 HEM A NA  1 
HETATM 1633 N  NB  . HEM B 2 .   ? 3.938   -2.677  -0.287  1.00 7.03  ? 200 HEM A NB  1 
HETATM 1634 N  NC  . HEM B 2 .   ? 6.252   -4.540  -0.619  1.00 6.86  ? 200 HEM A NC  1 
HETATM 1635 N  ND  . HEM B 2 .   ? 4.833   -5.833  -2.654  1.00 17.14 ? 200 HEM A ND  1 
HETATM 1636 FE FE  . HEM B 2 .   ? 4.344   -4.342  -1.387  1.00 16.86 ? 200 HEM A FE  1 
HETATM 1637 O  O   . HOH C 3 .   ? 5.198   -2.813  -3.278  1.00 15.54 ? 196 HOH A O   1 
HETATM 1638 O  O   . HOH C 3 .   ? -9.752  -10.059 4.610   1.00 17.33 ? 197 HOH A O   1 
HETATM 1639 O  O   . HOH C 3 .   ? -1.688  -11.813 14.197  1.00 15.38 ? 198 HOH A O   1 
HETATM 1640 O  O   . HOH C 3 .   ? 12.734  -15.462 -13.391 1.00 32.76 ? 199 HOH A O   1 
HETATM 1641 O  O   . HOH C 3 .   ? -14.495 14.942  -10.663 1.00 39.57 ? 201 HOH A O   1 
HETATM 1642 O  O   . HOH C 3 .   ? -13.994 4.395   11.725  1.00 32.10 ? 202 HOH A O   1 
HETATM 1643 O  O   . HOH C 3 .   ? 18.037  -10.796 -5.608  1.00 22.97 ? 203 HOH A O   1 
HETATM 1644 O  O   . HOH C 3 .   ? 13.857  -18.048 -13.942 1.00 19.60 ? 204 HOH A O   1 
HETATM 1645 O  O   . HOH C 3 .   ? -8.807  -12.471 -2.225  1.00 27.54 ? 205 HOH A O   1 
HETATM 1646 O  O   . HOH C 3 .   ? 2.335   -4.367  -15.340 1.00 32.63 ? 206 HOH A O   1 
HETATM 1647 O  O   A HOH C 3 .   ? -5.523  -8.305  18.565  0.50 5.48  ? 207 HOH A O   1 
HETATM 1648 O  O   B HOH C 3 .   ? -4.315  -7.897  20.502  0.50 2.00  ? 207 HOH A O   1 
HETATM 1649 O  O   . HOH C 3 .   ? -2.445  -6.525  23.052  1.00 21.48 ? 208 HOH A O   1 
HETATM 1650 O  O   . HOH C 3 .   ? 5.400   -18.843 0.727   1.00 39.74 ? 209 HOH A O   1 
HETATM 1651 O  O   . HOH C 3 .   ? -7.988  15.484  -13.388 1.00 30.00 ? 210 HOH A O   1 
HETATM 1652 O  O   . HOH C 3 .   ? 13.617  5.705   -6.320  1.00 24.80 ? 211 HOH A O   1 
HETATM 1653 O  O   . HOH C 3 .   ? -16.446 -2.378  17.392  1.00 37.37 ? 212 HOH A O   1 
HETATM 1654 O  O   . HOH C 3 .   ? -7.202  0.032   17.287  1.00 26.40 ? 213 HOH A O   1 
HETATM 1655 O  O   . HOH C 3 .   ? 19.055  -5.307  -7.856  1.00 33.06 ? 214 HOH A O   1 
HETATM 1656 O  O   . HOH C 3 .   ? -12.755 -6.622  -7.689  1.00 24.27 ? 215 HOH A O   1 
HETATM 1657 O  O   . HOH C 3 .   ? -11.593 12.183  -13.146 1.00 27.97 ? 216 HOH A O   1 
HETATM 1658 O  O   . HOH C 3 .   ? -5.974  12.257  17.097  1.00 22.13 ? 217 HOH A O   1 
HETATM 1659 O  O   . HOH C 3 .   ? 18.309  -10.271 -9.572  1.00 29.75 ? 218 HOH A O   1 
HETATM 1660 O  O   . HOH C 3 .   ? -7.147  -0.786  -0.211  1.00 25.90 ? 219 HOH A O   1 
HETATM 1661 O  O   . HOH C 3 .   ? 9.350   11.589  -6.668  1.00 53.12 ? 220 HOH A O   1 
HETATM 1662 O  O   . HOH C 3 .   ? -5.052  -14.760 -3.617  1.00 33.31 ? 221 HOH A O   1 
HETATM 1663 O  O   . HOH C 3 .   ? -5.046  24.845  -5.063  1.00 41.69 ? 222 HOH A O   1 
HETATM 1664 O  O   . HOH C 3 .   ? -0.358  -13.003 -3.326  1.00 28.69 ? 223 HOH A O   1 
HETATM 1665 O  O   . HOH C 3 .   ? -12.363 7.734   6.457   1.00 24.31 ? 224 HOH A O   1 
HETATM 1666 O  O   . HOH C 3 .   ? -16.973 -8.682  6.074   1.00 25.30 ? 225 HOH A O   1 
HETATM 1667 O  O   . HOH C 3 .   ? 7.658   -7.575  -15.886 1.00 38.06 ? 226 HOH A O   1 
HETATM 1668 O  O   . HOH C 3 .   ? 6.581   14.745  -12.172 1.00 44.71 ? 227 HOH A O   1 
HETATM 1669 O  O   . HOH C 3 .   ? -1.874  -13.134 -11.268 1.00 34.66 ? 228 HOH A O   1 
HETATM 1670 O  O   . HOH C 3 .   ? 11.748  -2.449  -10.872 1.00 41.45 ? 229 HOH A O   1 
HETATM 1671 O  O   . HOH C 3 .   ? 0.214   -8.516  -4.295  1.00 35.46 ? 230 HOH A O   1 
HETATM 1672 O  O   . HOH C 3 .   ? 1.013   -13.929 -5.746  1.00 34.73 ? 231 HOH A O   1 
HETATM 1673 O  O   . HOH C 3 .   ? 11.563  -16.268 6.222   1.00 21.22 ? 232 HOH A O   1 
# 
